data_7N1L
#
_entry.id   7N1L
#
_cell.length_a   67.020
_cell.length_b   114.900
_cell.length_c   122.000
_cell.angle_alpha   87.121
_cell.angle_beta   76.271
_cell.angle_gamma   73.142
#
_symmetry.space_group_name_H-M   'P 1'
#
loop_
_entity.id
_entity.type
_entity.pdbx_description
1 polymer 'GCN5-related N-acetyltransferase'
2 water water
#
_entity_poly.entity_id   1
_entity_poly.type   'polypeptide(L)'
_entity_poly.pdbx_seq_one_letter_code
;MAHHHHHHMGTLEAQTQGPGSMTKDHAVDIALLHLRDAHEFAPLLASYAQALKRGAPRRPDDFYAEHLLQDRAAEALGAR
VDGNLVGFVIFYDLPEPVTGLRAGQVDHIYVHHDHRGKGIAKALIDVLADKAEERSWSKLVLNAPRVPEDGRKLYEQIAA
AADWSSYVIRFGN
;
_entity_poly.pdbx_strand_id   A,B,C,D,E,F,G,H,I,J,K,L,M,N,O,P
#
# COMPACT_ATOMS: atom_id res chain seq x y z
N ALA A 27 25.46 -16.27 24.09
CA ALA A 27 26.31 -16.28 22.91
C ALA A 27 26.26 -14.94 22.15
N VAL A 28 25.06 -14.39 21.90
CA VAL A 28 24.96 -13.14 21.16
C VAL A 28 25.20 -11.95 22.08
N ASP A 29 26.28 -11.20 21.82
CA ASP A 29 26.64 -10.00 22.58
C ASP A 29 26.27 -8.77 21.76
N ILE A 30 25.40 -7.93 22.31
CA ILE A 30 24.92 -6.74 21.63
C ILE A 30 25.36 -5.50 22.40
N ALA A 31 26.00 -4.57 21.71
CA ALA A 31 26.52 -3.35 22.32
C ALA A 31 26.62 -2.27 21.27
N LEU A 32 26.55 -1.02 21.70
CA LEU A 32 26.68 0.13 20.80
C LEU A 32 28.05 0.16 20.15
N LEU A 33 28.10 0.48 18.87
CA LEU A 33 29.36 0.65 18.15
C LEU A 33 29.88 2.08 18.35
N HIS A 34 31.21 2.21 18.38
CA HIS A 34 31.84 3.51 18.47
C HIS A 34 32.90 3.63 17.37
N LEU A 35 33.58 4.78 17.33
CA LEU A 35 34.52 5.05 16.24
C LEU A 35 35.67 4.03 16.23
N ARG A 36 36.03 3.52 17.41
CA ARG A 36 37.01 2.45 17.53
C ARG A 36 36.69 1.28 16.60
N ASP A 37 35.40 1.01 16.37
CA ASP A 37 34.95 -0.18 15.69
C ASP A 37 34.81 -0.03 14.19
N ALA A 38 35.25 1.11 13.64
CA ALA A 38 34.97 1.38 12.22
C ALA A 38 35.53 0.30 11.32
N HIS A 39 36.76 -0.15 11.60
CA HIS A 39 37.41 -1.15 10.76
C HIS A 39 36.67 -2.48 10.81
N GLU A 40 36.20 -2.89 12.00
CA GLU A 40 35.43 -4.11 12.12
C GLU A 40 34.06 -3.96 11.48
N PHE A 41 33.48 -2.77 11.59
CA PHE A 41 32.17 -2.49 11.02
C PHE A 41 32.24 -2.41 9.50
N ALA A 42 33.38 -1.98 8.96
CA ALA A 42 33.50 -1.66 7.53
C ALA A 42 33.06 -2.79 6.61
N PRO A 43 33.53 -4.05 6.73
CA PRO A 43 33.08 -5.08 5.78
C PRO A 43 31.62 -5.46 5.95
N LEU A 44 31.11 -5.43 7.18
CA LEU A 44 29.71 -5.73 7.40
C LEU A 44 28.83 -4.72 6.70
N LEU A 45 29.19 -3.44 6.83
CA LEU A 45 28.48 -2.39 6.11
C LEU A 45 28.66 -2.55 4.61
N ALA A 46 29.86 -2.96 4.18
CA ALA A 46 30.07 -3.12 2.73
C ALA A 46 29.18 -4.23 2.16
N SER A 47 28.99 -5.33 2.90
CA SER A 47 28.11 -6.37 2.40
C SER A 47 26.67 -5.87 2.28
N TYR A 48 26.20 -5.12 3.29
CA TYR A 48 24.83 -4.60 3.24
C TYR A 48 24.63 -3.67 2.05
N ALA A 49 25.59 -2.77 1.83
CA ALA A 49 25.50 -1.84 0.72
C ALA A 49 25.50 -2.55 -0.63
N GLN A 50 26.13 -3.73 -0.72
CA GLN A 50 26.15 -4.45 -1.99
C GLN A 50 24.75 -4.85 -2.44
N ALA A 51 23.81 -5.00 -1.50
CA ALA A 51 22.41 -5.20 -1.88
C ALA A 51 21.80 -3.93 -2.46
N LEU A 52 22.01 -2.79 -1.78
CA LEU A 52 21.42 -1.52 -2.19
C LEU A 52 22.17 -0.85 -3.35
N LYS A 53 23.23 -1.47 -3.86
CA LYS A 53 23.99 -0.99 -5.02
C LYS A 53 24.52 0.43 -4.83
N ARG A 54 25.21 0.95 -5.84
CA ARG A 54 25.80 2.28 -5.78
C ARG A 54 26.29 2.72 -7.15
N PRO A 57 31.67 2.61 -5.93
CA PRO A 57 32.24 3.12 -4.67
C PRO A 57 33.65 3.68 -4.84
N ARG A 58 33.75 5.02 -4.84
CA ARG A 58 35.02 5.71 -4.98
C ARG A 58 35.78 5.86 -3.67
N ARG A 59 35.18 5.39 -2.56
CA ARG A 59 35.76 5.35 -1.23
C ARG A 59 36.03 3.90 -0.83
N PRO A 60 37.08 3.64 -0.06
CA PRO A 60 37.26 2.29 0.50
C PRO A 60 36.16 1.98 1.51
N ASP A 61 36.16 0.73 2.00
CA ASP A 61 35.13 0.33 2.95
C ASP A 61 35.24 1.12 4.23
N ASP A 62 36.47 1.41 4.67
CA ASP A 62 36.62 2.05 5.96
C ASP A 62 36.04 3.45 5.96
N PHE A 63 35.96 4.10 4.79
CA PHE A 63 35.51 5.48 4.78
C PHE A 63 34.06 5.57 5.17
N TYR A 64 33.24 4.63 4.68
CA TYR A 64 31.81 4.65 4.99
C TYR A 64 31.57 4.34 6.45
N ALA A 65 32.39 3.43 7.02
CA ALA A 65 32.22 3.10 8.42
C ALA A 65 32.63 4.26 9.31
N GLU A 66 33.79 4.88 9.00
CA GLU A 66 34.25 6.03 9.78
C GLU A 66 33.31 7.23 9.62
N HIS A 67 32.81 7.46 8.41
CA HIS A 67 31.92 8.60 8.17
C HIS A 67 30.67 8.53 9.04
N LEU A 68 30.03 7.36 9.07
CA LEU A 68 28.81 7.19 9.85
C LEU A 68 29.11 7.25 11.35
N LEU A 69 30.19 6.62 11.76
CA LEU A 69 30.49 6.59 13.18
C LEU A 69 30.98 7.93 13.72
N GLN A 70 31.24 8.92 12.85
CA GLN A 70 31.56 10.28 13.31
C GLN A 70 30.39 11.25 13.19
N ASP A 71 29.21 10.77 12.80
CA ASP A 71 28.00 11.59 12.80
C ASP A 71 27.26 11.38 14.13
N ARG A 72 27.21 12.41 14.96
CA ARG A 72 26.62 12.30 16.30
C ARG A 72 25.10 12.17 16.27
N ALA A 73 24.48 12.36 15.08
CA ALA A 73 23.05 12.14 14.96
C ALA A 73 22.70 10.67 14.78
N ALA A 74 23.62 9.88 14.24
CA ALA A 74 23.45 8.45 14.02
C ALA A 74 24.04 7.64 15.15
N GLU A 75 23.46 6.49 15.40
CA GLU A 75 24.05 5.50 16.30
C GLU A 75 23.87 4.13 15.66
N ALA A 76 24.71 3.20 16.07
CA ALA A 76 24.65 1.87 15.51
C ALA A 76 24.86 0.88 16.64
N LEU A 77 23.97 -0.09 16.72
CA LEU A 77 24.10 -1.21 17.64
C LEU A 77 24.73 -2.39 16.90
N GLY A 78 25.68 -3.06 17.54
CA GLY A 78 26.35 -4.19 16.94
C GLY A 78 26.10 -5.49 17.67
N ALA A 79 26.10 -6.60 16.92
CA ALA A 79 25.93 -7.93 17.47
C ALA A 79 27.19 -8.74 17.23
N ARG A 80 27.74 -9.31 18.27
CA ARG A 80 28.95 -10.14 18.17
C ARG A 80 28.63 -11.58 18.54
N VAL A 81 29.20 -12.51 17.78
CA VAL A 81 29.14 -13.95 18.10
C VAL A 81 30.56 -14.51 18.13
N ASP A 82 30.95 -15.10 19.27
CA ASP A 82 32.31 -15.67 19.47
C ASP A 82 33.39 -14.66 19.12
N GLY A 83 33.20 -13.42 19.55
CA GLY A 83 34.14 -12.34 19.30
C GLY A 83 34.01 -11.65 17.96
N ASN A 84 33.31 -12.22 16.99
CA ASN A 84 33.19 -11.65 15.66
C ASN A 84 31.91 -10.84 15.49
N LEU A 85 32.02 -9.65 14.90
CA LEU A 85 30.88 -8.79 14.62
C LEU A 85 30.10 -9.35 13.43
N VAL A 86 28.84 -9.74 13.66
CA VAL A 86 28.05 -10.47 12.65
C VAL A 86 26.68 -9.85 12.37
N GLY A 87 26.39 -8.67 12.93
CA GLY A 87 25.15 -7.95 12.65
C GLY A 87 25.23 -6.49 13.08
N PHE A 88 24.31 -5.66 12.56
CA PHE A 88 24.22 -4.27 13.03
C PHE A 88 22.83 -3.72 12.78
N VAL A 89 22.49 -2.65 13.51
CA VAL A 89 21.33 -1.84 13.20
C VAL A 89 21.73 -0.38 13.41
N ILE A 90 21.41 0.46 12.42
CA ILE A 90 21.67 1.90 12.44
C ILE A 90 20.38 2.62 12.79
N PHE A 91 20.43 3.51 13.78
CA PHE A 91 19.22 4.19 14.24
C PHE A 91 19.50 5.64 14.56
N TYR A 92 18.42 6.44 14.53
CA TYR A 92 18.49 7.86 14.84
C TYR A 92 17.60 8.14 16.05
N ASP A 93 18.12 8.92 16.98
CA ASP A 93 17.34 9.39 18.12
C ASP A 93 16.87 10.80 17.73
N LEU A 94 15.63 10.91 17.31
CA LEU A 94 15.12 12.12 16.66
C LEU A 94 14.05 12.81 17.51
N PRO A 95 13.92 14.13 17.40
CA PRO A 95 12.81 14.79 18.08
C PRO A 95 11.50 14.36 17.44
N GLU A 96 10.45 14.30 18.26
CA GLU A 96 9.10 13.96 17.83
C GLU A 96 8.21 15.17 18.10
N PRO A 97 7.99 16.03 17.11
CA PRO A 97 7.33 17.31 17.39
C PRO A 97 5.89 17.20 17.86
N VAL A 98 5.16 16.16 17.49
CA VAL A 98 3.76 16.09 17.84
C VAL A 98 3.58 15.91 19.34
N THR A 99 4.26 14.93 19.93
CA THR A 99 4.16 14.68 21.36
C THR A 99 5.16 15.50 22.18
N GLY A 100 6.15 16.09 21.54
CA GLY A 100 7.14 16.80 22.31
C GLY A 100 8.16 15.93 22.98
N LEU A 101 8.16 14.63 22.71
CA LEU A 101 9.15 13.68 23.18
C LEU A 101 10.07 13.35 22.02
N ARG A 102 10.74 12.22 22.07
CA ARG A 102 11.61 11.80 20.97
C ARG A 102 11.08 10.50 20.39
N ALA A 103 11.69 10.07 19.29
CA ALA A 103 11.38 8.79 18.68
C ALA A 103 12.66 8.23 18.05
N GLY A 104 12.74 6.90 17.99
CA GLY A 104 13.84 6.24 17.29
C GLY A 104 13.47 5.89 15.85
N GLN A 105 14.44 5.91 14.95
CA GLN A 105 14.16 5.62 13.55
C GLN A 105 15.26 4.70 13.02
N VAL A 106 14.86 3.55 12.49
CA VAL A 106 15.75 2.55 11.91
C VAL A 106 15.52 2.51 10.41
N ASP A 107 16.57 2.73 9.64
CA ASP A 107 16.51 2.60 8.19
C ASP A 107 17.32 1.42 7.69
N HIS A 108 18.18 0.84 8.53
CA HIS A 108 19.14 -0.15 8.05
C HIS A 108 19.39 -1.20 9.11
N ILE A 109 19.20 -2.45 8.74
CA ILE A 109 19.52 -3.59 9.59
C ILE A 109 20.16 -4.63 8.69
N TYR A 110 21.12 -5.38 9.26
CA TYR A 110 21.83 -6.36 8.47
C TYR A 110 22.46 -7.41 9.39
N VAL A 111 22.32 -8.67 8.99
CA VAL A 111 22.96 -9.81 9.67
C VAL A 111 23.80 -10.55 8.64
N HIS A 112 25.05 -10.83 8.99
CA HIS A 112 25.94 -11.60 8.14
C HIS A 112 25.25 -12.88 7.70
N HIS A 113 25.44 -13.25 6.43
CA HIS A 113 24.69 -14.36 5.85
C HIS A 113 25.01 -15.71 6.47
N ASP A 114 26.15 -15.87 7.15
CA ASP A 114 26.44 -17.13 7.84
C ASP A 114 25.81 -17.20 9.21
N HIS A 115 25.06 -16.19 9.61
CA HIS A 115 24.49 -16.14 10.95
C HIS A 115 22.99 -15.89 10.90
N ARG A 116 22.36 -16.24 9.78
CA ARG A 116 20.93 -16.21 9.62
C ARG A 116 20.28 -17.36 10.39
N GLY A 117 18.97 -17.25 10.58
CA GLY A 117 18.24 -18.32 11.23
C GLY A 117 18.58 -18.45 12.70
N LYS A 118 19.17 -17.40 13.30
CA LYS A 118 19.50 -17.41 14.71
C LYS A 118 18.77 -16.35 15.52
N GLY A 119 17.84 -15.61 14.91
CA GLY A 119 17.11 -14.59 15.65
C GLY A 119 17.93 -13.35 16.00
N ILE A 120 19.06 -13.11 15.33
CA ILE A 120 19.92 -12.00 15.70
C ILE A 120 19.28 -10.64 15.37
N ALA A 121 18.66 -10.50 14.20
CA ALA A 121 18.07 -9.21 13.84
C ALA A 121 16.99 -8.81 14.83
N LYS A 122 16.12 -9.74 15.20
CA LYS A 122 15.12 -9.46 16.23
C LYS A 122 15.78 -9.12 17.57
N ALA A 123 16.91 -9.77 17.90
CA ALA A 123 17.59 -9.42 19.14
C ALA A 123 18.08 -7.96 19.11
N LEU A 124 18.55 -7.50 17.93
CA LEU A 124 18.99 -6.12 17.79
C LEU A 124 17.84 -5.12 17.97
N ILE A 125 16.67 -5.42 17.37
CA ILE A 125 15.53 -4.52 17.54
C ILE A 125 15.04 -4.54 18.99
N ASP A 126 15.08 -5.71 19.64
CA ASP A 126 14.65 -5.81 21.03
C ASP A 126 15.50 -4.94 21.94
N VAL A 127 16.82 -4.97 21.77
CA VAL A 127 17.71 -4.12 22.57
C VAL A 127 17.41 -2.65 22.31
N LEU A 128 17.19 -2.30 21.04
CA LEU A 128 16.86 -0.93 20.70
C LEU A 128 15.55 -0.50 21.35
N ALA A 129 14.53 -1.37 21.29
CA ALA A 129 13.24 -1.05 21.88
C ALA A 129 13.35 -0.80 23.38
N ASP A 130 14.22 -1.56 24.07
CA ASP A 130 14.45 -1.45 25.51
C ASP A 130 15.12 -0.13 25.92
N LYS A 131 15.65 0.63 24.97
CA LYS A 131 16.17 1.96 25.26
C LYS A 131 15.07 3.00 25.32
N ALA A 132 13.82 2.63 25.02
CA ALA A 132 12.72 3.59 24.89
C ALA A 132 12.59 4.49 26.11
N GLU A 133 12.61 3.90 27.31
CA GLU A 133 12.48 4.69 28.52
C GLU A 133 13.68 5.61 28.72
N GLU A 134 14.88 5.07 28.51
CA GLU A 134 16.10 5.86 28.67
C GLU A 134 16.07 7.08 27.75
N ARG A 135 15.53 6.93 26.54
CA ARG A 135 15.57 7.99 25.55
C ARG A 135 14.31 8.84 25.47
N SER A 136 13.27 8.55 26.28
CA SER A 136 11.94 9.18 26.17
C SER A 136 11.35 9.01 24.76
N TRP A 137 11.44 7.80 24.24
CA TRP A 137 10.81 7.50 22.97
C TRP A 137 9.34 7.20 23.17
N SER A 138 8.49 7.86 22.39
CA SER A 138 7.10 7.47 22.25
C SER A 138 6.92 6.37 21.23
N LYS A 139 7.88 6.17 20.34
CA LYS A 139 7.78 5.14 19.32
C LYS A 139 9.15 4.82 18.73
N LEU A 140 9.20 3.70 18.02
CA LEU A 140 10.33 3.31 17.20
C LEU A 140 9.78 3.10 15.79
N VAL A 141 10.24 3.91 14.84
CA VAL A 141 9.85 3.80 13.45
C VAL A 141 10.85 2.89 12.74
N LEU A 142 10.34 1.90 12.01
CA LEU A 142 11.19 0.96 11.29
C LEU A 142 10.89 1.08 9.81
N ASN A 143 11.89 1.47 9.03
CA ASN A 143 11.76 1.61 7.58
C ASN A 143 12.52 0.48 6.89
N ALA A 144 11.84 -0.27 6.04
CA ALA A 144 12.44 -1.42 5.38
C ALA A 144 12.65 -1.11 3.90
N PRO A 145 13.88 -1.17 3.39
CA PRO A 145 14.07 -0.99 1.96
C PRO A 145 13.39 -2.11 1.19
N ARG A 146 13.14 -1.86 -0.10
CA ARG A 146 12.56 -2.90 -0.93
C ARG A 146 13.52 -4.07 -1.07
N VAL A 147 14.79 -3.75 -1.28
CA VAL A 147 15.87 -4.73 -1.33
C VAL A 147 16.92 -4.24 -0.35
N PRO A 148 17.53 -5.10 0.48
CA PRO A 148 17.19 -6.50 0.68
C PRO A 148 15.91 -6.69 1.53
N GLU A 149 15.19 -7.78 1.32
CA GLU A 149 13.90 -7.98 1.95
C GLU A 149 13.96 -8.30 3.44
N ASP A 150 15.17 -8.51 4.00
CA ASP A 150 15.28 -9.05 5.36
C ASP A 150 14.68 -8.11 6.41
N GLY A 151 14.91 -6.79 6.27
CA GLY A 151 14.26 -5.87 7.19
C GLY A 151 12.75 -5.99 7.12
N ARG A 152 12.19 -6.00 5.92
CA ARG A 152 10.74 -6.14 5.76
C ARG A 152 10.22 -7.44 6.37
N LYS A 153 10.90 -8.55 6.08
CA LYS A 153 10.41 -9.83 6.59
C LYS A 153 10.39 -9.86 8.11
N LEU A 154 11.35 -9.19 8.74
CA LEU A 154 11.35 -9.12 10.20
C LEU A 154 10.27 -8.17 10.70
N TYR A 155 10.21 -6.94 10.15
CA TYR A 155 9.34 -5.92 10.72
C TYR A 155 7.87 -6.31 10.64
N GLU A 156 7.47 -6.93 9.54
CA GLU A 156 6.04 -7.19 9.43
C GLU A 156 5.59 -8.22 10.45
N GLN A 157 6.50 -8.99 11.04
CA GLN A 157 6.13 -9.92 12.09
C GLN A 157 6.18 -9.31 13.48
N ILE A 158 6.95 -8.25 13.68
CA ILE A 158 7.18 -7.75 15.03
C ILE A 158 6.66 -6.33 15.24
N ALA A 159 6.10 -5.68 14.23
CA ALA A 159 5.65 -4.31 14.40
C ALA A 159 4.37 -4.06 13.60
N ALA A 160 3.73 -2.94 13.92
CA ALA A 160 2.52 -2.54 13.23
C ALA A 160 2.84 -1.84 11.93
N ALA A 161 2.00 -2.06 10.92
CA ALA A 161 2.12 -1.33 9.66
C ALA A 161 1.99 0.16 9.92
N ALA A 162 2.83 0.94 9.26
CA ALA A 162 2.76 2.39 9.38
C ALA A 162 1.48 2.90 8.74
N ASP A 163 0.94 4.00 9.26
CA ASP A 163 -0.28 4.54 8.68
C ASP A 163 -0.06 5.84 7.93
N TRP A 164 1.17 6.34 7.88
CA TRP A 164 1.46 7.46 7.01
C TRP A 164 1.88 6.96 5.64
N SER A 165 2.05 7.90 4.72
CA SER A 165 2.52 7.57 3.39
C SER A 165 3.76 8.38 3.08
N SER A 166 4.57 7.88 2.13
CA SER A 166 5.91 8.40 1.90
C SER A 166 6.15 8.58 0.40
N TYR A 167 7.06 9.51 0.11
CA TYR A 167 7.35 9.98 -1.24
C TYR A 167 8.82 10.36 -1.27
N VAL A 168 9.35 10.55 -2.47
CA VAL A 168 10.77 10.84 -2.65
C VAL A 168 10.96 11.69 -3.89
N ILE A 169 11.88 12.65 -3.76
CA ILE A 169 12.42 13.42 -4.88
C ILE A 169 13.89 13.04 -5.00
N ARG A 170 14.31 12.66 -6.20
CA ARG A 170 15.70 12.27 -6.42
C ARG A 170 16.48 13.40 -7.09
N PHE A 171 17.75 13.53 -6.71
CA PHE A 171 18.60 14.58 -7.28
C PHE A 171 19.77 13.99 -8.07
N HIS B 26 5.79 -37.40 -14.94
CA HIS B 26 6.04 -36.57 -16.12
C HIS B 26 5.37 -35.20 -16.04
N ALA B 27 4.86 -34.74 -17.19
CA ALA B 27 4.61 -33.33 -17.41
C ALA B 27 3.33 -32.85 -16.71
N VAL B 28 3.09 -31.55 -16.80
CA VAL B 28 1.94 -30.92 -16.17
C VAL B 28 0.88 -30.71 -17.23
N ASP B 29 -0.25 -31.36 -17.07
CA ASP B 29 -1.34 -31.25 -18.03
C ASP B 29 -2.42 -30.34 -17.46
N ILE B 30 -2.74 -29.30 -18.22
CA ILE B 30 -3.64 -28.25 -17.77
C ILE B 30 -4.88 -28.28 -18.66
N ALA B 31 -6.05 -28.32 -18.04
CA ALA B 31 -7.30 -28.37 -18.79
C ALA B 31 -8.41 -27.80 -17.93
N LEU B 32 -9.45 -27.32 -18.59
CA LEU B 32 -10.60 -26.80 -17.87
C LEU B 32 -11.27 -27.91 -17.08
N LEU B 33 -11.68 -27.60 -15.86
CA LEU B 33 -12.48 -28.50 -15.04
C LEU B 33 -13.95 -28.34 -15.36
N HIS B 34 -14.70 -29.46 -15.34
CA HIS B 34 -16.13 -29.40 -15.55
C HIS B 34 -16.81 -30.11 -14.38
N LEU B 35 -18.14 -30.19 -14.42
CA LEU B 35 -18.90 -30.73 -13.28
C LEU B 35 -18.54 -32.19 -13.01
N ARG B 36 -18.18 -32.94 -14.04
CA ARG B 36 -17.70 -34.29 -13.89
C ARG B 36 -16.58 -34.39 -12.84
N ASP B 37 -15.77 -33.34 -12.72
CA ASP B 37 -14.56 -33.33 -11.90
C ASP B 37 -14.79 -32.88 -10.47
N ALA B 38 -16.05 -32.69 -10.05
CA ALA B 38 -16.32 -32.09 -8.74
C ALA B 38 -15.72 -32.90 -7.61
N HIS B 39 -15.90 -34.22 -7.64
CA HIS B 39 -15.39 -35.06 -6.56
C HIS B 39 -13.87 -35.00 -6.47
N GLU B 40 -13.21 -35.03 -7.63
CA GLU B 40 -11.77 -34.98 -7.67
C GLU B 40 -11.26 -33.59 -7.28
N PHE B 41 -12.01 -32.55 -7.62
CA PHE B 41 -11.68 -31.18 -7.25
C PHE B 41 -11.91 -30.94 -5.76
N ALA B 42 -12.84 -31.67 -5.16
CA ALA B 42 -13.26 -31.39 -3.78
C ALA B 42 -12.11 -31.34 -2.77
N PRO B 43 -11.24 -32.34 -2.62
CA PRO B 43 -10.20 -32.24 -1.58
C PRO B 43 -9.18 -31.14 -1.84
N LEU B 44 -8.87 -30.86 -3.11
CA LEU B 44 -7.94 -29.79 -3.43
C LEU B 44 -8.53 -28.44 -3.05
N LEU B 45 -9.81 -28.23 -3.38
CA LEU B 45 -10.50 -27.01 -2.95
C LEU B 45 -10.58 -26.93 -1.44
N ALA B 46 -10.80 -28.07 -0.77
CA ALA B 46 -10.84 -28.05 0.69
C ALA B 46 -9.49 -27.71 1.31
N SER B 47 -8.38 -28.22 0.72
CA SER B 47 -7.05 -27.89 1.25
C SER B 47 -6.77 -26.40 1.12
N TYR B 48 -7.14 -25.82 -0.02
CA TYR B 48 -7.01 -24.38 -0.20
C TYR B 48 -7.87 -23.62 0.79
N ALA B 49 -9.12 -24.07 0.96
CA ALA B 49 -10.05 -23.40 1.86
C ALA B 49 -9.57 -23.40 3.30
N GLN B 50 -8.84 -24.44 3.72
CA GLN B 50 -8.30 -24.47 5.07
C GLN B 50 -7.42 -23.27 5.35
N ALA B 51 -6.74 -22.75 4.31
CA ALA B 51 -5.84 -21.62 4.50
C ALA B 51 -6.62 -20.33 4.78
N LEU B 52 -7.73 -20.11 4.08
CA LEU B 52 -8.54 -18.93 4.36
C LEU B 52 -9.55 -19.26 5.45
N LYS B 53 -10.84 -19.07 5.17
CA LYS B 53 -11.92 -19.53 6.03
C LYS B 53 -11.74 -19.13 7.50
N PRO B 57 -15.69 -25.85 8.86
CA PRO B 57 -16.55 -25.20 7.86
C PRO B 57 -18.03 -25.44 8.15
N ARG B 58 -18.77 -25.89 7.13
CA ARG B 58 -20.17 -26.28 7.27
C ARG B 58 -20.47 -27.49 6.40
N ARG B 59 -20.74 -27.25 5.12
CA ARG B 59 -21.14 -28.29 4.19
C ARG B 59 -19.99 -29.29 3.95
N PRO B 60 -20.29 -30.46 3.38
CA PRO B 60 -19.21 -31.40 3.03
C PRO B 60 -18.38 -30.91 1.85
N ASP B 61 -17.21 -31.54 1.66
CA ASP B 61 -16.27 -31.04 0.65
C ASP B 61 -16.88 -31.03 -0.74
N ASP B 62 -17.62 -32.08 -1.09
CA ASP B 62 -18.19 -32.16 -2.43
C ASP B 62 -19.19 -31.05 -2.69
N PHE B 63 -19.82 -30.50 -1.67
CA PHE B 63 -20.83 -29.48 -1.94
C PHE B 63 -20.18 -28.24 -2.52
N TYR B 64 -19.02 -27.85 -1.98
CA TYR B 64 -18.37 -26.63 -2.43
C TYR B 64 -17.85 -26.78 -3.85
N ALA B 65 -17.36 -27.96 -4.19
CA ALA B 65 -16.87 -28.17 -5.55
C ALA B 65 -18.04 -28.19 -6.55
N GLU B 66 -19.13 -28.87 -6.20
CA GLU B 66 -20.28 -28.92 -7.09
C GLU B 66 -20.90 -27.54 -7.25
N HIS B 67 -20.99 -26.77 -6.17
CA HIS B 67 -21.61 -25.45 -6.25
C HIS B 67 -20.86 -24.56 -7.24
N LEU B 68 -19.53 -24.53 -7.13
CA LEU B 68 -18.74 -23.66 -7.99
C LEU B 68 -18.78 -24.11 -9.45
N LEU B 69 -18.71 -25.42 -9.70
CA LEU B 69 -18.70 -25.91 -11.06
C LEU B 69 -20.09 -25.82 -11.70
N GLN B 70 -21.13 -25.50 -10.95
CA GLN B 70 -22.44 -25.29 -11.54
C GLN B 70 -22.79 -23.81 -11.68
N ASP B 71 -21.87 -22.90 -11.34
CA ASP B 71 -22.04 -21.46 -11.58
C ASP B 71 -21.36 -21.11 -12.91
N ARG B 72 -22.16 -20.73 -13.90
CA ARG B 72 -21.61 -20.49 -15.23
C ARG B 72 -20.79 -19.20 -15.29
N ALA B 73 -20.81 -18.37 -14.25
CA ALA B 73 -19.97 -17.18 -14.26
C ALA B 73 -18.52 -17.52 -13.94
N ALA B 74 -18.30 -18.62 -13.21
CA ALA B 74 -16.98 -19.06 -12.78
C ALA B 74 -16.42 -20.14 -13.70
N GLU B 75 -15.10 -20.19 -13.81
CA GLU B 75 -14.43 -21.27 -14.49
C GLU B 75 -13.22 -21.68 -13.69
N ALA B 76 -12.72 -22.89 -13.95
CA ALA B 76 -11.56 -23.37 -13.23
C ALA B 76 -10.65 -24.11 -14.19
N LEU B 77 -9.38 -23.78 -14.14
CA LEU B 77 -8.34 -24.53 -14.85
C LEU B 77 -7.71 -25.49 -13.84
N GLY B 78 -7.48 -26.73 -14.28
CA GLY B 78 -6.91 -27.74 -13.42
C GLY B 78 -5.56 -28.19 -13.97
N ALA B 79 -4.67 -28.57 -13.05
CA ALA B 79 -3.36 -29.08 -13.41
C ALA B 79 -3.26 -30.53 -12.97
N ARG B 80 -2.91 -31.40 -13.90
CA ARG B 80 -2.77 -32.82 -13.59
C ARG B 80 -1.32 -33.24 -13.79
N VAL B 81 -0.84 -34.04 -12.84
CA VAL B 81 0.46 -34.69 -12.93
C VAL B 81 0.27 -36.19 -12.72
N ASP B 82 0.67 -36.99 -13.70
CA ASP B 82 0.52 -38.45 -13.64
C ASP B 82 -0.93 -38.83 -13.31
N GLY B 83 -1.88 -38.14 -13.94
CA GLY B 83 -3.29 -38.40 -13.77
C GLY B 83 -3.95 -37.78 -12.56
N ASN B 84 -3.20 -37.31 -11.57
CA ASN B 84 -3.75 -36.74 -10.36
C ASN B 84 -3.86 -35.23 -10.46
N LEU B 85 -5.00 -34.70 -10.01
CA LEU B 85 -5.23 -33.26 -10.00
C LEU B 85 -4.39 -32.64 -8.89
N VAL B 86 -3.43 -31.78 -9.24
CA VAL B 86 -2.51 -31.27 -8.24
C VAL B 86 -2.49 -29.76 -8.14
N GLY B 87 -3.32 -29.05 -8.91
CA GLY B 87 -3.41 -27.59 -8.84
C GLY B 87 -4.66 -27.06 -9.51
N PHE B 88 -5.00 -25.81 -9.19
CA PHE B 88 -6.12 -25.17 -9.86
C PHE B 88 -6.00 -23.67 -9.79
N VAL B 89 -6.70 -23.01 -10.70
CA VAL B 89 -6.94 -21.59 -10.64
C VAL B 89 -8.41 -21.38 -11.01
N ILE B 90 -9.11 -20.58 -10.21
CA ILE B 90 -10.51 -20.21 -10.43
C ILE B 90 -10.53 -18.80 -11.02
N PHE B 91 -11.23 -18.62 -12.12
CA PHE B 91 -11.24 -17.32 -12.77
C PHE B 91 -12.63 -16.99 -13.27
N TYR B 92 -12.87 -15.69 -13.48
CA TYR B 92 -14.15 -15.20 -14.00
C TYR B 92 -13.92 -14.43 -15.29
N ASP B 93 -14.73 -14.68 -16.29
CA ASP B 93 -14.66 -13.96 -17.57
C ASP B 93 -15.74 -12.87 -17.48
N LEU B 94 -15.30 -11.64 -17.17
CA LEU B 94 -16.15 -10.54 -16.76
C LEU B 94 -16.17 -9.43 -17.81
N PRO B 95 -17.28 -8.71 -17.90
CA PRO B 95 -17.30 -7.55 -18.78
C PRO B 95 -16.40 -6.48 -18.20
N GLU B 96 -15.79 -5.69 -19.10
CA GLU B 96 -14.91 -4.58 -18.68
C GLU B 96 -15.45 -3.27 -19.22
N PRO B 97 -16.22 -2.53 -18.44
CA PRO B 97 -16.96 -1.36 -18.99
C PRO B 97 -16.08 -0.20 -19.49
N VAL B 98 -14.85 -0.02 -19.01
CA VAL B 98 -14.07 1.13 -19.46
C VAL B 98 -13.67 0.95 -20.93
N THR B 99 -13.15 -0.23 -21.29
CA THR B 99 -12.75 -0.46 -22.66
C THR B 99 -13.88 -0.98 -23.54
N GLY B 100 -14.98 -1.44 -22.96
CA GLY B 100 -16.01 -2.10 -23.75
C GLY B 100 -15.66 -3.53 -24.13
N LEU B 101 -14.55 -4.05 -23.65
CA LEU B 101 -14.12 -5.42 -23.85
C LEU B 101 -14.42 -6.21 -22.59
N ARG B 102 -13.73 -7.32 -22.39
CA ARG B 102 -13.85 -8.15 -21.20
C ARG B 102 -12.51 -8.22 -20.49
N ALA B 103 -12.51 -8.80 -19.30
CA ALA B 103 -11.29 -9.03 -18.55
C ALA B 103 -11.44 -10.30 -17.72
N GLY B 104 -10.32 -10.97 -17.49
CA GLY B 104 -10.33 -12.12 -16.63
C GLY B 104 -9.95 -11.69 -15.23
N GLN B 105 -10.50 -12.36 -14.25
CA GLN B 105 -10.25 -12.04 -12.85
C GLN B 105 -9.96 -13.32 -12.10
N VAL B 106 -8.82 -13.37 -11.45
CA VAL B 106 -8.39 -14.50 -10.65
C VAL B 106 -8.34 -14.05 -9.20
N ASP B 107 -9.08 -14.73 -8.34
CA ASP B 107 -9.01 -14.51 -6.91
C ASP B 107 -8.38 -15.68 -6.16
N HIS B 108 -8.23 -16.83 -6.80
CA HIS B 108 -7.85 -18.06 -6.09
C HIS B 108 -6.94 -18.91 -6.95
N ILE B 109 -5.78 -19.25 -6.41
CA ILE B 109 -4.85 -20.17 -7.05
C ILE B 109 -4.29 -21.06 -5.95
N TYR B 110 -4.05 -22.33 -6.25
CA TYR B 110 -3.61 -23.29 -5.24
C TYR B 110 -2.88 -24.45 -5.90
N VAL B 111 -1.79 -24.87 -5.28
CA VAL B 111 -1.04 -26.04 -5.71
C VAL B 111 -0.90 -27.00 -4.54
N HIS B 112 -1.15 -28.28 -4.80
CA HIS B 112 -0.96 -29.32 -3.81
C HIS B 112 0.41 -29.21 -3.17
N HIS B 113 0.48 -29.44 -1.86
CA HIS B 113 1.73 -29.20 -1.14
C HIS B 113 2.85 -30.15 -1.54
N ASP B 114 2.54 -31.33 -2.07
CA ASP B 114 3.58 -32.22 -2.56
C ASP B 114 4.03 -31.87 -3.96
N HIS B 115 3.51 -30.80 -4.52
CA HIS B 115 3.87 -30.44 -5.89
C HIS B 115 4.32 -28.99 -5.97
N ARG B 116 4.79 -28.43 -4.87
CA ARG B 116 5.39 -27.09 -4.88
C ARG B 116 6.77 -27.16 -5.53
N GLY B 117 7.30 -25.99 -5.87
CA GLY B 117 8.63 -25.93 -6.44
C GLY B 117 8.75 -26.48 -7.84
N LYS B 118 7.61 -26.64 -8.55
CA LYS B 118 7.62 -27.18 -9.91
C LYS B 118 7.11 -26.20 -10.96
N GLY B 119 6.84 -24.95 -10.59
CA GLY B 119 6.33 -24.00 -11.57
C GLY B 119 4.90 -24.22 -12.03
N ILE B 120 4.11 -25.00 -11.29
CA ILE B 120 2.76 -25.30 -11.72
C ILE B 120 1.85 -24.07 -11.63
N ALA B 121 1.96 -23.30 -10.56
CA ALA B 121 1.09 -22.15 -10.43
C ALA B 121 1.31 -21.16 -11.58
N LYS B 122 2.57 -20.86 -11.90
CA LYS B 122 2.86 -20.02 -13.06
C LYS B 122 2.37 -20.67 -14.35
N ALA B 123 2.53 -22.00 -14.47
CA ALA B 123 2.04 -22.68 -15.66
C ALA B 123 0.54 -22.48 -15.81
N LEU B 124 -0.20 -22.46 -14.70
CA LEU B 124 -1.63 -22.18 -14.72
C LEU B 124 -1.94 -20.75 -15.20
N ILE B 125 -1.21 -19.75 -14.70
CA ILE B 125 -1.48 -18.38 -15.12
C ILE B 125 -1.16 -18.19 -16.60
N ASP B 126 -0.10 -18.87 -17.09
CA ASP B 126 0.31 -18.77 -18.48
C ASP B 126 -0.76 -19.30 -19.42
N VAL B 127 -1.37 -20.44 -19.09
CA VAL B 127 -2.46 -20.94 -19.92
C VAL B 127 -3.62 -19.96 -19.89
N LEU B 128 -3.96 -19.45 -18.71
CA LEU B 128 -5.02 -18.46 -18.59
C LEU B 128 -4.74 -17.22 -19.43
N ALA B 129 -3.53 -16.68 -19.31
CA ALA B 129 -3.14 -15.49 -20.06
C ALA B 129 -3.22 -15.71 -21.57
N ASP B 130 -2.95 -16.94 -22.03
CA ASP B 130 -3.08 -17.30 -23.43
C ASP B 130 -4.52 -17.36 -23.92
N LYS B 131 -5.49 -17.30 -23.02
CA LYS B 131 -6.88 -17.22 -23.46
C LYS B 131 -7.31 -15.80 -23.78
N ALA B 132 -6.44 -14.81 -23.54
CA ALA B 132 -6.82 -13.40 -23.68
C ALA B 132 -7.41 -13.10 -25.04
N GLU B 133 -6.76 -13.57 -26.10
CA GLU B 133 -7.24 -13.29 -27.45
C GLU B 133 -8.57 -13.97 -27.74
N GLU B 134 -8.70 -15.25 -27.34
CA GLU B 134 -9.94 -15.99 -27.54
C GLU B 134 -11.12 -15.29 -26.87
N ARG B 135 -10.90 -14.73 -25.68
CA ARG B 135 -11.95 -14.15 -24.86
C ARG B 135 -12.09 -12.65 -25.04
N SER B 136 -11.27 -12.03 -25.89
CA SER B 136 -11.23 -10.56 -26.02
C SER B 136 -10.96 -9.88 -24.68
N TRP B 137 -10.01 -10.40 -23.92
CA TRP B 137 -9.62 -9.76 -22.68
C TRP B 137 -8.66 -8.61 -22.96
N SER B 138 -8.95 -7.45 -22.40
CA SER B 138 -7.98 -6.36 -22.37
C SER B 138 -6.98 -6.52 -21.24
N LYS B 139 -7.30 -7.30 -20.21
CA LYS B 139 -6.40 -7.48 -19.07
C LYS B 139 -6.78 -8.72 -18.29
N LEU B 140 -5.87 -9.11 -17.40
CA LEU B 140 -6.11 -10.17 -16.41
C LEU B 140 -5.81 -9.59 -15.04
N VAL B 141 -6.83 -9.49 -14.20
CA VAL B 141 -6.69 -8.98 -12.85
C VAL B 141 -6.43 -10.15 -11.92
N LEU B 142 -5.39 -10.03 -11.09
CA LEU B 142 -4.98 -11.08 -10.16
C LEU B 142 -5.07 -10.52 -8.75
N ASN B 143 -5.92 -11.10 -7.94
CA ASN B 143 -6.08 -10.69 -6.55
C ASN B 143 -5.49 -11.80 -5.66
N ALA B 144 -4.54 -11.44 -4.78
CA ALA B 144 -3.86 -12.39 -3.90
C ALA B 144 -4.27 -12.16 -2.45
N PRO B 145 -4.81 -13.17 -1.76
CA PRO B 145 -5.10 -12.99 -0.33
C PRO B 145 -3.82 -12.79 0.46
N ARG B 146 -3.97 -12.27 1.68
CA ARG B 146 -2.81 -12.10 2.54
C ARG B 146 -2.18 -13.46 2.85
N VAL B 147 -3.01 -14.44 3.19
CA VAL B 147 -2.62 -15.83 3.38
C VAL B 147 -3.53 -16.69 2.53
N PRO B 148 -3.03 -17.75 1.90
CA PRO B 148 -1.60 -18.05 1.87
C PRO B 148 -0.89 -17.13 0.86
N GLU B 149 0.39 -16.89 1.11
CA GLU B 149 1.22 -15.91 0.42
C GLU B 149 1.59 -16.31 -1.01
N ASP B 150 1.24 -17.54 -1.42
CA ASP B 150 1.77 -18.10 -2.68
C ASP B 150 1.27 -17.32 -3.90
N GLY B 151 0.01 -16.90 -3.91
CA GLY B 151 -0.46 -16.07 -5.02
C GLY B 151 0.33 -14.77 -5.10
N ARG B 152 0.48 -14.09 -3.99
CA ARG B 152 1.26 -12.84 -3.98
C ARG B 152 2.68 -13.07 -4.50
N LYS B 153 3.37 -14.11 -4.00
CA LYS B 153 4.76 -14.30 -4.39
C LYS B 153 4.92 -14.57 -5.88
N LEU B 154 3.97 -15.26 -6.49
CA LEU B 154 4.02 -15.46 -7.93
C LEU B 154 3.66 -14.17 -8.68
N TYR B 155 2.56 -13.52 -8.28
CA TYR B 155 2.05 -12.35 -9.02
C TYR B 155 3.07 -11.21 -9.02
N GLU B 156 3.79 -11.04 -7.92
CA GLU B 156 4.77 -9.95 -7.89
C GLU B 156 5.88 -10.15 -8.92
N GLN B 157 6.15 -11.40 -9.35
CA GLN B 157 7.23 -11.60 -10.32
C GLN B 157 6.75 -11.59 -11.76
N ILE B 158 5.45 -11.79 -12.01
CA ILE B 158 4.97 -11.95 -13.37
C ILE B 158 3.94 -10.89 -13.77
N ALA B 159 3.60 -9.95 -12.89
CA ALA B 159 2.56 -8.98 -13.19
C ALA B 159 2.89 -7.62 -12.59
N ALA B 160 2.21 -6.60 -13.10
CA ALA B 160 2.37 -5.23 -12.63
C ALA B 160 1.49 -4.98 -11.42
N ALA B 161 1.99 -4.14 -10.52
CA ALA B 161 1.22 -3.70 -9.37
C ALA B 161 -0.09 -3.04 -9.79
N ALA B 162 -1.16 -3.33 -9.07
CA ALA B 162 -2.43 -2.65 -9.32
C ALA B 162 -2.36 -1.20 -8.82
N ASP B 163 -3.07 -0.31 -9.48
CA ASP B 163 -3.09 1.10 -9.03
C ASP B 163 -4.42 1.54 -8.43
N TRP B 164 -5.40 0.66 -8.33
CA TRP B 164 -6.61 1.00 -7.59
C TRP B 164 -6.44 0.56 -6.14
N SER B 165 -7.39 0.96 -5.28
CA SER B 165 -7.39 0.56 -3.88
C SER B 165 -8.74 -0.09 -3.58
N SER B 166 -8.78 -0.90 -2.51
CA SER B 166 -9.91 -1.78 -2.25
C SER B 166 -10.36 -1.69 -0.80
N TYR B 167 -11.63 -2.03 -0.61
CA TYR B 167 -12.34 -1.88 0.65
C TYR B 167 -13.30 -3.04 0.74
N VAL B 168 -13.84 -3.26 1.95
CA VAL B 168 -14.75 -4.37 2.15
C VAL B 168 -15.72 -4.02 3.24
N ILE B 169 -16.98 -4.42 3.03
CA ILE B 169 -18.01 -4.42 4.06
C ILE B 169 -18.40 -5.87 4.32
N ARG B 170 -18.36 -6.28 5.58
CA ARG B 170 -18.69 -7.65 5.96
C ARG B 170 -20.10 -7.70 6.52
N PHE B 171 -20.78 -8.80 6.23
CA PHE B 171 -22.17 -8.97 6.66
C PHE B 171 -22.38 -10.09 7.68
N ALA C 27 15.72 10.05 -16.85
CA ALA C 27 14.53 10.33 -16.05
C ALA C 27 13.36 10.69 -16.98
N VAL C 28 12.89 11.94 -16.90
CA VAL C 28 11.81 12.41 -17.77
C VAL C 28 12.41 13.44 -18.73
N ASP C 29 12.38 13.13 -20.03
CA ASP C 29 12.80 14.10 -21.04
C ASP C 29 11.62 14.96 -21.46
N ILE C 30 11.77 16.28 -21.30
CA ILE C 30 10.71 17.25 -21.61
C ILE C 30 11.20 18.17 -22.72
N ALA C 31 10.42 18.28 -23.79
CA ALA C 31 10.82 19.10 -24.93
C ALA C 31 9.60 19.56 -25.70
N LEU C 32 9.77 20.68 -26.42
CA LEU C 32 8.67 21.20 -27.22
C LEU C 32 8.32 20.25 -28.35
N LEU C 33 7.03 20.05 -28.54
CA LEU C 33 6.53 19.24 -29.65
C LEU C 33 6.42 20.09 -30.91
N HIS C 34 6.69 19.45 -32.06
CA HIS C 34 6.57 20.11 -33.34
C HIS C 34 5.71 19.27 -34.27
N LEU C 35 5.52 19.78 -35.48
CA LEU C 35 4.63 19.12 -36.44
C LEU C 35 5.10 17.71 -36.78
N ARG C 36 6.42 17.49 -36.80
CA ARG C 36 6.97 16.15 -36.98
C ARG C 36 6.37 15.14 -36.01
N ASP C 37 6.01 15.59 -34.80
CA ASP C 37 5.62 14.72 -33.70
C ASP C 37 4.13 14.41 -33.70
N ALA C 38 3.39 14.82 -34.72
CA ALA C 38 1.94 14.73 -34.68
C ALA C 38 1.48 13.30 -34.47
N HIS C 39 2.10 12.34 -35.17
CA HIS C 39 1.64 10.96 -35.06
C HIS C 39 1.81 10.44 -33.64
N GLU C 40 2.94 10.72 -33.00
CA GLU C 40 3.12 10.29 -31.62
C GLU C 40 2.17 11.01 -30.68
N PHE C 41 1.89 12.27 -30.97
CA PHE C 41 1.04 13.09 -30.10
C PHE C 41 -0.42 12.64 -30.19
N ALA C 42 -0.86 12.18 -31.36
CA ALA C 42 -2.28 11.90 -31.60
C ALA C 42 -2.92 10.96 -30.59
N PRO C 43 -2.38 9.76 -30.28
CA PRO C 43 -3.10 8.89 -29.32
C PRO C 43 -3.17 9.45 -27.90
N LEU C 44 -2.13 10.17 -27.46
CA LEU C 44 -2.16 10.82 -26.16
C LEU C 44 -3.18 11.96 -26.12
N LEU C 45 -3.23 12.77 -27.18
CA LEU C 45 -4.24 13.82 -27.27
C LEU C 45 -5.64 13.22 -27.35
N ALA C 46 -5.79 12.12 -28.09
CA ALA C 46 -7.09 11.47 -28.18
C ALA C 46 -7.52 10.93 -26.84
N SER C 47 -6.57 10.37 -26.07
CA SER C 47 -6.89 9.86 -24.74
C SER C 47 -7.33 11.00 -23.83
N TYR C 48 -6.69 12.17 -23.93
CA TYR C 48 -7.14 13.33 -23.18
C TYR C 48 -8.51 13.82 -23.65
N ALA C 49 -8.70 13.90 -24.97
CA ALA C 49 -9.96 14.43 -25.52
C ALA C 49 -11.18 13.59 -25.13
N GLN C 50 -10.99 12.35 -24.72
CA GLN C 50 -12.09 11.47 -24.30
C GLN C 50 -12.68 11.90 -22.95
N ARG C 59 -11.57 13.88 -38.45
CA ARG C 59 -12.05 12.56 -38.06
C ARG C 59 -10.91 11.63 -37.61
N PRO C 60 -9.88 11.39 -38.43
CA PRO C 60 -8.76 10.58 -37.95
C PRO C 60 -8.12 11.22 -36.74
N ASP C 61 -7.61 10.38 -35.83
CA ASP C 61 -6.92 10.91 -34.65
C ASP C 61 -5.73 11.77 -35.04
N ASP C 62 -5.02 11.38 -36.11
CA ASP C 62 -3.93 12.19 -36.63
C ASP C 62 -4.37 13.60 -36.99
N PHE C 63 -5.66 13.85 -37.22
CA PHE C 63 -6.02 15.17 -37.71
C PHE C 63 -6.00 16.18 -36.58
N TYR C 64 -6.39 15.78 -35.39
CA TYR C 64 -6.45 16.74 -34.30
C TYR C 64 -5.06 17.16 -33.84
N ALA C 65 -4.11 16.23 -33.88
CA ALA C 65 -2.75 16.59 -33.51
C ALA C 65 -2.13 17.53 -34.53
N GLU C 66 -2.32 17.24 -35.83
CA GLU C 66 -1.78 18.12 -36.86
C GLU C 66 -2.42 19.49 -36.82
N HIS C 67 -3.73 19.55 -36.59
CA HIS C 67 -4.41 20.84 -36.54
C HIS C 67 -3.83 21.71 -35.43
N LEU C 68 -3.72 21.14 -34.22
CA LEU C 68 -3.21 21.91 -33.10
C LEU C 68 -1.75 22.30 -33.32
N LEU C 69 -0.94 21.36 -33.82
CA LEU C 69 0.49 21.59 -34.03
C LEU C 69 0.77 22.50 -35.21
N GLN C 70 -0.25 22.85 -36.01
CA GLN C 70 -0.05 23.84 -37.07
C GLN C 70 -0.60 25.21 -36.70
N ASP C 71 -1.14 25.38 -35.49
CA ASP C 71 -1.53 26.68 -35.00
C ASP C 71 -0.36 27.32 -34.26
N ARG C 72 0.17 28.40 -34.79
CA ARG C 72 1.35 29.02 -34.20
C ARG C 72 1.05 29.79 -32.92
N ALA C 73 -0.23 29.97 -32.55
CA ALA C 73 -0.50 30.58 -31.25
C ALA C 73 -0.33 29.54 -30.13
N ALA C 74 -0.59 28.28 -30.43
CA ALA C 74 -0.47 27.20 -29.46
C ALA C 74 0.92 26.58 -29.54
N GLU C 75 1.38 26.11 -28.38
CA GLU C 75 2.60 25.32 -28.29
C GLU C 75 2.32 24.17 -27.34
N ALA C 76 3.12 23.11 -27.46
CA ALA C 76 2.89 21.96 -26.60
C ALA C 76 4.23 21.42 -26.12
N LEU C 77 4.33 21.22 -24.82
CA LEU C 77 5.48 20.59 -24.20
C LEU C 77 5.16 19.12 -24.01
N GLY C 78 6.10 18.24 -24.38
CA GLY C 78 5.91 16.81 -24.28
C GLY C 78 6.86 16.17 -23.28
N ALA C 79 6.39 15.12 -22.62
CA ALA C 79 7.19 14.41 -21.63
C ALA C 79 7.43 13.01 -22.18
N ARG C 80 8.69 12.63 -22.27
CA ARG C 80 9.08 11.32 -22.76
C ARG C 80 9.70 10.53 -21.63
N VAL C 81 9.29 9.27 -21.53
CA VAL C 81 9.87 8.31 -20.61
C VAL C 81 10.31 7.10 -21.43
N ASP C 82 11.61 6.77 -21.36
CA ASP C 82 12.22 5.70 -22.17
C ASP C 82 11.95 5.89 -23.65
N GLY C 83 12.00 7.15 -24.10
CA GLY C 83 11.75 7.47 -25.47
C GLY C 83 10.30 7.59 -25.86
N ASN C 84 9.37 7.11 -25.04
CA ASN C 84 7.95 7.15 -25.38
C ASN C 84 7.29 8.41 -24.84
N LEU C 85 6.48 9.04 -25.69
CA LEU C 85 5.75 10.24 -25.29
C LEU C 85 4.63 9.86 -24.33
N VAL C 86 4.69 10.34 -23.09
CA VAL C 86 3.75 9.90 -22.06
C VAL C 86 3.03 11.05 -21.38
N GLY C 87 3.30 12.31 -21.75
CA GLY C 87 2.61 13.43 -21.15
C GLY C 87 2.74 14.68 -22.00
N PHE C 88 1.82 15.62 -21.80
CA PHE C 88 1.91 16.87 -22.55
C PHE C 88 1.21 18.00 -21.81
N VAL C 89 1.58 19.23 -22.16
CA VAL C 89 0.87 20.43 -21.75
C VAL C 89 0.74 21.34 -22.95
N ILE C 90 -0.48 21.86 -23.19
CA ILE C 90 -0.75 22.82 -24.26
C ILE C 90 -0.80 24.20 -23.64
N PHE C 91 -0.05 25.14 -24.20
CA PHE C 91 0.00 26.47 -23.62
C PHE C 91 0.04 27.52 -24.72
N TYR C 92 -0.31 28.75 -24.36
CA TYR C 92 -0.26 29.89 -25.25
C TYR C 92 0.67 30.96 -24.70
N ASP C 93 1.51 31.55 -25.56
CA ASP C 93 2.36 32.71 -25.25
C ASP C 93 1.59 33.94 -25.73
N LEU C 94 0.91 34.65 -24.79
CA LEU C 94 -0.05 35.71 -25.10
C LEU C 94 0.43 37.09 -24.64
N PRO C 95 0.00 38.17 -25.31
CA PRO C 95 0.32 39.50 -24.81
C PRO C 95 -0.38 39.73 -23.49
N GLU C 96 0.25 40.53 -22.63
CA GLU C 96 -0.34 40.91 -21.34
C GLU C 96 -0.52 42.42 -21.30
N PRO C 97 -1.71 42.94 -21.64
CA PRO C 97 -1.88 44.40 -21.79
C PRO C 97 -1.73 45.20 -20.52
N VAL C 98 -1.98 44.62 -19.33
CA VAL C 98 -1.94 45.42 -18.11
C VAL C 98 -0.52 45.89 -17.80
N THR C 99 0.45 44.96 -17.82
CA THR C 99 1.84 45.28 -17.59
C THR C 99 2.58 45.63 -18.88
N GLY C 100 2.02 45.34 -20.04
CA GLY C 100 2.77 45.54 -21.27
C GLY C 100 3.78 44.46 -21.57
N LEU C 101 3.83 43.40 -20.77
CA LEU C 101 4.71 42.26 -21.00
C LEU C 101 3.88 41.14 -21.62
N ARG C 102 4.33 39.89 -21.49
CA ARG C 102 3.57 38.77 -22.00
C ARG C 102 3.20 37.85 -20.83
N ALA C 103 2.40 36.82 -21.14
CA ALA C 103 1.99 35.86 -20.13
C ALA C 103 1.74 34.51 -20.79
N GLY C 104 1.97 33.46 -20.01
CA GLY C 104 1.68 32.11 -20.44
C GLY C 104 0.31 31.72 -19.96
N GLN C 105 -0.37 30.89 -20.74
CA GLN C 105 -1.70 30.41 -20.40
C GLN C 105 -1.76 28.93 -20.71
N VAL C 106 -2.12 28.14 -19.72
CA VAL C 106 -2.25 26.69 -19.87
C VAL C 106 -3.72 26.34 -19.75
N ASP C 107 -4.26 25.64 -20.75
CA ASP C 107 -5.60 25.09 -20.66
C ASP C 107 -5.64 23.56 -20.62
N HIS C 108 -4.56 22.87 -20.95
CA HIS C 108 -4.63 21.40 -21.03
C HIS C 108 -3.30 20.77 -20.64
N ILE C 109 -3.40 19.83 -19.69
CA ILE C 109 -2.28 19.02 -19.25
C ILE C 109 -2.76 17.57 -19.10
N TYR C 110 -1.89 16.61 -19.44
CA TYR C 110 -2.32 15.21 -19.38
C TYR C 110 -1.11 14.29 -19.26
N VAL C 111 -1.22 13.29 -18.38
CA VAL C 111 -0.21 12.24 -18.20
C VAL C 111 -0.87 10.87 -18.36
N HIS C 112 -0.22 9.98 -19.11
CA HIS C 112 -0.67 8.62 -19.31
C HIS C 112 -0.94 7.93 -17.98
N HIS C 113 -1.97 7.08 -17.96
CA HIS C 113 -2.39 6.45 -16.70
C HIS C 113 -1.31 5.52 -16.13
N ASP C 114 -0.40 5.02 -16.97
CA ASP C 114 0.69 4.17 -16.49
C ASP C 114 1.85 4.95 -15.92
N HIS C 115 1.80 6.29 -15.92
CA HIS C 115 2.92 7.09 -15.49
C HIS C 115 2.49 8.14 -14.46
N ARG C 116 1.37 7.91 -13.76
CA ARG C 116 0.94 8.76 -12.67
C ARG C 116 1.76 8.49 -11.41
N GLY C 117 1.67 9.40 -10.45
CA GLY C 117 2.40 9.23 -9.22
C GLY C 117 3.89 9.39 -9.37
N LYS C 118 4.33 10.03 -10.45
CA LYS C 118 5.74 10.26 -10.73
C LYS C 118 6.12 11.73 -10.81
N GLY C 119 5.20 12.65 -10.54
CA GLY C 119 5.50 14.05 -10.64
C GLY C 119 5.69 14.59 -12.06
N ILE C 120 5.27 13.84 -13.09
CA ILE C 120 5.51 14.31 -14.46
C ILE C 120 4.71 15.58 -14.78
N ALA C 121 3.45 15.65 -14.37
CA ALA C 121 2.69 16.86 -14.70
C ALA C 121 3.35 18.08 -14.06
N LYS C 122 3.78 17.94 -12.81
CA LYS C 122 4.51 18.99 -12.14
C LYS C 122 5.78 19.34 -12.89
N ALA C 123 6.50 18.34 -13.40
CA ALA C 123 7.72 18.61 -14.15
C ALA C 123 7.41 19.40 -15.41
N LEU C 124 6.29 19.12 -16.05
CA LEU C 124 5.92 19.89 -17.24
C LEU C 124 5.70 21.35 -16.92
N ILE C 125 5.02 21.65 -15.82
CA ILE C 125 4.76 23.03 -15.48
C ILE C 125 6.03 23.74 -15.08
N ASP C 126 6.93 23.04 -14.38
CA ASP C 126 8.18 23.65 -13.95
C ASP C 126 9.00 24.09 -15.14
N VAL C 127 9.13 23.24 -16.16
CA VAL C 127 9.84 23.66 -17.37
C VAL C 127 9.16 24.87 -17.98
N LEU C 128 7.83 24.85 -18.04
CA LEU C 128 7.11 25.98 -18.61
C LEU C 128 7.39 27.26 -17.83
N ALA C 129 7.35 27.18 -16.50
CA ALA C 129 7.65 28.33 -15.67
C ALA C 129 9.07 28.83 -15.90
N ASP C 130 10.00 27.91 -16.16
CA ASP C 130 11.38 28.26 -16.42
C ASP C 130 11.54 29.06 -17.71
N LYS C 131 10.58 28.99 -18.61
CA LYS C 131 10.60 29.80 -19.81
C LYS C 131 10.20 31.25 -19.56
N ALA C 132 9.75 31.61 -18.36
CA ALA C 132 9.20 32.94 -18.12
C ALA C 132 10.16 34.04 -18.54
N GLU C 133 11.44 33.93 -18.15
CA GLU C 133 12.42 34.95 -18.49
C GLU C 133 12.67 34.99 -19.98
N GLU C 134 12.78 33.84 -20.64
CA GLU C 134 12.96 33.83 -22.09
C GLU C 134 11.82 34.56 -22.80
N ARG C 135 10.58 34.41 -22.32
CA ARG C 135 9.39 34.90 -23.00
C ARG C 135 8.89 36.26 -22.50
N SER C 136 9.56 36.86 -21.51
CA SER C 136 9.09 38.08 -20.85
C SER C 136 7.70 37.90 -20.23
N TRP C 137 7.50 36.78 -19.56
CA TRP C 137 6.22 36.53 -18.90
C TRP C 137 6.18 37.17 -17.52
N SER C 138 5.13 37.95 -17.25
CA SER C 138 4.88 38.37 -15.87
C SER C 138 4.14 37.31 -15.07
N LYS C 139 3.45 36.40 -15.75
CA LYS C 139 2.68 35.38 -15.04
C LYS C 139 2.43 34.21 -15.97
N LEU C 140 2.07 33.08 -15.35
CA LEU C 140 1.63 31.88 -16.04
C LEU C 140 0.25 31.57 -15.48
N VAL C 141 -0.74 31.63 -16.34
CA VAL C 141 -2.13 31.35 -15.97
C VAL C 141 -2.43 29.87 -16.20
N LEU C 142 -3.05 29.22 -15.21
CA LEU C 142 -3.36 27.80 -15.31
C LEU C 142 -4.87 27.60 -15.18
N ASN C 143 -5.48 27.11 -16.24
CA ASN C 143 -6.92 26.85 -16.26
C ASN C 143 -7.14 25.35 -16.24
N ALA C 144 -7.89 24.86 -15.24
CA ALA C 144 -8.12 23.43 -15.13
C ALA C 144 -9.56 23.13 -15.49
N PRO C 145 -9.84 22.33 -16.51
CA PRO C 145 -11.23 21.95 -16.79
C PRO C 145 -11.79 21.15 -15.64
N ARG C 146 -13.12 21.05 -15.64
CA ARG C 146 -13.84 20.25 -14.65
C ARG C 146 -13.45 18.78 -14.75
N VAL C 147 -13.39 18.25 -15.96
CA VAL C 147 -12.90 16.88 -16.20
C VAL C 147 -11.89 17.01 -17.33
N PRO C 148 -10.79 16.23 -17.32
CA PRO C 148 -10.43 15.35 -16.20
C PRO C 148 -9.88 16.15 -15.01
N GLU C 149 -9.99 15.59 -13.81
CA GLU C 149 -9.67 16.34 -12.62
C GLU C 149 -8.17 16.60 -12.42
N ASP C 150 -7.28 16.03 -13.26
CA ASP C 150 -5.84 16.04 -12.96
C ASP C 150 -5.28 17.45 -12.89
N GLY C 151 -5.66 18.32 -13.83
CA GLY C 151 -5.11 19.67 -13.81
C GLY C 151 -5.40 20.36 -12.50
N ARG C 152 -6.66 20.33 -12.09
CA ARG C 152 -7.07 20.96 -10.84
C ARG C 152 -6.32 20.40 -9.66
N LYS C 153 -6.24 19.07 -9.56
CA LYS C 153 -5.62 18.49 -8.39
C LYS C 153 -4.14 18.91 -8.32
N LEU C 154 -3.50 19.11 -9.47
CA LEU C 154 -2.12 19.60 -9.53
C LEU C 154 -2.04 21.10 -9.25
N TYR C 155 -2.81 21.91 -9.98
CA TYR C 155 -2.66 23.35 -9.87
C TYR C 155 -2.98 23.82 -8.47
N GLU C 156 -3.94 23.20 -7.80
CA GLU C 156 -4.27 23.70 -6.48
C GLU C 156 -3.14 23.51 -5.48
N GLN C 157 -2.19 22.59 -5.73
CA GLN C 157 -1.05 22.42 -4.86
C GLN C 157 0.15 23.27 -5.25
N ILE C 158 0.29 23.61 -6.53
CA ILE C 158 1.51 24.24 -7.01
C ILE C 158 1.31 25.68 -7.49
N ALA C 159 0.09 26.24 -7.38
CA ALA C 159 -0.15 27.60 -7.84
C ALA C 159 -1.16 28.29 -6.92
N ALA C 160 -1.27 29.61 -7.02
CA ALA C 160 -2.23 30.35 -6.20
C ALA C 160 -3.59 30.36 -6.88
N ALA C 161 -4.66 30.30 -6.08
CA ALA C 161 -5.98 30.40 -6.65
C ALA C 161 -6.14 31.74 -7.36
N ALA C 162 -6.75 31.71 -8.54
CA ALA C 162 -6.93 32.94 -9.29
C ALA C 162 -7.92 33.85 -8.55
N ASP C 163 -7.75 35.14 -8.72
CA ASP C 163 -8.66 36.07 -8.05
C ASP C 163 -9.63 36.76 -9.03
N TRP C 164 -9.58 36.42 -10.32
CA TRP C 164 -10.55 36.85 -11.30
C TRP C 164 -11.69 35.83 -11.36
N SER C 165 -12.74 36.15 -12.12
CA SER C 165 -13.89 35.25 -12.29
C SER C 165 -14.18 35.09 -13.78
N SER C 166 -14.87 34.00 -14.12
CA SER C 166 -15.03 33.60 -15.51
C SER C 166 -16.46 33.13 -15.78
N TYR C 167 -16.82 33.24 -17.06
CA TYR C 167 -18.16 33.04 -17.56
C TYR C 167 -18.03 32.49 -18.96
N VAL C 168 -19.15 31.98 -19.49
CA VAL C 168 -19.14 31.40 -20.83
C VAL C 168 -20.50 31.63 -21.50
N ILE C 169 -20.44 31.93 -22.78
CA ILE C 169 -21.61 31.89 -23.64
C ILE C 169 -21.36 30.78 -24.64
N ARG C 170 -22.27 29.82 -24.71
CA ARG C 170 -22.15 28.66 -25.61
C ARG C 170 -23.03 28.86 -26.82
N PHE C 171 -22.56 28.36 -27.96
CA PHE C 171 -23.29 28.54 -29.22
C PHE C 171 -23.83 27.24 -29.84
N ALA D 27 4.28 37.72 -2.20
CA ALA D 27 5.54 38.13 -1.59
C ALA D 27 5.93 37.24 -0.40
N VAL D 28 6.09 35.95 -0.65
CA VAL D 28 6.37 34.99 0.42
C VAL D 28 7.86 35.01 0.71
N ASP D 29 8.22 35.22 1.98
CA ASP D 29 9.62 35.29 2.39
C ASP D 29 9.97 34.03 3.17
N ILE D 30 10.81 33.19 2.59
CA ILE D 30 11.14 31.88 3.14
C ILE D 30 12.59 31.88 3.60
N ALA D 31 12.80 31.54 4.88
CA ALA D 31 14.11 31.53 5.49
C ALA D 31 14.10 30.52 6.63
N LEU D 32 15.28 29.98 6.92
CA LEU D 32 15.44 29.01 8.00
C LEU D 32 15.11 29.64 9.34
N LEU D 33 14.39 28.90 10.17
CA LEU D 33 14.06 29.41 11.49
C LEU D 33 15.21 29.13 12.46
N HIS D 34 15.45 30.09 13.37
CA HIS D 34 16.47 30.01 14.41
C HIS D 34 15.81 30.25 15.75
N LEU D 35 16.62 30.25 16.81
CA LEU D 35 16.07 30.34 18.17
C LEU D 35 15.27 31.62 18.38
N ARG D 36 15.73 32.74 17.81
CA ARG D 36 14.99 33.99 17.87
C ARG D 36 13.56 33.85 17.35
N ASP D 37 13.33 32.89 16.46
CA ASP D 37 12.02 32.73 15.85
C ASP D 37 11.11 31.85 16.67
N ALA D 38 11.59 31.35 17.81
CA ALA D 38 10.85 30.34 18.57
C ALA D 38 9.48 30.86 19.00
N HIS D 39 9.42 32.11 19.46
CA HIS D 39 8.18 32.65 19.97
C HIS D 39 7.09 32.67 18.92
N GLU D 40 7.42 33.10 17.69
CA GLU D 40 6.45 33.09 16.60
C GLU D 40 6.15 31.68 16.12
N PHE D 41 7.17 30.81 16.17
CA PHE D 41 7.00 29.47 15.65
C PHE D 41 6.07 28.64 16.52
N ALA D 42 6.14 28.85 17.83
CA ALA D 42 5.41 28.03 18.81
C ALA D 42 3.91 27.93 18.53
N PRO D 43 3.16 29.04 18.33
CA PRO D 43 1.72 28.86 18.05
C PRO D 43 1.44 28.20 16.72
N LEU D 44 2.28 28.40 15.71
CA LEU D 44 2.12 27.66 14.47
C LEU D 44 2.33 26.16 14.68
N LEU D 45 3.37 25.78 15.44
CA LEU D 45 3.60 24.37 15.74
C LEU D 45 2.47 23.81 16.59
N ALA D 46 1.96 24.60 17.54
CA ALA D 46 0.88 24.11 18.38
C ALA D 46 -0.39 23.87 17.56
N SER D 47 -0.73 24.78 16.64
CA SER D 47 -1.91 24.54 15.82
C SER D 47 -1.74 23.29 14.97
N TYR D 48 -0.57 23.12 14.36
CA TYR D 48 -0.33 21.90 13.58
C TYR D 48 -0.40 20.67 14.46
N ALA D 49 0.31 20.69 15.60
CA ALA D 49 0.33 19.54 16.48
C ALA D 49 -1.07 19.19 16.99
N GLN D 50 -1.93 20.19 17.18
CA GLN D 50 -3.31 19.94 17.62
C GLN D 50 -4.00 18.92 16.71
N ALA D 51 -3.96 19.15 15.40
CA ALA D 51 -4.60 18.23 14.46
C ALA D 51 -3.89 16.88 14.41
N LEU D 52 -2.57 16.89 14.45
CA LEU D 52 -1.81 15.65 14.28
C LEU D 52 -2.20 14.60 15.33
N LYS D 53 -1.99 14.90 16.61
CA LYS D 53 -2.33 13.95 17.67
C LYS D 53 -2.38 14.65 19.01
N ARG D 54 -3.02 13.98 19.97
CA ARG D 54 -3.12 14.50 21.33
C ARG D 54 -3.66 13.39 22.24
N GLY D 55 -3.34 13.51 23.52
CA GLY D 55 -3.76 12.54 24.51
C GLY D 55 -2.60 11.92 25.25
N ASP D 61 4.34 21.81 27.34
CA ASP D 61 5.67 22.43 27.34
C ASP D 61 5.62 23.78 26.62
N ASP D 62 5.88 24.85 27.36
CA ASP D 62 5.80 26.19 26.77
C ASP D 62 6.99 26.46 25.85
N PHE D 63 8.11 25.80 26.09
CA PHE D 63 9.35 26.07 25.36
C PHE D 63 9.73 24.96 24.41
N TYR D 64 8.79 24.13 23.99
CA TYR D 64 9.18 22.99 23.18
C TYR D 64 9.77 23.42 21.84
N ALA D 65 9.29 24.52 21.27
CA ALA D 65 9.83 24.99 20.00
C ALA D 65 11.31 25.34 20.13
N GLU D 66 11.74 25.82 21.29
CA GLU D 66 13.18 26.05 21.46
C GLU D 66 13.97 24.76 21.43
N HIS D 67 13.45 23.69 22.06
CA HIS D 67 14.11 22.40 21.99
C HIS D 67 14.21 21.92 20.55
N LEU D 68 13.13 22.06 19.80
CA LEU D 68 13.12 21.58 18.42
C LEU D 68 14.09 22.39 17.55
N LEU D 69 14.12 23.71 17.71
CA LEU D 69 14.99 24.48 16.85
C LEU D 69 16.47 24.35 17.20
N GLN D 70 16.80 23.79 18.36
CA GLN D 70 18.19 23.58 18.75
C GLN D 70 18.63 22.12 18.67
N ASP D 71 17.87 21.26 17.99
CA ASP D 71 18.25 19.87 17.81
C ASP D 71 19.30 19.76 16.70
N ARG D 72 20.21 18.80 16.84
CA ARG D 72 21.29 18.69 15.87
C ARG D 72 20.87 18.06 14.55
N ALA D 73 19.75 17.35 14.52
CA ALA D 73 19.27 16.79 13.26
C ALA D 73 18.14 17.59 12.62
N ALA D 74 17.25 18.16 13.41
CA ALA D 74 16.08 18.82 12.84
C ALA D 74 16.35 20.30 12.52
N GLU D 75 15.73 20.76 11.45
CA GLU D 75 15.73 22.16 11.06
C GLU D 75 14.32 22.52 10.61
N ALA D 76 14.02 23.80 10.59
CA ALA D 76 12.68 24.23 10.21
C ALA D 76 12.80 25.44 9.30
N LEU D 77 12.13 25.35 8.16
CA LEU D 77 12.01 26.45 7.22
C LEU D 77 10.70 27.16 7.51
N GLY D 78 10.74 28.50 7.51
CA GLY D 78 9.56 29.31 7.79
C GLY D 78 9.14 30.13 6.59
N ALA D 79 7.86 30.40 6.49
CA ALA D 79 7.30 31.22 5.43
C ALA D 79 6.66 32.45 6.06
N ARG D 80 7.08 33.63 5.64
CA ARG D 80 6.53 34.87 6.16
C ARG D 80 5.79 35.61 5.06
N VAL D 81 4.61 36.12 5.40
CA VAL D 81 3.83 36.97 4.52
C VAL D 81 3.53 38.26 5.26
N ASP D 82 3.92 39.39 4.67
CA ASP D 82 3.72 40.71 5.28
C ASP D 82 4.27 40.75 6.70
N GLY D 83 5.44 40.13 6.90
CA GLY D 83 6.07 40.06 8.20
C GLY D 83 5.55 38.98 9.12
N ASN D 84 4.39 38.39 8.84
CA ASN D 84 3.84 37.39 9.74
C ASN D 84 4.24 36.00 9.31
N LEU D 85 4.68 35.19 10.28
CA LEU D 85 5.02 33.79 10.02
C LEU D 85 3.73 32.98 9.81
N VAL D 86 3.56 32.40 8.63
CA VAL D 86 2.31 31.73 8.27
C VAL D 86 2.50 30.29 7.83
N GLY D 87 3.72 29.77 7.83
CA GLY D 87 3.93 28.39 7.44
C GLY D 87 5.29 27.88 7.84
N PHE D 88 5.42 26.54 7.86
CA PHE D 88 6.73 25.97 8.16
C PHE D 88 6.80 24.56 7.59
N VAL D 89 8.04 24.08 7.44
CA VAL D 89 8.30 22.67 7.19
C VAL D 89 9.45 22.23 8.10
N ILE D 90 9.27 21.12 8.80
CA ILE D 90 10.29 20.56 9.69
C ILE D 90 11.00 19.46 8.93
N PHE D 91 12.35 19.48 8.92
CA PHE D 91 13.07 18.49 8.14
C PHE D 91 14.31 18.03 8.89
N TYR D 92 14.78 16.83 8.52
CA TYR D 92 16.01 16.27 9.08
C TYR D 92 17.00 16.13 7.94
N ASP D 93 18.23 16.51 8.22
CA ASP D 93 19.35 16.27 7.33
C ASP D 93 20.10 15.06 7.91
N LEU D 94 19.85 13.89 7.36
CA LEU D 94 20.31 12.63 7.95
C LEU D 94 21.43 11.99 7.11
N PRO D 95 22.34 11.26 7.74
CA PRO D 95 23.36 10.56 6.98
C PRO D 95 22.74 9.48 6.13
N GLU D 96 23.39 9.18 5.03
CA GLU D 96 23.01 8.06 4.17
C GLU D 96 24.14 7.04 4.27
N PRO D 97 24.03 6.03 5.14
CA PRO D 97 25.19 5.16 5.40
C PRO D 97 25.70 4.45 4.18
N VAL D 98 24.83 4.12 3.22
CA VAL D 98 25.23 3.36 2.03
C VAL D 98 26.17 4.18 1.17
N THR D 99 25.78 5.42 0.84
CA THR D 99 26.54 6.29 -0.05
C THR D 99 27.53 7.21 0.65
N GLY D 100 27.45 7.38 1.96
CA GLY D 100 28.31 8.37 2.56
C GLY D 100 27.85 9.79 2.33
N LEU D 101 26.66 9.98 1.80
CA LEU D 101 26.14 11.31 1.60
C LEU D 101 25.11 11.62 2.68
N ARG D 102 24.38 12.69 2.47
CA ARG D 102 23.28 13.05 3.32
C ARG D 102 22.00 12.98 2.49
N ALA D 103 20.88 13.02 3.18
CA ALA D 103 19.60 13.06 2.51
C ALA D 103 18.67 13.80 3.43
N GLY D 104 17.73 14.54 2.86
CA GLY D 104 16.75 15.24 3.65
C GLY D 104 15.49 14.42 3.83
N GLN D 105 14.86 14.63 4.98
CA GLN D 105 13.64 13.91 5.32
C GLN D 105 12.66 14.89 5.93
N VAL D 106 11.48 14.99 5.33
CA VAL D 106 10.41 15.87 5.77
C VAL D 106 9.33 15.03 6.42
N ASP D 107 9.01 15.31 7.67
CA ASP D 107 7.88 14.66 8.32
C ASP D 107 6.73 15.60 8.64
N HIS D 108 6.94 16.93 8.64
CA HIS D 108 5.88 17.83 9.06
C HIS D 108 5.90 19.10 8.23
N ILE D 109 4.75 19.45 7.65
CA ILE D 109 4.56 20.70 6.93
C ILE D 109 3.20 21.28 7.33
N TYR D 110 3.14 22.61 7.43
CA TYR D 110 1.93 23.28 7.90
C TYR D 110 1.86 24.70 7.38
N VAL D 111 0.69 25.09 6.88
CA VAL D 111 0.42 26.46 6.44
C VAL D 111 -0.82 26.96 7.18
N HIS D 112 -0.74 28.16 7.74
CA HIS D 112 -1.87 28.75 8.42
C HIS D 112 -3.11 28.71 7.53
N HIS D 113 -4.26 28.40 8.13
CA HIS D 113 -5.48 28.14 7.36
C HIS D 113 -6.00 29.37 6.64
N ASP D 114 -5.60 30.56 7.08
CA ASP D 114 -5.99 31.76 6.33
C ASP D 114 -5.04 32.04 5.17
N HIS D 115 -4.03 31.19 4.95
CA HIS D 115 -3.06 31.45 3.87
C HIS D 115 -2.95 30.25 2.95
N ARG D 116 -3.97 29.40 2.92
CA ARG D 116 -4.03 28.31 1.96
C ARG D 116 -4.37 28.84 0.58
N GLY D 117 -4.19 27.99 -0.43
CA GLY D 117 -4.51 28.36 -1.79
C GLY D 117 -3.57 29.37 -2.39
N LYS D 118 -2.38 29.54 -1.82
CA LYS D 118 -1.39 30.46 -2.36
C LYS D 118 -0.09 29.77 -2.79
N GLY D 119 -0.03 28.44 -2.76
CA GLY D 119 1.21 27.76 -3.14
C GLY D 119 2.35 27.85 -2.13
N ILE D 120 2.06 28.18 -0.87
CA ILE D 120 3.13 28.38 0.10
C ILE D 120 3.80 27.04 0.46
N ALA D 121 3.02 25.96 0.62
CA ALA D 121 3.63 24.67 0.95
C ALA D 121 4.59 24.23 -0.14
N LYS D 122 4.16 24.34 -1.40
CA LYS D 122 5.05 24.01 -2.51
C LYS D 122 6.30 24.89 -2.49
N ALA D 123 6.14 26.19 -2.20
CA ALA D 123 7.31 27.07 -2.15
C ALA D 123 8.29 26.63 -1.07
N LEU D 124 7.80 26.18 0.10
CA LEU D 124 8.68 25.68 1.14
C LEU D 124 9.47 24.46 0.66
N ILE D 125 8.81 23.51 -0.01
CA ILE D 125 9.51 22.34 -0.52
C ILE D 125 10.50 22.73 -1.60
N ASP D 126 10.15 23.73 -2.43
CA ASP D 126 11.07 24.21 -3.47
C ASP D 126 12.36 24.77 -2.87
N VAL D 127 12.26 25.57 -1.82
CA VAL D 127 13.49 26.06 -1.18
C VAL D 127 14.30 24.87 -0.62
N LEU D 128 13.62 23.90 -0.04
CA LEU D 128 14.32 22.74 0.49
C LEU D 128 15.06 21.98 -0.62
N ALA D 129 14.41 21.84 -1.78
CA ALA D 129 15.08 21.21 -2.92
C ALA D 129 16.31 21.99 -3.33
N ASP D 130 16.29 23.32 -3.16
CA ASP D 130 17.46 24.12 -3.51
C ASP D 130 18.63 23.84 -2.59
N LYS D 131 18.36 23.62 -1.31
CA LYS D 131 19.41 23.29 -0.37
C LYS D 131 20.05 21.93 -0.67
N ALA D 132 19.41 21.09 -1.50
CA ALA D 132 19.92 19.75 -1.80
C ALA D 132 21.29 19.82 -2.44
N GLU D 133 21.45 20.71 -3.42
CA GLU D 133 22.74 20.85 -4.09
C GLU D 133 23.80 21.37 -3.12
N GLU D 134 23.43 22.37 -2.29
CA GLU D 134 24.33 22.91 -1.28
C GLU D 134 24.79 21.82 -0.31
N ARG D 135 23.90 20.93 0.09
CA ARG D 135 24.18 19.93 1.09
C ARG D 135 24.52 18.57 0.50
N SER D 136 24.58 18.46 -0.83
CA SER D 136 24.84 17.22 -1.54
C SER D 136 23.87 16.11 -1.13
N TRP D 137 22.59 16.45 -1.08
CA TRP D 137 21.57 15.44 -0.82
C TRP D 137 21.35 14.63 -2.08
N SER D 138 21.37 13.31 -1.96
CA SER D 138 20.98 12.45 -3.08
C SER D 138 19.47 12.38 -3.25
N LYS D 139 18.71 12.66 -2.20
CA LYS D 139 17.27 12.56 -2.31
C LYS D 139 16.66 13.37 -1.18
N LEU D 140 15.37 13.62 -1.33
CA LEU D 140 14.54 14.23 -0.30
C LEU D 140 13.37 13.29 -0.06
N VAL D 141 13.31 12.71 1.15
CA VAL D 141 12.20 11.86 1.57
C VAL D 141 11.12 12.76 2.14
N LEU D 142 9.88 12.51 1.76
CA LEU D 142 8.73 13.26 2.24
C LEU D 142 7.76 12.28 2.88
N ASN D 143 7.53 12.44 4.18
CA ASN D 143 6.63 11.57 4.92
C ASN D 143 5.37 12.36 5.29
N ALA D 144 4.21 11.85 4.90
CA ALA D 144 2.95 12.55 5.11
C ALA D 144 2.12 11.79 6.14
N PRO D 145 1.77 12.39 7.28
CA PRO D 145 0.88 11.70 8.23
C PRO D 145 -0.49 11.53 7.60
N ARG D 146 -1.27 10.61 8.17
CA ARG D 146 -2.63 10.38 7.68
C ARG D 146 -3.49 11.62 7.83
N VAL D 147 -3.44 12.27 9.00
CA VAL D 147 -4.07 13.56 9.23
C VAL D 147 -3.01 14.49 9.80
N PRO D 148 -3.00 15.78 9.45
CA PRO D 148 -3.86 16.36 8.42
C PRO D 148 -3.35 15.99 7.03
N GLU D 149 -4.25 15.93 6.05
CA GLU D 149 -3.93 15.42 4.73
C GLU D 149 -3.13 16.36 3.85
N ASP D 150 -2.89 17.62 4.27
CA ASP D 150 -2.29 18.59 3.35
C ASP D 150 -0.94 18.12 2.82
N GLY D 151 -0.10 17.53 3.68
CA GLY D 151 1.18 17.04 3.20
C GLY D 151 1.01 16.03 2.08
N ARG D 152 0.17 15.02 2.30
CA ARG D 152 -0.07 14.00 1.26
C ARG D 152 -0.59 14.64 -0.03
N LYS D 153 -1.58 15.54 0.09
CA LYS D 153 -2.13 16.14 -1.12
C LYS D 153 -1.07 16.90 -1.90
N LEU D 154 -0.11 17.53 -1.20
CA LEU D 154 1.00 18.15 -1.90
C LEU D 154 1.98 17.12 -2.45
N TYR D 155 2.44 16.19 -1.58
CA TYR D 155 3.53 15.31 -1.98
C TYR D 155 3.14 14.43 -3.16
N GLU D 156 1.89 13.94 -3.19
CA GLU D 156 1.52 13.02 -4.23
C GLU D 156 1.49 13.69 -5.59
N GLN D 157 1.38 15.03 -5.65
CA GLN D 157 1.46 15.76 -6.90
C GLN D 157 2.88 16.17 -7.29
N ILE D 158 3.81 16.29 -6.34
CA ILE D 158 5.15 16.80 -6.65
C ILE D 158 6.25 15.75 -6.52
N ALA D 159 5.92 14.51 -6.13
CA ALA D 159 6.98 13.53 -5.91
C ALA D 159 6.52 12.13 -6.25
N ALA D 160 7.49 11.24 -6.40
CA ALA D 160 7.21 9.85 -6.69
C ALA D 160 6.89 9.13 -5.40
N ALA D 161 5.95 8.20 -5.50
CA ALA D 161 5.61 7.33 -4.37
C ALA D 161 6.83 6.54 -3.93
N ALA D 162 6.98 6.39 -2.62
CA ALA D 162 8.05 5.60 -2.04
C ALA D 162 7.89 4.12 -2.36
N ASP D 163 9.01 3.41 -2.49
CA ASP D 163 8.96 1.98 -2.74
C ASP D 163 9.41 1.16 -1.54
N TRP D 164 9.72 1.79 -0.42
CA TRP D 164 10.00 1.08 0.82
C TRP D 164 8.71 0.95 1.64
N SER D 165 8.78 0.22 2.74
CA SER D 165 7.63 0.05 3.61
C SER D 165 8.03 0.38 5.03
N SER D 166 7.05 0.73 5.85
CA SER D 166 7.37 1.28 7.16
C SER D 166 6.52 0.67 8.25
N TYR D 167 7.07 0.69 9.46
CA TYR D 167 6.43 0.00 10.57
C TYR D 167 6.67 0.84 11.79
N VAL D 168 5.93 0.53 12.85
CA VAL D 168 6.07 1.31 14.06
C VAL D 168 5.84 0.38 15.23
N ILE D 169 6.65 0.56 16.27
CA ILE D 169 6.42 0.01 17.60
C ILE D 169 6.16 1.19 18.52
N ARG D 170 5.04 1.19 19.21
CA ARG D 170 4.65 2.27 20.10
C ARG D 170 4.92 1.92 21.56
N PHE D 171 5.28 2.95 22.33
CA PHE D 171 5.57 2.80 23.75
C PHE D 171 4.57 3.61 24.54
N GLY D 172 4.11 3.06 25.66
CA GLY D 172 3.10 3.72 26.47
C GLY D 172 1.88 2.86 26.73
N HIS E 26 -39.96 15.16 -4.15
CA HIS E 26 -39.43 14.26 -5.17
C HIS E 26 -37.92 14.12 -5.05
N ALA E 27 -37.47 13.06 -4.36
CA ALA E 27 -36.05 12.84 -4.11
C ALA E 27 -35.47 11.73 -5.00
N VAL E 28 -34.59 10.91 -4.45
CA VAL E 28 -33.71 10.03 -5.21
C VAL E 28 -34.35 8.65 -5.31
N ASP E 29 -34.64 8.20 -6.53
CA ASP E 29 -35.21 6.88 -6.78
C ASP E 29 -34.10 5.94 -7.24
N ILE E 30 -33.91 4.84 -6.52
CA ILE E 30 -32.85 3.90 -6.86
C ILE E 30 -33.46 2.56 -7.25
N ALA E 31 -33.08 2.06 -8.44
CA ALA E 31 -33.62 0.82 -8.95
C ALA E 31 -32.61 0.16 -9.88
N LEU E 32 -32.68 -1.17 -9.97
CA LEU E 32 -31.81 -1.90 -10.88
C LEU E 32 -32.13 -1.51 -12.32
N LEU E 33 -31.08 -1.36 -13.11
CA LEU E 33 -31.21 -1.05 -14.53
C LEU E 33 -31.41 -2.32 -15.35
N HIS E 34 -32.23 -2.21 -16.40
CA HIS E 34 -32.51 -3.31 -17.30
C HIS E 34 -32.23 -2.85 -18.72
N LEU E 35 -32.48 -3.73 -19.69
CA LEU E 35 -32.17 -3.39 -21.08
C LEU E 35 -32.95 -2.15 -21.48
N ARG E 36 -34.17 -2.04 -20.98
CA ARG E 36 -35.03 -0.89 -21.18
C ARG E 36 -34.33 0.42 -20.89
N ASP E 37 -33.38 0.40 -19.97
CA ASP E 37 -32.69 1.61 -19.52
C ASP E 37 -31.42 1.89 -20.32
N ALA E 38 -31.07 1.03 -21.27
CA ALA E 38 -29.76 1.11 -21.91
C ALA E 38 -29.55 2.46 -22.56
N HIS E 39 -30.60 3.01 -23.16
CA HIS E 39 -30.48 4.27 -23.88
C HIS E 39 -30.08 5.43 -22.96
N GLU E 40 -30.71 5.52 -21.78
CA GLU E 40 -30.34 6.56 -20.83
C GLU E 40 -29.01 6.26 -20.15
N PHE E 41 -28.72 4.98 -19.95
CA PHE E 41 -27.50 4.60 -19.25
C PHE E 41 -26.27 4.91 -20.08
N ALA E 42 -26.37 4.72 -21.40
CA ALA E 42 -25.20 4.81 -22.27
C ALA E 42 -24.44 6.13 -22.12
N PRO E 43 -25.07 7.32 -22.20
CA PRO E 43 -24.28 8.55 -22.06
C PRO E 43 -23.72 8.73 -20.66
N LEU E 44 -24.43 8.28 -19.62
CA LEU E 44 -23.89 8.36 -18.27
C LEU E 44 -22.66 7.48 -18.12
N LEU E 45 -22.72 6.24 -18.65
CA LEU E 45 -21.55 5.35 -18.64
C LEU E 45 -20.42 5.92 -19.47
N ALA E 46 -20.76 6.61 -20.57
CA ALA E 46 -19.74 7.21 -21.41
C ALA E 46 -19.02 8.33 -20.69
N SER E 47 -19.76 9.18 -19.96
CA SER E 47 -19.10 10.28 -19.26
C SER E 47 -18.14 9.76 -18.21
N TYR E 48 -18.54 8.72 -17.47
CA TYR E 48 -17.65 8.14 -16.46
C TYR E 48 -16.45 7.45 -17.09
N ALA E 49 -16.68 6.59 -18.08
CA ALA E 49 -15.59 5.81 -18.66
C ALA E 49 -14.52 6.66 -19.29
N GLN E 50 -14.82 7.91 -19.65
CA GLN E 50 -13.82 8.81 -20.23
C GLN E 50 -12.69 9.10 -19.26
N ALA E 51 -12.98 9.07 -17.95
CA ALA E 51 -11.94 9.38 -16.99
C ALA E 51 -10.87 8.29 -16.96
N LEU E 52 -11.27 7.02 -17.08
CA LEU E 52 -10.37 5.90 -16.88
C LEU E 52 -9.80 5.33 -18.18
N LYS E 53 -10.32 5.72 -19.34
CA LYS E 53 -9.89 5.11 -20.58
C LYS E 53 -8.40 5.33 -20.79
N ARG E 54 -7.65 4.24 -20.89
CA ARG E 54 -6.24 4.31 -21.23
C ARG E 54 -6.12 4.03 -22.73
N GLY E 55 -5.50 4.95 -23.45
CA GLY E 55 -5.51 4.91 -24.91
C GLY E 55 -6.93 4.95 -25.46
N ASP E 61 -18.48 1.28 -29.68
CA ASP E 61 -19.76 0.66 -30.06
C ASP E 61 -20.92 1.32 -29.32
N ASP E 62 -21.90 1.81 -30.10
CA ASP E 62 -22.96 2.62 -29.52
C ASP E 62 -23.88 1.79 -28.62
N PHE E 63 -23.98 0.48 -28.86
CA PHE E 63 -24.86 -0.40 -28.10
C PHE E 63 -24.16 -1.13 -26.96
N TYR E 64 -23.02 -0.63 -26.49
CA TYR E 64 -22.27 -1.43 -25.53
C TYR E 64 -23.03 -1.61 -24.23
N ALA E 65 -23.80 -0.61 -23.81
CA ALA E 65 -24.55 -0.73 -22.57
C ALA E 65 -25.53 -1.90 -22.63
N GLU E 66 -26.07 -2.18 -23.81
CA GLU E 66 -26.97 -3.32 -23.95
C GLU E 66 -26.26 -4.62 -23.62
N HIS E 67 -25.00 -4.77 -24.06
CA HIS E 67 -24.21 -5.94 -23.68
C HIS E 67 -24.01 -6.00 -22.17
N LEU E 68 -23.64 -4.85 -21.58
CA LEU E 68 -23.29 -4.83 -20.16
C LEU E 68 -24.47 -5.18 -19.29
N LEU E 69 -25.65 -4.66 -19.60
CA LEU E 69 -26.80 -4.95 -18.76
C LEU E 69 -27.38 -6.35 -18.96
N GLN E 70 -27.03 -7.09 -20.01
CA GLN E 70 -27.55 -8.45 -20.14
C GLN E 70 -26.51 -9.51 -19.76
N ASP E 71 -25.42 -9.11 -19.12
CA ASP E 71 -24.39 -10.02 -18.65
C ASP E 71 -24.88 -10.82 -17.45
N ARG E 72 -24.46 -12.08 -17.38
CA ARG E 72 -24.92 -12.96 -16.31
C ARG E 72 -24.27 -12.67 -14.97
N ALA E 73 -23.19 -11.88 -14.94
CA ALA E 73 -22.52 -11.54 -13.69
C ALA E 73 -22.62 -10.08 -13.29
N ALA E 74 -22.66 -9.18 -14.26
CA ALA E 74 -22.70 -7.76 -13.95
C ALA E 74 -24.15 -7.29 -13.83
N GLU E 75 -24.36 -6.33 -12.94
CA GLU E 75 -25.62 -5.63 -12.77
C GLU E 75 -25.29 -4.16 -12.50
N ALA E 76 -26.29 -3.31 -12.68
CA ALA E 76 -26.12 -1.88 -12.46
C ALA E 76 -27.31 -1.33 -11.73
N LEU E 77 -27.04 -0.62 -10.64
CA LEU E 77 -28.05 0.10 -9.90
C LEU E 77 -28.07 1.54 -10.41
N GLY E 78 -29.27 2.07 -10.63
CA GLY E 78 -29.44 3.41 -11.16
C GLY E 78 -30.09 4.34 -10.15
N ALA E 79 -29.73 5.61 -10.22
CA ALA E 79 -30.29 6.64 -9.38
C ALA E 79 -31.02 7.63 -10.27
N ARG E 80 -32.30 7.83 -10.00
CA ARG E 80 -33.11 8.74 -10.79
C ARG E 80 -33.52 9.91 -9.91
N VAL E 81 -33.41 11.11 -10.46
CA VAL E 81 -33.90 12.32 -9.82
C VAL E 81 -34.86 12.96 -10.79
N ASP E 82 -36.10 13.14 -10.36
CA ASP E 82 -37.18 13.63 -11.22
C ASP E 82 -37.26 12.80 -12.49
N GLY E 83 -37.14 11.49 -12.33
CA GLY E 83 -37.23 10.58 -13.46
C GLY E 83 -35.99 10.49 -14.32
N ASN E 84 -35.03 11.40 -14.17
CA ASN E 84 -33.84 11.38 -15.00
C ASN E 84 -32.75 10.58 -14.32
N LEU E 85 -32.07 9.76 -15.11
CA LEU E 85 -30.96 8.96 -14.61
C LEU E 85 -29.74 9.85 -14.34
N VAL E 86 -29.31 9.93 -13.07
CA VAL E 86 -28.24 10.83 -12.70
C VAL E 86 -27.10 10.12 -11.98
N GLY E 87 -27.17 8.81 -11.79
CA GLY E 87 -26.08 8.10 -11.15
C GLY E 87 -26.21 6.60 -11.37
N PHE E 88 -25.09 5.90 -11.15
CA PHE E 88 -25.12 4.45 -11.23
C PHE E 88 -24.00 3.83 -10.41
N VAL E 89 -24.16 2.55 -10.12
CA VAL E 89 -23.07 1.73 -9.60
C VAL E 89 -23.13 0.39 -10.34
N ILE E 90 -21.98 -0.07 -10.83
CA ILE E 90 -21.85 -1.36 -11.51
C ILE E 90 -21.24 -2.35 -10.53
N PHE E 91 -21.87 -3.52 -10.38
CA PHE E 91 -21.41 -4.51 -9.44
C PHE E 91 -21.55 -5.91 -10.03
N TYR E 92 -20.75 -6.82 -9.51
CA TYR E 92 -20.76 -8.22 -9.89
C TYR E 92 -21.22 -9.04 -8.71
N ASP E 93 -22.09 -9.99 -8.97
CA ASP E 93 -22.55 -10.94 -7.98
C ASP E 93 -21.76 -12.20 -8.28
N LEU E 94 -20.70 -12.42 -7.51
CA LEU E 94 -19.70 -13.43 -7.82
C LEU E 94 -19.75 -14.56 -6.82
N PRO E 95 -19.40 -15.79 -7.22
CA PRO E 95 -19.33 -16.89 -6.26
C PRO E 95 -18.19 -16.68 -5.28
N GLU E 96 -18.39 -17.20 -4.08
CA GLU E 96 -17.37 -17.20 -3.04
C GLU E 96 -16.96 -18.65 -2.87
N PRO E 97 -15.90 -19.10 -3.54
CA PRO E 97 -15.62 -20.54 -3.58
C PRO E 97 -15.38 -21.18 -2.24
N VAL E 98 -14.82 -20.46 -1.29
CA VAL E 98 -14.50 -21.05 0.01
C VAL E 98 -15.77 -21.34 0.79
N THR E 99 -16.66 -20.35 0.91
CA THR E 99 -17.84 -20.47 1.73
C THR E 99 -19.06 -21.02 0.99
N GLY E 100 -19.07 -21.02 -0.34
CA GLY E 100 -20.29 -21.45 -1.02
C GLY E 100 -21.37 -20.39 -1.07
N LEU E 101 -21.07 -19.16 -0.72
CA LEU E 101 -22.06 -18.12 -0.84
C LEU E 101 -21.73 -17.24 -2.04
N ARG E 102 -22.38 -16.11 -2.12
CA ARG E 102 -22.05 -15.14 -3.14
C ARG E 102 -21.45 -13.95 -2.43
N ALA E 103 -20.85 -13.08 -3.21
CA ALA E 103 -20.36 -11.82 -2.67
C ALA E 103 -20.45 -10.79 -3.79
N GLY E 104 -20.70 -9.55 -3.41
CA GLY E 104 -20.77 -8.48 -4.37
C GLY E 104 -19.43 -7.81 -4.55
N GLN E 105 -19.20 -7.30 -5.75
CA GLN E 105 -17.98 -6.59 -6.04
C GLN E 105 -18.36 -5.37 -6.87
N VAL E 106 -17.99 -4.19 -6.36
CA VAL E 106 -18.22 -2.92 -7.03
C VAL E 106 -16.89 -2.46 -7.60
N ASP E 107 -16.85 -2.23 -8.91
CA ASP E 107 -15.68 -1.63 -9.49
C ASP E 107 -15.92 -0.22 -10.00
N HIS E 108 -17.19 0.20 -10.16
CA HIS E 108 -17.50 1.47 -10.80
C HIS E 108 -18.71 2.13 -10.17
N ILE E 109 -18.54 3.40 -9.78
CA ILE E 109 -19.61 4.23 -9.27
C ILE E 109 -19.48 5.60 -9.90
N TYR E 110 -20.61 6.24 -10.18
CA TYR E 110 -20.58 7.50 -10.86
C TYR E 110 -21.85 8.30 -10.57
N VAL E 111 -21.69 9.58 -10.28
CA VAL E 111 -22.81 10.49 -10.14
C VAL E 111 -22.59 11.68 -11.07
N HIS E 112 -23.63 12.04 -11.82
CA HIS E 112 -23.58 13.19 -12.71
C HIS E 112 -23.13 14.43 -11.95
N HIS E 113 -22.28 15.24 -12.59
CA HIS E 113 -21.62 16.34 -11.87
C HIS E 113 -22.58 17.41 -11.38
N ASP E 114 -23.77 17.53 -11.97
CA ASP E 114 -24.71 18.49 -11.44
C ASP E 114 -25.48 17.94 -10.25
N HIS E 115 -25.20 16.70 -9.84
CA HIS E 115 -25.97 16.10 -8.75
C HIS E 115 -25.08 15.64 -7.61
N ARG E 116 -23.88 16.22 -7.52
CA ARG E 116 -22.96 15.94 -6.43
C ARG E 116 -23.41 16.63 -5.16
N GLY E 117 -22.82 16.23 -4.04
CA GLY E 117 -23.16 16.86 -2.78
C GLY E 117 -24.54 16.53 -2.29
N LYS E 118 -25.15 15.46 -2.82
CA LYS E 118 -26.48 15.06 -2.40
C LYS E 118 -26.51 13.69 -1.73
N GLY E 119 -25.37 13.04 -1.53
CA GLY E 119 -25.34 11.72 -0.92
C GLY E 119 -25.84 10.59 -1.81
N ILE E 120 -25.87 10.80 -3.14
CA ILE E 120 -26.39 9.79 -4.04
C ILE E 120 -25.50 8.56 -4.04
N ALA E 121 -24.17 8.78 -4.09
CA ALA E 121 -23.28 7.63 -4.16
C ALA E 121 -23.46 6.75 -2.94
N LYS E 122 -23.51 7.36 -1.76
CA LYS E 122 -23.77 6.59 -0.57
C LYS E 122 -25.14 5.91 -0.62
N ALA E 123 -26.15 6.60 -1.14
CA ALA E 123 -27.47 5.96 -1.25
C ALA E 123 -27.40 4.72 -2.16
N LEU E 124 -26.62 4.79 -3.23
CA LEU E 124 -26.46 3.63 -4.10
C LEU E 124 -25.83 2.46 -3.35
N ILE E 125 -24.75 2.72 -2.59
CA ILE E 125 -24.09 1.64 -1.84
C ILE E 125 -24.99 1.10 -0.74
N ASP E 126 -25.80 1.96 -0.12
CA ASP E 126 -26.75 1.52 0.91
C ASP E 126 -27.77 0.52 0.36
N VAL E 127 -28.33 0.78 -0.83
CA VAL E 127 -29.24 -0.19 -1.45
C VAL E 127 -28.52 -1.50 -1.73
N LEU E 128 -27.27 -1.40 -2.16
CA LEU E 128 -26.48 -2.59 -2.43
C LEU E 128 -26.32 -3.41 -1.16
N ALA E 129 -26.05 -2.76 -0.02
CA ALA E 129 -26.05 -3.47 1.25
C ALA E 129 -27.40 -4.11 1.52
N ASP E 130 -28.50 -3.49 1.07
CA ASP E 130 -29.83 -4.08 1.23
C ASP E 130 -29.93 -5.41 0.48
N LYS E 131 -29.49 -5.41 -0.78
CA LYS E 131 -29.50 -6.62 -1.57
C LYS E 131 -28.63 -7.72 -0.94
N ALA E 132 -27.58 -7.32 -0.23
CA ALA E 132 -26.68 -8.28 0.40
C ALA E 132 -27.45 -9.20 1.32
N GLU E 133 -28.34 -8.62 2.12
CA GLU E 133 -29.17 -9.44 3.00
C GLU E 133 -30.13 -10.31 2.19
N GLU E 134 -30.74 -9.75 1.14
CA GLU E 134 -31.61 -10.53 0.26
C GLU E 134 -30.89 -11.70 -0.40
N ARG E 135 -29.64 -11.49 -0.82
CA ARG E 135 -28.88 -12.46 -1.60
C ARG E 135 -27.91 -13.30 -0.77
N SER E 136 -27.88 -13.13 0.56
CA SER E 136 -26.94 -13.86 1.44
C SER E 136 -25.47 -13.63 1.05
N TRP E 137 -25.10 -12.37 0.83
CA TRP E 137 -23.71 -12.03 0.56
C TRP E 137 -22.91 -12.09 1.86
N SER E 138 -21.77 -12.76 1.84
CA SER E 138 -20.91 -12.70 3.01
C SER E 138 -20.18 -11.37 3.10
N LYS E 139 -19.99 -10.68 1.99
CA LYS E 139 -19.24 -9.44 2.00
C LYS E 139 -19.56 -8.67 0.74
N LEU E 140 -19.17 -7.39 0.76
CA LEU E 140 -19.24 -6.53 -0.41
C LEU E 140 -17.86 -5.90 -0.61
N VAL E 141 -17.22 -6.24 -1.73
CA VAL E 141 -15.92 -5.71 -2.10
C VAL E 141 -16.14 -4.41 -2.88
N LEU E 142 -15.40 -3.37 -2.52
CA LEU E 142 -15.48 -2.06 -3.15
C LEU E 142 -14.11 -1.74 -3.72
N ASN E 143 -14.03 -1.64 -5.04
CA ASN E 143 -12.79 -1.31 -5.71
C ASN E 143 -12.91 0.10 -6.26
N ALA E 144 -11.97 0.96 -5.86
CA ALA E 144 -11.95 2.37 -6.26
C ALA E 144 -10.77 2.61 -7.18
N PRO E 145 -10.99 3.05 -8.41
CA PRO E 145 -9.87 3.42 -9.27
C PRO E 145 -9.15 4.63 -8.72
N ARG E 146 -7.93 4.83 -9.22
CA ARG E 146 -7.13 5.97 -8.79
C ARG E 146 -7.83 7.29 -9.10
N VAL E 147 -8.32 7.42 -10.34
CA VAL E 147 -9.04 8.58 -10.85
C VAL E 147 -10.32 8.09 -11.51
N PRO E 148 -11.46 8.76 -11.32
CA PRO E 148 -11.68 9.86 -10.38
C PRO E 148 -11.73 9.31 -8.94
N GLU E 149 -11.40 10.19 -8.00
CA GLU E 149 -11.24 9.86 -6.59
C GLU E 149 -12.56 9.62 -5.86
N ASP E 150 -13.70 9.86 -6.51
CA ASP E 150 -14.96 9.89 -5.77
C ASP E 150 -15.27 8.57 -5.09
N GLY E 151 -15.05 7.45 -5.78
CA GLY E 151 -15.28 6.17 -5.12
C GLY E 151 -14.41 6.01 -3.87
N ARG E 152 -13.12 6.29 -4.01
CA ARG E 152 -12.19 6.19 -2.88
C ARG E 152 -12.64 7.06 -1.71
N LYS E 153 -13.00 8.31 -1.97
CA LYS E 153 -13.38 9.19 -0.88
C LYS E 153 -14.63 8.69 -0.15
N LEU E 154 -15.57 8.09 -0.89
CA LEU E 154 -16.70 7.47 -0.23
C LEU E 154 -16.29 6.21 0.54
N TYR E 155 -15.58 5.29 -0.11
CA TYR E 155 -15.33 3.97 0.51
C TYR E 155 -14.53 4.08 1.80
N GLU E 156 -13.61 5.05 1.89
CA GLU E 156 -12.80 5.18 3.10
C GLU E 156 -13.64 5.53 4.30
N GLN E 157 -14.81 6.15 4.11
CA GLN E 157 -15.62 6.54 5.26
C GLN E 157 -16.64 5.50 5.66
N ILE E 158 -16.98 4.55 4.77
CA ILE E 158 -18.05 3.60 5.01
C ILE E 158 -17.60 2.14 4.99
N ALA E 159 -16.31 1.87 4.77
CA ALA E 159 -15.82 0.51 4.63
C ALA E 159 -14.42 0.38 5.22
N ALA E 160 -14.01 -0.87 5.45
CA ALA E 160 -12.68 -1.19 5.96
C ALA E 160 -11.67 -1.36 4.81
N ALA E 161 -10.43 -0.99 5.07
CA ALA E 161 -9.37 -1.22 4.08
C ALA E 161 -9.22 -2.71 3.77
N ALA E 162 -9.02 -2.99 2.48
CA ALA E 162 -8.76 -4.35 2.04
C ALA E 162 -7.36 -4.78 2.51
N ASP E 163 -7.20 -6.07 2.80
CA ASP E 163 -5.90 -6.56 3.23
C ASP E 163 -5.24 -7.51 2.22
N TRP E 164 -5.86 -7.70 1.07
CA TRP E 164 -5.25 -8.45 -0.02
C TRP E 164 -4.47 -7.52 -0.94
N SER E 165 -3.75 -8.09 -1.90
CA SER E 165 -3.03 -7.25 -2.84
C SER E 165 -3.41 -7.64 -4.26
N SER E 166 -3.21 -6.72 -5.20
CA SER E 166 -3.75 -6.89 -6.54
C SER E 166 -2.69 -6.54 -7.59
N TYR E 167 -2.84 -7.15 -8.76
CA TYR E 167 -1.87 -7.10 -9.85
C TYR E 167 -2.66 -7.14 -11.14
N VAL E 168 -1.98 -6.84 -12.24
CA VAL E 168 -2.67 -6.87 -13.52
C VAL E 168 -1.68 -7.23 -14.61
N ILE E 169 -2.14 -8.03 -15.55
CA ILE E 169 -1.44 -8.27 -16.81
C ILE E 169 -2.28 -7.64 -17.92
N ARG E 170 -1.68 -6.76 -18.70
CA ARG E 170 -2.36 -6.05 -19.79
C ARG E 170 -2.02 -6.71 -21.12
N PHE E 171 -3.01 -6.73 -22.01
CA PHE E 171 -2.85 -7.39 -23.31
C PHE E 171 -2.94 -6.39 -24.46
N ALA F 27 -19.99 -5.87 19.99
CA ALA F 27 -20.19 -4.77 19.05
C ALA F 27 -20.29 -3.43 19.79
N VAL F 28 -20.53 -2.36 19.03
CA VAL F 28 -20.54 -1.02 19.61
C VAL F 28 -21.90 -0.78 20.25
N ASP F 29 -21.92 -0.69 21.57
CA ASP F 29 -23.12 -0.29 22.31
CA ASP F 29 -23.10 -0.28 22.33
C ASP F 29 -23.23 1.23 22.27
N ILE F 30 -24.34 1.73 21.73
CA ILE F 30 -24.59 3.16 21.61
C ILE F 30 -25.83 3.50 22.45
N ALA F 31 -25.69 4.49 23.33
CA ALA F 31 -26.79 4.85 24.22
C ALA F 31 -26.68 6.32 24.62
N LEU F 32 -27.83 6.89 24.97
CA LEU F 32 -27.86 8.27 25.45
C LEU F 32 -27.09 8.39 26.76
N LEU F 33 -26.28 9.44 26.86
CA LEU F 33 -25.57 9.74 28.10
C LEU F 33 -26.46 10.55 29.03
N HIS F 34 -26.34 10.30 30.32
CA HIS F 34 -27.07 11.02 31.35
C HIS F 34 -26.08 11.54 32.37
N LEU F 35 -26.61 12.22 33.40
CA LEU F 35 -25.74 12.84 34.40
C LEU F 35 -24.89 11.79 35.09
N ARG F 36 -25.43 10.58 35.27
CA ARG F 36 -24.69 9.45 35.81
C ARG F 36 -23.35 9.25 35.10
N ASP F 37 -23.28 9.56 33.80
CA ASP F 37 -22.15 9.26 32.95
C ASP F 37 -21.09 10.36 32.92
N ALA F 38 -21.27 11.41 33.73
CA ALA F 38 -20.42 12.60 33.59
C ALA F 38 -18.94 12.26 33.77
N HIS F 39 -18.62 11.45 34.77
CA HIS F 39 -17.22 11.15 35.06
C HIS F 39 -16.56 10.43 33.88
N GLU F 40 -17.23 9.47 33.28
CA GLU F 40 -16.64 8.80 32.13
C GLU F 40 -16.56 9.72 30.91
N PHE F 41 -17.50 10.64 30.77
CA PHE F 41 -17.54 11.54 29.61
C PHE F 41 -16.43 12.57 29.64
N ALA F 42 -16.03 12.99 30.85
CA ALA F 42 -15.12 14.12 31.03
C ALA F 42 -13.80 14.01 30.26
N PRO F 43 -13.00 12.93 30.38
CA PRO F 43 -11.73 12.92 29.64
C PRO F 43 -11.94 12.88 28.15
N LEU F 44 -12.98 12.20 27.70
CA LEU F 44 -13.28 12.16 26.29
C LEU F 44 -13.62 13.55 25.78
N LEU F 45 -14.46 14.29 26.51
CA LEU F 45 -14.78 15.66 26.12
C LEU F 45 -13.55 16.56 26.21
N ALA F 46 -12.69 16.35 27.21
CA ALA F 46 -11.49 17.16 27.33
C ALA F 46 -10.57 16.95 26.13
N SER F 47 -10.45 15.71 25.65
CA SER F 47 -9.64 15.44 24.46
C SER F 47 -10.20 16.12 23.21
N TYR F 48 -11.52 16.09 23.02
CA TYR F 48 -12.08 16.80 21.87
C TYR F 48 -11.83 18.30 21.97
N ALA F 49 -12.03 18.87 23.15
CA ALA F 49 -11.82 20.31 23.31
C ALA F 49 -10.39 20.71 23.01
N GLN F 50 -9.41 19.92 23.46
CA GLN F 50 -8.02 20.28 23.20
C GLN F 50 -7.69 20.32 21.71
N ALA F 51 -8.58 19.79 20.86
CA ALA F 51 -8.32 19.69 19.43
C ALA F 51 -8.82 20.89 18.64
N LEU F 52 -9.55 21.82 19.27
CA LEU F 52 -10.03 23.03 18.60
C LEU F 52 -9.61 24.29 19.36
N LYS F 53 -8.65 24.18 20.27
CA LYS F 53 -8.13 25.32 21.03
C LYS F 53 -9.25 26.05 21.76
N ARG F 59 -11.09 24.60 34.63
CA ARG F 59 -12.10 23.85 35.36
C ARG F 59 -11.74 22.37 35.42
N PRO F 60 -12.04 21.73 36.55
CA PRO F 60 -11.88 20.27 36.62
C PRO F 60 -12.72 19.62 35.52
N ASP F 61 -12.21 18.51 34.99
CA ASP F 61 -12.85 17.92 33.82
C ASP F 61 -14.26 17.45 34.12
N ASP F 62 -14.53 17.00 35.35
CA ASP F 62 -15.88 16.61 35.70
C ASP F 62 -16.86 17.77 35.61
N PHE F 63 -16.38 19.02 35.71
CA PHE F 63 -17.31 20.14 35.84
C PHE F 63 -18.07 20.38 34.56
N TYR F 64 -17.37 20.53 33.44
CA TYR F 64 -18.08 20.86 32.21
C TYR F 64 -18.90 19.69 31.71
N ALA F 65 -18.44 18.45 31.95
CA ALA F 65 -19.27 17.34 31.54
C ALA F 65 -20.59 17.35 32.31
N GLU F 66 -20.53 17.63 33.60
CA GLU F 66 -21.76 17.75 34.38
C GLU F 66 -22.59 18.93 33.89
N HIS F 67 -21.92 20.03 33.57
CA HIS F 67 -22.63 21.20 33.05
C HIS F 67 -23.37 20.86 31.78
N LEU F 68 -22.69 20.17 30.87
CA LEU F 68 -23.26 19.84 29.56
C LEU F 68 -24.41 18.85 29.67
N LEU F 69 -24.27 17.86 30.54
CA LEU F 69 -25.31 16.85 30.75
C LEU F 69 -26.48 17.38 31.56
N GLN F 70 -26.36 18.56 32.17
CA GLN F 70 -27.48 19.13 32.89
C GLN F 70 -28.16 20.24 32.08
N ASP F 71 -27.76 20.45 30.84
CA ASP F 71 -28.43 21.37 29.91
C ASP F 71 -29.49 20.54 29.20
N ARG F 72 -30.76 20.73 29.54
CA ARG F 72 -31.78 19.84 28.96
C ARG F 72 -32.15 20.18 27.52
N ALA F 73 -31.49 21.17 26.89
CA ALA F 73 -31.59 21.32 25.44
C ALA F 73 -30.56 20.48 24.72
N ALA F 74 -29.37 20.29 25.29
CA ALA F 74 -28.33 19.51 24.65
C ALA F 74 -28.47 18.06 25.07
N GLU F 75 -28.13 17.17 24.16
CA GLU F 75 -28.13 15.75 24.47
C GLU F 75 -26.86 15.15 23.89
N ALA F 76 -26.45 14.02 24.41
CA ALA F 76 -25.23 13.42 23.94
C ALA F 76 -25.43 11.92 23.79
N LEU F 77 -25.09 11.40 22.62
CA LEU F 77 -25.06 9.97 22.39
C LEU F 77 -23.63 9.48 22.59
N GLY F 78 -23.48 8.38 23.31
CA GLY F 78 -22.18 7.81 23.59
C GLY F 78 -22.02 6.44 22.99
N ALA F 79 -20.79 6.12 22.62
CA ALA F 79 -20.43 4.79 22.11
C ALA F 79 -19.53 4.11 23.13
N ARG F 80 -19.91 2.91 23.52
CA ARG F 80 -19.14 2.14 24.48
C ARG F 80 -18.56 0.93 23.75
N VAL F 81 -17.28 0.67 24.01
CA VAL F 81 -16.57 -0.49 23.51
C VAL F 81 -16.01 -1.21 24.72
N ASP F 82 -16.37 -2.49 24.87
CA ASP F 82 -15.97 -3.31 26.02
C ASP F 82 -16.29 -2.59 27.32
N GLY F 83 -17.45 -1.92 27.35
CA GLY F 83 -17.88 -1.18 28.52
C GLY F 83 -17.27 0.20 28.67
N ASN F 84 -16.22 0.53 27.91
CA ASN F 84 -15.53 1.80 28.04
C ASN F 84 -16.08 2.81 27.03
N LEU F 85 -16.32 4.03 27.51
CA LEU F 85 -16.81 5.10 26.66
C LEU F 85 -15.69 5.58 25.74
N VAL F 86 -15.89 5.45 24.42
CA VAL F 86 -14.85 5.78 23.45
C VAL F 86 -15.33 6.74 22.36
N GLY F 87 -16.58 7.19 22.40
CA GLY F 87 -17.04 8.13 21.40
C GLY F 87 -18.29 8.84 21.84
N PHE F 88 -18.55 9.98 21.21
CA PHE F 88 -19.77 10.72 21.49
C PHE F 88 -20.14 11.60 20.31
N VAL F 89 -21.42 11.98 20.28
CA VAL F 89 -21.93 13.01 19.42
C VAL F 89 -22.86 13.86 20.27
N ILE F 90 -22.67 15.17 20.24
CA ILE F 90 -23.49 16.11 20.99
C ILE F 90 -24.52 16.69 20.03
N PHE F 91 -25.80 16.62 20.38
CA PHE F 91 -26.83 17.05 19.45
C PHE F 91 -27.94 17.81 20.17
N TYR F 92 -28.68 18.60 19.39
CA TYR F 92 -29.81 19.38 19.88
C TYR F 92 -31.09 18.96 19.18
N ASP F 93 -32.18 18.83 19.96
CA ASP F 93 -33.52 18.56 19.43
C ASP F 93 -34.27 19.89 19.44
N LEU F 94 -34.33 20.57 18.27
CA LEU F 94 -34.78 21.97 18.18
C LEU F 94 -36.10 22.12 17.43
N PRO F 95 -36.86 23.19 17.71
CA PRO F 95 -38.05 23.46 16.90
C PRO F 95 -37.62 23.86 15.49
N GLU F 96 -38.46 23.52 14.51
CA GLU F 96 -38.23 23.92 13.13
C GLU F 96 -39.41 24.77 12.65
N PRO F 97 -39.33 26.10 12.81
CA PRO F 97 -40.48 26.96 12.49
C PRO F 97 -40.89 27.00 11.02
N VAL F 98 -40.01 26.68 10.07
CA VAL F 98 -40.39 26.77 8.66
C VAL F 98 -41.45 25.73 8.32
N THR F 99 -41.19 24.46 8.66
CA THR F 99 -42.12 23.38 8.40
C THR F 99 -43.09 23.13 9.55
N GLY F 100 -42.83 23.70 10.72
CA GLY F 100 -43.66 23.46 11.89
C GLY F 100 -43.42 22.16 12.62
N LEU F 101 -42.40 21.39 12.23
CA LEU F 101 -42.00 20.16 12.91
C LEU F 101 -40.77 20.45 13.77
N ARG F 102 -40.00 19.42 14.12
CA ARG F 102 -38.75 19.60 14.84
C ARG F 102 -37.59 19.13 13.97
N ALA F 103 -36.36 19.40 14.42
CA ALA F 103 -35.17 18.96 13.71
C ALA F 103 -34.00 18.78 14.68
N GLY F 104 -33.12 17.82 14.35
CA GLY F 104 -31.89 17.60 15.11
C GLY F 104 -30.72 18.38 14.53
N GLN F 105 -29.79 18.75 15.41
CA GLN F 105 -28.60 19.51 15.01
C GLN F 105 -27.40 18.94 15.73
N VAL F 106 -26.39 18.52 14.96
CA VAL F 106 -25.15 17.97 15.47
C VAL F 106 -24.07 19.01 15.28
N ASP F 107 -23.40 19.38 16.39
CA ASP F 107 -22.26 20.28 16.34
C ASP F 107 -20.93 19.62 16.70
N HIS F 108 -20.95 18.45 17.34
CA HIS F 108 -19.70 17.86 17.81
C HIS F 108 -19.74 16.35 17.71
N ILE F 109 -18.71 15.79 17.11
CA ILE F 109 -18.52 14.36 17.04
C ILE F 109 -17.08 14.05 17.42
N TYR F 110 -16.89 12.93 18.12
CA TYR F 110 -15.54 12.59 18.54
C TYR F 110 -15.45 11.12 18.84
N VAL F 111 -14.36 10.49 18.38
CA VAL F 111 -14.02 9.11 18.70
C VAL F 111 -12.64 9.09 19.31
N HIS F 112 -12.51 8.36 20.42
CA HIS F 112 -11.24 8.19 21.11
C HIS F 112 -10.14 7.76 20.14
N HIS F 113 -8.93 8.28 20.35
CA HIS F 113 -7.85 8.11 19.38
C HIS F 113 -7.41 6.66 19.22
N ASP F 114 -7.68 5.79 20.20
CA ASP F 114 -7.34 4.37 20.07
C ASP F 114 -8.44 3.54 19.41
N HIS F 115 -9.54 4.16 18.99
CA HIS F 115 -10.67 3.42 18.45
C HIS F 115 -11.12 3.98 17.10
N ARG F 116 -10.22 4.67 16.39
CA ARG F 116 -10.51 5.14 15.05
C ARG F 116 -10.52 3.97 14.07
N GLY F 117 -11.02 4.23 12.88
CA GLY F 117 -11.02 3.26 11.80
C GLY F 117 -11.94 2.08 11.97
N LYS F 118 -12.92 2.18 12.87
CA LYS F 118 -13.88 1.11 13.10
C LYS F 118 -15.31 1.55 12.79
N GLY F 119 -15.49 2.72 12.16
CA GLY F 119 -16.81 3.20 11.83
C GLY F 119 -17.65 3.69 12.99
N ILE F 120 -17.04 3.98 14.14
CA ILE F 120 -17.83 4.38 15.29
C ILE F 120 -18.51 5.72 15.04
N ALA F 121 -17.81 6.67 14.41
CA ALA F 121 -18.42 7.97 14.17
C ALA F 121 -19.67 7.85 13.28
N LYS F 122 -19.56 7.10 12.17
CA LYS F 122 -20.74 6.86 11.33
C LYS F 122 -21.83 6.13 12.09
N ALA F 123 -21.47 5.16 12.95
CA ALA F 123 -22.49 4.46 13.73
C ALA F 123 -23.22 5.44 14.64
N LEU F 124 -22.51 6.43 15.17
CA LEU F 124 -23.15 7.44 16.00
C LEU F 124 -24.17 8.24 15.19
N ILE F 125 -23.81 8.64 13.96
CA ILE F 125 -24.76 9.42 13.15
C ILE F 125 -25.95 8.54 12.73
N ASP F 126 -25.68 7.26 12.43
CA ASP F 126 -26.73 6.36 11.98
C ASP F 126 -27.77 6.16 13.07
N VAL F 127 -27.33 5.90 14.31
CA VAL F 127 -28.30 5.77 15.40
C VAL F 127 -29.09 7.06 15.57
N LEU F 128 -28.40 8.20 15.50
CA LEU F 128 -29.08 9.49 15.62
C LEU F 128 -30.09 9.67 14.51
N ALA F 129 -29.71 9.36 13.28
CA ALA F 129 -30.65 9.45 12.17
C ALA F 129 -31.87 8.55 12.38
N ASP F 130 -31.71 7.46 13.11
CA ASP F 130 -32.78 6.50 13.37
CA ASP F 130 -32.80 6.51 13.36
C ASP F 130 -33.75 6.98 14.45
N LYS F 131 -33.51 8.14 15.06
CA LYS F 131 -34.44 8.71 16.02
C LYS F 131 -35.45 9.66 15.36
N ALA F 132 -35.31 9.88 14.05
CA ALA F 132 -36.09 10.89 13.36
C ALA F 132 -37.59 10.74 13.59
N GLU F 133 -38.11 9.52 13.40
CA GLU F 133 -39.55 9.32 13.53
C GLU F 133 -40.02 9.49 14.96
N GLU F 134 -39.25 8.99 15.94
CA GLU F 134 -39.63 9.17 17.34
C GLU F 134 -39.76 10.64 17.70
N ARG F 135 -38.87 11.48 17.17
CA ARG F 135 -38.86 12.89 17.53
C ARG F 135 -39.52 13.80 16.51
N SER F 136 -40.09 13.24 15.43
CA SER F 136 -40.70 14.01 14.35
C SER F 136 -39.72 15.03 13.74
N TRP F 137 -38.51 14.56 13.47
CA TRP F 137 -37.53 15.41 12.80
C TRP F 137 -37.78 15.39 11.31
N SER F 138 -37.87 16.57 10.70
CA SER F 138 -37.85 16.59 9.24
C SER F 138 -36.44 16.47 8.71
N LYS F 139 -35.43 16.76 9.54
CA LYS F 139 -34.05 16.72 9.07
C LYS F 139 -33.13 16.65 10.28
N LEU F 140 -31.89 16.25 9.99
CA LEU F 140 -30.78 16.25 10.94
C LEU F 140 -29.70 17.11 10.32
N VAL F 141 -29.38 18.24 10.95
CA VAL F 141 -28.32 19.14 10.49
C VAL F 141 -26.98 18.69 11.08
N LEU F 142 -25.95 18.63 10.23
CA LEU F 142 -24.60 18.25 10.65
C LEU F 142 -23.65 19.42 10.41
N ASN F 143 -23.07 19.96 11.48
CA ASN F 143 -22.12 21.07 11.38
C ASN F 143 -20.72 20.58 11.67
N ALA F 144 -19.81 20.78 10.72
CA ALA F 144 -18.46 20.27 10.90
C ALA F 144 -17.50 21.43 11.15
N PRO F 145 -16.92 21.54 12.33
CA PRO F 145 -15.92 22.57 12.55
C PRO F 145 -14.71 22.33 11.66
N ARG F 146 -13.90 23.39 11.50
CA ARG F 146 -12.71 23.30 10.66
C ARG F 146 -11.72 22.24 11.17
N VAL F 147 -11.46 22.21 12.47
CA VAL F 147 -10.62 21.18 13.10
C VAL F 147 -11.36 20.64 14.31
N PRO F 148 -11.27 19.31 14.58
CA PRO F 148 -10.62 18.33 13.70
C PRO F 148 -11.44 18.01 12.47
N GLU F 149 -10.75 17.61 11.40
CA GLU F 149 -11.36 17.43 10.10
C GLU F 149 -12.27 16.21 10.01
N ASP F 150 -12.32 15.37 11.06
CA ASP F 150 -12.99 14.06 10.97
C ASP F 150 -14.48 14.20 10.69
N GLY F 151 -15.16 15.13 11.35
CA GLY F 151 -16.58 15.33 11.07
C GLY F 151 -16.80 15.71 9.61
N ARG F 152 -16.05 16.68 9.13
CA ARG F 152 -16.19 17.10 7.74
C ARG F 152 -15.97 15.92 6.80
N LYS F 153 -14.89 15.16 6.99
CA LYS F 153 -14.62 14.09 6.06
C LYS F 153 -15.70 13.01 6.09
N LEU F 154 -16.30 12.76 7.24
CA LEU F 154 -17.42 11.84 7.30
C LEU F 154 -18.67 12.45 6.66
N TYR F 155 -19.05 13.67 7.07
CA TYR F 155 -20.34 14.26 6.68
C TYR F 155 -20.42 14.48 5.17
N GLU F 156 -19.32 14.88 4.55
CA GLU F 156 -19.43 15.15 3.12
C GLU F 156 -19.69 13.89 2.30
N GLN F 157 -19.41 12.67 2.83
CA GLN F 157 -19.75 11.44 2.12
C GLN F 157 -21.11 10.87 2.48
N ILE F 158 -21.66 11.21 3.64
CA ILE F 158 -22.87 10.56 4.09
C ILE F 158 -24.08 11.50 4.12
N ALA F 159 -23.91 12.78 3.80
CA ALA F 159 -24.99 13.74 3.90
C ALA F 159 -24.90 14.73 2.74
N ALA F 160 -25.99 15.48 2.50
CA ALA F 160 -26.00 16.46 1.42
C ALA F 160 -25.37 17.77 1.86
N ALA F 161 -24.69 18.43 0.93
CA ALA F 161 -24.18 19.78 1.24
C ALA F 161 -25.34 20.70 1.60
N ALA F 162 -25.13 21.52 2.61
CA ALA F 162 -26.18 22.44 3.05
C ALA F 162 -26.44 23.51 1.99
N ASP F 163 -27.67 24.00 1.94
CA ASP F 163 -27.94 25.05 0.97
C ASP F 163 -28.10 26.42 1.63
N TRP F 164 -27.99 26.52 2.95
CA TRP F 164 -27.92 27.78 3.66
C TRP F 164 -26.47 28.24 3.80
N SER F 165 -26.30 29.46 4.30
CA SER F 165 -25.00 30.05 4.54
C SER F 165 -24.92 30.58 5.97
N SER F 166 -23.69 30.70 6.50
CA SER F 166 -23.49 30.97 7.90
C SER F 166 -22.41 32.04 8.17
N TYR F 167 -22.57 32.67 9.33
CA TYR F 167 -21.78 33.82 9.71
C TYR F 167 -21.59 33.75 11.22
N VAL F 168 -20.68 34.58 11.73
CA VAL F 168 -20.39 34.59 13.15
C VAL F 168 -19.99 36.01 13.53
N ILE F 169 -20.45 36.43 14.71
CA ILE F 169 -19.93 37.61 15.37
C ILE F 169 -19.20 37.13 16.62
N ARG F 170 -17.93 37.48 16.75
CA ARG F 170 -17.08 37.03 17.85
C ARG F 170 -16.94 38.09 18.92
N PHE F 171 -16.83 37.63 20.16
CA PHE F 171 -16.72 38.52 21.31
C PHE F 171 -15.38 38.28 22.02
N GLY F 172 -14.93 39.31 22.73
CA GLY F 172 -13.66 39.21 23.45
C GLY F 172 -12.45 39.09 22.54
N HIS G 26 -25.73 58.79 -34.85
CA HIS G 26 -26.57 58.33 -33.75
C HIS G 26 -25.85 57.33 -32.85
N ALA G 27 -26.09 56.05 -33.09
CA ALA G 27 -25.66 54.98 -32.21
C ALA G 27 -24.15 54.74 -32.27
N VAL G 28 -23.71 53.55 -31.88
CA VAL G 28 -22.32 53.23 -31.61
C VAL G 28 -21.78 52.38 -32.75
N ASP G 29 -20.70 52.83 -33.37
CA ASP G 29 -20.04 52.05 -34.42
C ASP G 29 -18.99 51.14 -33.81
N ILE G 30 -19.13 49.84 -34.04
CA ILE G 30 -18.20 48.84 -33.50
C ILE G 30 -17.46 48.19 -34.66
N ALA G 31 -16.13 48.19 -34.58
CA ALA G 31 -15.30 47.65 -35.66
C ALA G 31 -13.96 47.17 -35.11
N LEU G 32 -13.37 46.17 -35.75
CA LEU G 32 -12.08 45.67 -35.32
C LEU G 32 -11.01 46.75 -35.46
N LEU G 33 -10.12 46.82 -34.48
CA LEU G 33 -8.99 47.74 -34.56
C LEU G 33 -7.84 47.15 -35.35
N HIS G 34 -7.15 48.01 -36.09
CA HIS G 34 -5.98 47.69 -36.88
C HIS G 34 -4.85 48.62 -36.47
N LEU G 35 -3.70 48.48 -37.14
CA LEU G 35 -2.52 49.23 -36.72
C LEU G 35 -2.74 50.74 -36.82
N ARG G 36 -3.45 51.19 -37.86
CA ARG G 36 -3.77 52.61 -38.01
C ARG G 36 -4.46 53.17 -36.77
N ASP G 37 -5.14 52.31 -36.01
CA ASP G 37 -5.92 52.78 -34.87
C ASP G 37 -5.11 52.91 -33.59
N ALA G 38 -3.80 52.62 -33.67
CA ALA G 38 -2.97 52.54 -32.47
C ALA G 38 -2.92 53.87 -31.72
N HIS G 39 -2.82 54.98 -32.44
CA HIS G 39 -2.69 56.27 -31.76
C HIS G 39 -3.90 56.59 -30.89
N GLU G 40 -5.11 56.37 -31.41
CA GLU G 40 -6.29 56.63 -30.60
C GLU G 40 -6.45 55.58 -29.52
N PHE G 41 -6.02 54.35 -29.80
CA PHE G 41 -6.19 53.26 -28.87
C PHE G 41 -5.30 53.43 -27.64
N ALA G 42 -4.12 54.04 -27.84
CA ALA G 42 -3.13 54.12 -26.77
C ALA G 42 -3.65 54.75 -25.49
N PRO G 43 -4.25 55.96 -25.50
CA PRO G 43 -4.70 56.51 -24.21
C PRO G 43 -5.82 55.70 -23.58
N LEU G 44 -6.68 55.09 -24.38
CA LEU G 44 -7.70 54.21 -23.81
C LEU G 44 -7.05 52.99 -23.13
N LEU G 45 -6.08 52.37 -23.80
CA LEU G 45 -5.42 51.22 -23.20
C LEU G 45 -4.66 51.61 -21.93
N ALA G 46 -3.99 52.77 -21.95
CA ALA G 46 -3.25 53.20 -20.77
C ALA G 46 -4.19 53.47 -19.60
N SER G 47 -5.34 54.10 -19.89
CA SER G 47 -6.32 54.36 -18.84
C SER G 47 -6.88 53.06 -18.27
N TYR G 48 -7.13 52.06 -19.11
CA TYR G 48 -7.57 50.75 -18.60
C TYR G 48 -6.50 50.10 -17.73
N ALA G 49 -5.25 50.14 -18.18
CA ALA G 49 -4.17 49.53 -17.41
C ALA G 49 -4.01 50.17 -16.04
N GLN G 50 -4.48 51.41 -15.86
CA GLN G 50 -4.34 52.09 -14.58
C GLN G 50 -5.21 51.44 -13.51
N ALA G 51 -6.46 51.12 -13.84
CA ALA G 51 -7.37 50.53 -12.85
C ALA G 51 -6.88 49.17 -12.39
N LEU G 52 -6.30 48.39 -13.30
CA LEU G 52 -5.69 47.11 -12.98
C LEU G 52 -4.24 47.25 -12.52
N LYS G 53 -3.73 48.47 -12.43
CA LYS G 53 -2.33 48.75 -12.07
C LYS G 53 -1.36 47.98 -12.97
N PRO G 60 6.96 54.89 -25.79
CA PRO G 60 6.09 55.79 -25.03
C PRO G 60 4.71 55.20 -24.76
N ASP G 61 3.67 55.91 -25.22
CA ASP G 61 2.29 55.48 -25.07
C ASP G 61 1.75 54.74 -26.29
N ASP G 62 2.08 55.23 -27.49
CA ASP G 62 1.65 54.59 -28.73
C ASP G 62 2.43 53.33 -29.03
N PHE G 63 3.61 53.14 -28.42
CA PHE G 63 4.46 52.03 -28.81
C PHE G 63 3.84 50.69 -28.42
N TYR G 64 3.39 50.55 -27.17
CA TYR G 64 2.86 49.25 -26.77
C TYR G 64 1.57 48.95 -27.51
N ALA G 65 0.77 49.97 -27.81
CA ALA G 65 -0.47 49.74 -28.53
C ALA G 65 -0.18 49.15 -29.90
N GLU G 66 0.90 49.61 -30.55
CA GLU G 66 1.28 49.03 -31.83
C GLU G 66 1.68 47.56 -31.68
N HIS G 67 2.43 47.23 -30.61
CA HIS G 67 2.79 45.83 -30.38
C HIS G 67 1.54 44.98 -30.24
N LEU G 68 0.58 45.47 -29.46
CA LEU G 68 -0.65 44.72 -29.19
C LEU G 68 -1.49 44.54 -30.46
N LEU G 69 -1.58 45.57 -31.30
CA LEU G 69 -2.40 45.46 -32.52
C LEU G 69 -1.73 44.66 -33.63
N GLN G 70 -0.44 44.36 -33.52
CA GLN G 70 0.23 43.51 -34.49
C GLN G 70 0.39 42.08 -34.00
N ASP G 71 -0.27 41.72 -32.90
CA ASP G 71 -0.13 40.39 -32.33
C ASP G 71 -0.98 39.37 -33.08
N ARG G 72 -0.40 38.18 -33.28
CA ARG G 72 -1.05 37.16 -34.10
C ARG G 72 -2.17 36.43 -33.38
N ALA G 73 -2.24 36.47 -32.05
CA ALA G 73 -3.36 35.90 -31.33
C ALA G 73 -4.39 36.92 -30.86
N ALA G 74 -3.95 38.12 -30.48
CA ALA G 74 -4.86 39.09 -29.91
C ALA G 74 -5.54 39.90 -31.00
N GLU G 75 -6.80 40.24 -30.76
CA GLU G 75 -7.54 41.12 -31.65
C GLU G 75 -8.32 42.08 -30.77
N ALA G 76 -8.68 43.23 -31.35
CA ALA G 76 -9.37 44.23 -30.56
C ALA G 76 -10.55 44.76 -31.34
N LEU G 77 -11.72 44.75 -30.70
CA LEU G 77 -12.92 45.37 -31.21
C LEU G 77 -13.04 46.74 -30.58
N GLY G 78 -13.31 47.75 -31.38
CA GLY G 78 -13.41 49.11 -30.89
C GLY G 78 -14.82 49.66 -31.02
N ALA G 79 -15.20 50.51 -30.08
CA ALA G 79 -16.48 51.19 -30.11
C ALA G 79 -16.20 52.67 -30.28
N ARG G 80 -16.79 53.28 -31.31
CA ARG G 80 -16.64 54.70 -31.62
C ARG G 80 -17.96 55.41 -31.41
N VAL G 81 -17.88 56.58 -30.80
CA VAL G 81 -19.02 57.46 -30.58
C VAL G 81 -18.69 58.79 -31.20
N ASP G 82 -19.52 59.23 -32.14
CA ASP G 82 -19.27 60.48 -32.87
C ASP G 82 -17.86 60.45 -33.47
N GLY G 83 -17.46 59.27 -33.94
CA GLY G 83 -16.16 59.09 -34.53
C GLY G 83 -15.02 58.87 -33.55
N ASN G 84 -15.24 59.11 -32.26
CA ASN G 84 -14.16 59.04 -31.28
C ASN G 84 -14.16 57.65 -30.67
N LEU G 85 -12.96 57.07 -30.56
CA LEU G 85 -12.83 55.77 -29.96
C LEU G 85 -13.02 55.90 -28.44
N VAL G 86 -14.05 55.24 -27.92
CA VAL G 86 -14.42 55.39 -26.52
C VAL G 86 -14.49 54.07 -25.78
N GLY G 87 -14.23 52.94 -26.42
CA GLY G 87 -14.29 51.65 -25.75
C GLY G 87 -13.58 50.58 -26.55
N PHE G 88 -13.24 49.49 -25.86
CA PHE G 88 -12.61 48.38 -26.57
C PHE G 88 -12.84 47.07 -25.82
N VAL G 89 -12.69 45.97 -26.56
CA VAL G 89 -12.60 44.65 -25.97
C VAL G 89 -11.47 43.90 -26.66
N ILE G 90 -10.62 43.25 -25.87
CA ILE G 90 -9.50 42.45 -26.36
C ILE G 90 -9.87 40.97 -26.27
N PHE G 91 -9.73 40.24 -27.37
CA PHE G 91 -10.15 38.85 -27.40
C PHE G 91 -9.17 38.02 -28.21
N TYR G 92 -9.24 36.71 -28.02
CA TYR G 92 -8.41 35.74 -28.73
C TYR G 92 -9.30 34.73 -29.45
N ASP G 93 -8.94 34.40 -30.69
CA ASP G 93 -9.59 33.33 -31.43
C ASP G 93 -8.66 32.12 -31.26
N LEU G 94 -8.95 31.25 -30.30
CA LEU G 94 -8.00 30.20 -29.92
C LEU G 94 -8.50 28.81 -30.29
N PRO G 95 -7.60 27.89 -30.59
CA PRO G 95 -8.04 26.53 -30.91
C PRO G 95 -8.68 25.88 -29.71
N GLU G 96 -9.61 24.97 -29.99
CA GLU G 96 -10.22 24.18 -28.92
C GLU G 96 -9.75 22.76 -29.17
N PRO G 97 -8.67 22.33 -28.52
CA PRO G 97 -8.04 21.04 -28.88
C PRO G 97 -8.94 19.84 -28.62
N VAL G 98 -9.86 19.92 -27.66
CA VAL G 98 -10.71 18.78 -27.37
C VAL G 98 -11.59 18.47 -28.58
N THR G 99 -12.29 19.49 -29.09
CA THR G 99 -13.18 19.34 -30.23
C THR G 99 -12.49 19.63 -31.57
N GLY G 100 -11.33 20.26 -31.58
CA GLY G 100 -10.77 20.63 -32.86
C GLY G 100 -11.39 21.86 -33.50
N LEU G 101 -12.26 22.57 -32.79
CA LEU G 101 -12.87 23.77 -33.29
C LEU G 101 -12.14 24.99 -32.71
N ARG G 102 -12.76 26.16 -32.79
CA ARG G 102 -12.20 27.35 -32.15
C ARG G 102 -13.14 27.83 -31.05
N ALA G 103 -12.62 28.73 -30.24
CA ALA G 103 -13.40 29.38 -29.20
C ALA G 103 -12.81 30.75 -29.00
N GLY G 104 -13.67 31.72 -28.68
CA GLY G 104 -13.23 33.05 -28.38
C GLY G 104 -12.99 33.23 -26.88
N GLN G 105 -12.04 34.09 -26.54
CA GLN G 105 -11.68 34.34 -25.16
C GLN G 105 -11.48 35.83 -24.98
N VAL G 106 -12.22 36.42 -24.05
CA VAL G 106 -12.17 37.83 -23.72
C VAL G 106 -11.52 37.97 -22.36
N ASP G 107 -10.43 38.75 -22.29
CA ASP G 107 -9.80 39.06 -21.02
C ASP G 107 -9.94 40.52 -20.60
N HIS G 108 -10.28 41.44 -21.52
CA HIS G 108 -10.26 42.87 -21.20
C HIS G 108 -11.37 43.61 -21.95
N ILE G 109 -12.14 44.38 -21.19
CA ILE G 109 -13.18 45.24 -21.73
C ILE G 109 -13.08 46.58 -21.01
N TYR G 110 -13.29 47.66 -21.76
CA TYR G 110 -13.17 48.98 -21.16
C TYR G 110 -13.97 49.99 -21.96
N VAL G 111 -14.71 50.84 -21.25
CA VAL G 111 -15.47 51.93 -21.82
C VAL G 111 -15.02 53.21 -21.14
N HIS G 112 -14.71 54.24 -21.94
CA HIS G 112 -14.29 55.52 -21.42
C HIS G 112 -15.26 56.02 -20.36
N HIS G 113 -14.72 56.63 -19.31
CA HIS G 113 -15.54 56.97 -18.15
C HIS G 113 -16.63 57.99 -18.47
N ASP G 114 -16.47 58.77 -19.54
CA ASP G 114 -17.52 59.71 -19.95
C ASP G 114 -18.57 59.08 -20.85
N HIS G 115 -18.45 57.79 -21.17
CA HIS G 115 -19.42 57.16 -22.06
C HIS G 115 -19.98 55.88 -21.45
N ARG G 116 -19.89 55.74 -20.13
CA ARG G 116 -20.50 54.65 -19.39
C ARG G 116 -22.00 54.86 -19.27
N GLY G 117 -22.70 53.78 -18.93
CA GLY G 117 -24.14 53.81 -18.76
C GLY G 117 -24.96 53.90 -20.03
N LYS G 118 -24.37 53.56 -21.19
CA LYS G 118 -25.06 53.58 -22.49
C LYS G 118 -25.08 52.22 -23.17
N GLY G 119 -24.72 51.15 -22.48
CA GLY G 119 -24.70 49.81 -23.06
C GLY G 119 -23.54 49.50 -24.00
N ILE G 120 -22.46 50.29 -23.99
CA ILE G 120 -21.38 50.03 -24.93
C ILE G 120 -20.67 48.73 -24.61
N ALA G 121 -20.44 48.44 -23.33
CA ALA G 121 -19.77 47.20 -22.97
C ALA G 121 -20.56 45.99 -23.49
N LYS G 122 -21.87 45.96 -23.25
CA LYS G 122 -22.70 44.86 -23.74
C LYS G 122 -22.74 44.80 -25.27
N ALA G 123 -22.81 45.96 -25.93
CA ALA G 123 -22.78 45.95 -27.40
C ALA G 123 -21.47 45.38 -27.93
N LEU G 124 -20.36 45.63 -27.23
CA LEU G 124 -19.10 45.03 -27.66
C LEU G 124 -19.19 43.51 -27.56
N ILE G 125 -19.71 42.99 -26.43
CA ILE G 125 -19.82 41.55 -26.27
C ILE G 125 -20.80 40.94 -27.27
N ASP G 126 -21.92 41.65 -27.55
CA ASP G 126 -22.90 41.14 -28.50
C ASP G 126 -22.33 41.04 -29.92
N VAL G 127 -21.61 42.06 -30.38
CA VAL G 127 -20.98 41.98 -31.70
C VAL G 127 -19.99 40.81 -31.74
N LEU G 128 -19.27 40.58 -30.65
CA LEU G 128 -18.31 39.48 -30.60
C LEU G 128 -19.02 38.13 -30.67
N ALA G 129 -20.11 37.98 -29.92
CA ALA G 129 -20.88 36.75 -29.95
C ALA G 129 -21.42 36.46 -31.36
N ASP G 130 -21.74 37.51 -32.13
CA ASP G 130 -22.25 37.28 -33.47
C ASP G 130 -21.20 36.76 -34.43
N LYS G 131 -19.92 37.01 -34.16
CA LYS G 131 -18.83 36.43 -34.94
C LYS G 131 -18.70 34.92 -34.75
N ALA G 132 -19.44 34.32 -33.81
CA ALA G 132 -19.25 32.89 -33.50
C ALA G 132 -19.42 32.01 -34.73
N GLU G 133 -20.46 32.25 -35.52
CA GLU G 133 -20.68 31.44 -36.71
C GLU G 133 -19.56 31.64 -37.72
N GLU G 134 -19.14 32.90 -37.95
CA GLU G 134 -18.03 33.17 -38.86
C GLU G 134 -16.74 32.50 -38.41
N ARG G 135 -16.50 32.43 -37.09
CA ARG G 135 -15.23 31.90 -36.58
C ARG G 135 -15.32 30.43 -36.19
N SER G 136 -16.49 29.81 -36.32
CA SER G 136 -16.74 28.45 -35.85
C SER G 136 -16.43 28.32 -34.36
N TRP G 137 -16.91 29.28 -33.60
CA TRP G 137 -16.76 29.21 -32.15
C TRP G 137 -17.85 28.33 -31.57
N SER G 138 -17.46 27.39 -30.73
CA SER G 138 -18.43 26.66 -29.93
C SER G 138 -18.80 27.43 -28.67
N LYS G 139 -17.96 28.37 -28.24
CA LYS G 139 -18.20 29.13 -27.03
C LYS G 139 -17.39 30.41 -27.06
N LEU G 140 -17.79 31.35 -26.20
CA LEU G 140 -17.05 32.59 -25.95
C LEU G 140 -16.82 32.64 -24.45
N VAL G 141 -15.58 32.54 -24.03
CA VAL G 141 -15.20 32.60 -22.63
C VAL G 141 -15.02 34.07 -22.25
N LEU G 142 -15.55 34.46 -21.10
CA LEU G 142 -15.46 35.80 -20.59
C LEU G 142 -14.73 35.75 -19.26
N ASN G 143 -13.56 36.40 -19.19
CA ASN G 143 -12.75 36.47 -17.98
C ASN G 143 -12.83 37.89 -17.44
N ALA G 144 -13.30 38.05 -16.21
CA ALA G 144 -13.44 39.38 -15.65
C ALA G 144 -12.46 39.57 -14.48
N PRO G 145 -11.57 40.56 -14.57
CA PRO G 145 -10.64 40.80 -13.47
C PRO G 145 -11.39 41.28 -12.24
N ARG G 146 -10.72 41.20 -11.09
CA ARG G 146 -11.38 41.60 -9.85
C ARG G 146 -11.80 43.07 -9.90
N VAL G 147 -10.90 43.94 -10.38
CA VAL G 147 -11.15 45.36 -10.59
C VAL G 147 -10.74 45.68 -12.03
N PRO G 148 -11.44 46.57 -12.72
CA PRO G 148 -12.68 47.19 -12.26
C PRO G 148 -13.85 46.20 -12.32
N GLU G 149 -14.84 46.41 -11.45
CA GLU G 149 -15.91 45.45 -11.28
C GLU G 149 -16.89 45.40 -12.47
N ASP G 150 -16.76 46.32 -13.44
CA ASP G 150 -17.79 46.43 -14.47
C ASP G 150 -17.90 45.16 -15.29
N GLY G 151 -16.77 44.57 -15.63
CA GLY G 151 -16.80 43.35 -16.42
C GLY G 151 -17.61 42.27 -15.72
N ARG G 152 -17.29 42.02 -14.45
CA ARG G 152 -17.98 41.00 -13.68
C ARG G 152 -19.47 41.30 -13.60
N LYS G 153 -19.83 42.55 -13.28
CA LYS G 153 -21.23 42.88 -13.10
C LYS G 153 -22.02 42.66 -14.39
N LEU G 154 -21.40 42.89 -15.55
CA LEU G 154 -22.04 42.60 -16.83
C LEU G 154 -22.08 41.10 -17.11
N TYR G 155 -20.93 40.41 -16.99
CA TYR G 155 -20.84 39.01 -17.44
C TYR G 155 -21.77 38.10 -16.64
N GLU G 156 -21.92 38.34 -15.34
CA GLU G 156 -22.73 37.40 -14.59
C GLU G 156 -24.21 37.50 -14.93
N GLN G 157 -24.67 38.60 -15.53
CA GLN G 157 -26.07 38.65 -15.98
C GLN G 157 -26.24 38.17 -17.41
N ILE G 158 -25.20 38.19 -18.24
CA ILE G 158 -25.37 37.89 -19.66
C ILE G 158 -24.72 36.56 -20.07
N ALA G 159 -24.10 35.81 -19.14
CA ALA G 159 -23.40 34.58 -19.47
C ALA G 159 -23.50 33.59 -18.32
N ALA G 160 -23.16 32.34 -18.59
CA ALA G 160 -23.20 31.30 -17.57
C ALA G 160 -21.92 31.27 -16.75
N ALA G 161 -22.05 30.98 -15.46
CA ALA G 161 -20.89 30.83 -14.62
C ALA G 161 -20.02 29.70 -15.17
N ALA G 162 -18.71 29.93 -15.16
CA ALA G 162 -17.77 28.96 -15.69
C ALA G 162 -17.74 27.73 -14.79
N ASP G 163 -17.50 26.56 -15.36
CA ASP G 163 -17.40 25.39 -14.49
C ASP G 163 -15.98 24.89 -14.33
N TRP G 164 -15.00 25.57 -14.90
CA TRP G 164 -13.59 25.29 -14.64
C TRP G 164 -13.04 26.14 -13.50
N SER G 165 -11.81 25.85 -13.12
CA SER G 165 -11.14 26.61 -12.09
C SER G 165 -9.79 27.09 -12.62
N SER G 166 -9.27 28.14 -11.98
CA SER G 166 -8.10 28.85 -12.48
C SER G 166 -7.14 29.19 -11.37
N TYR G 167 -5.88 29.33 -11.76
CA TYR G 167 -4.76 29.45 -10.85
C TYR G 167 -3.73 30.30 -11.54
N VAL G 168 -2.73 30.76 -10.79
CA VAL G 168 -1.73 31.64 -11.36
C VAL G 168 -0.39 31.44 -10.66
N ILE G 169 0.67 31.47 -11.45
CA ILE G 169 2.03 31.59 -10.92
C ILE G 169 2.57 32.94 -11.38
N ARG G 170 2.99 33.78 -10.45
CA ARG G 170 3.52 35.11 -10.78
C ARG G 170 5.04 35.10 -10.75
N PHE G 171 5.64 35.90 -11.61
CA PHE G 171 7.10 35.91 -11.69
C PHE G 171 7.71 37.24 -11.22
N HIS H 26 29.17 2.35 50.15
CA HIS H 26 28.53 3.40 49.36
C HIS H 26 29.45 3.91 48.25
N ALA H 27 29.93 3.01 47.40
CA ALA H 27 30.82 3.38 46.30
C ALA H 27 30.07 4.18 45.25
N VAL H 28 30.82 5.01 44.52
CA VAL H 28 30.22 5.87 43.50
C VAL H 28 29.84 5.05 42.29
N ASP H 29 28.68 5.39 41.70
CA ASP H 29 28.13 4.73 40.53
C ASP H 29 28.07 5.75 39.40
N ILE H 30 28.88 5.56 38.36
CA ILE H 30 29.03 6.55 37.29
C ILE H 30 28.54 5.95 35.97
N ALA H 31 27.62 6.65 35.32
CA ALA H 31 27.03 6.21 34.08
C ALA H 31 26.53 7.41 33.30
N LEU H 32 26.44 7.25 32.00
CA LEU H 32 25.95 8.31 31.12
C LEU H 32 24.51 8.70 31.45
N LEU H 33 24.24 9.99 31.42
CA LEU H 33 22.89 10.49 31.59
C LEU H 33 22.15 10.50 30.26
N HIS H 34 20.84 10.28 30.31
CA HIS H 34 19.98 10.36 29.13
C HIS H 34 18.77 11.23 29.43
N LEU H 35 17.92 11.41 28.42
CA LEU H 35 16.79 12.34 28.56
C LEU H 35 15.86 11.93 29.71
N ARG H 36 15.71 10.62 29.95
CA ARG H 36 14.95 10.15 31.11
C ARG H 36 15.41 10.78 32.43
N ASP H 37 16.69 11.13 32.54
CA ASP H 37 17.28 11.61 33.79
C ASP H 37 17.14 13.13 33.98
N ALA H 38 16.40 13.83 33.12
CA ALA H 38 16.40 15.29 33.15
C ALA H 38 15.94 15.84 34.49
N HIS H 39 14.85 15.30 35.02
CA HIS H 39 14.32 15.85 36.27
C HIS H 39 15.29 15.68 37.43
N GLU H 40 15.96 14.52 37.50
CA GLU H 40 16.96 14.34 38.56
C GLU H 40 18.16 15.25 38.35
N PHE H 41 18.50 15.52 37.09
CA PHE H 41 19.63 16.36 36.74
C PHE H 41 19.34 17.84 37.00
N ALA H 42 18.09 18.27 36.84
CA ALA H 42 17.77 19.69 36.89
C ALA H 42 18.23 20.37 38.17
N PRO H 43 17.93 19.87 39.38
CA PRO H 43 18.39 20.61 40.56
C PRO H 43 19.90 20.63 40.69
N LEU H 44 20.59 19.58 40.26
CA LEU H 44 22.04 19.60 40.29
C LEU H 44 22.59 20.65 39.33
N LEU H 45 22.05 20.70 38.12
CA LEU H 45 22.48 21.71 37.17
C LEU H 45 22.14 23.11 37.68
N ALA H 46 21.00 23.24 38.36
CA ALA H 46 20.61 24.54 38.91
C ALA H 46 21.58 25.00 39.99
N SER H 47 22.04 24.09 40.86
CA SER H 47 23.01 24.46 41.89
C SER H 47 24.31 24.94 41.25
N TYR H 48 24.74 24.25 40.19
CA TYR H 48 25.93 24.67 39.46
C TYR H 48 25.73 26.04 38.83
N ALA H 49 24.57 26.28 38.23
CA ALA H 49 24.32 27.56 37.58
C ALA H 49 24.44 28.71 38.58
N GLN H 50 23.83 28.56 39.76
CA GLN H 50 23.88 29.62 40.77
C GLN H 50 25.29 29.90 41.25
N ALA H 51 26.22 28.95 41.09
CA ALA H 51 27.62 29.16 41.46
C ALA H 51 28.34 30.10 40.50
N LEU H 52 27.64 30.66 39.51
CA LEU H 52 28.22 31.66 38.63
C LEU H 52 27.31 32.85 38.36
N LYS H 53 26.04 32.79 38.73
CA LYS H 53 25.12 33.92 38.50
C LYS H 53 24.10 34.03 39.63
N PRO H 57 17.29 29.62 37.62
CA PRO H 57 17.56 30.97 37.10
C PRO H 57 16.30 31.65 36.59
N ARG H 58 16.22 31.87 35.27
CA ARG H 58 15.03 32.48 34.70
C ARG H 58 13.89 31.47 34.57
N ARG H 59 14.13 30.37 33.86
CA ARG H 59 13.08 29.41 33.53
C ARG H 59 13.04 28.29 34.56
N PRO H 60 12.02 27.42 34.48
CA PRO H 60 12.01 26.25 35.36
C PRO H 60 13.30 25.45 35.22
N ASP H 61 13.78 24.93 36.35
CA ASP H 61 15.03 24.18 36.35
C ASP H 61 14.96 23.00 35.40
N ASP H 62 13.77 22.41 35.22
CA ASP H 62 13.63 21.29 34.30
C ASP H 62 13.91 21.68 32.84
N PHE H 63 13.81 22.97 32.47
CA PHE H 63 13.97 23.27 31.06
C PHE H 63 15.43 23.24 30.64
N TYR H 64 16.33 23.59 31.55
CA TYR H 64 17.74 23.61 31.18
C TYR H 64 18.27 22.19 31.07
N ALA H 65 17.82 21.31 31.97
CA ALA H 65 18.25 19.92 31.94
C ALA H 65 17.72 19.21 30.69
N GLU H 66 16.45 19.43 30.36
CA GLU H 66 15.89 18.84 29.15
C GLU H 66 16.54 19.40 27.89
N HIS H 67 16.82 20.71 27.87
CA HIS H 67 17.45 21.31 26.70
C HIS H 67 18.82 20.71 26.42
N LEU H 68 19.64 20.59 27.45
CA LEU H 68 20.98 20.07 27.25
C LEU H 68 20.93 18.61 26.82
N LEU H 69 20.08 17.82 27.45
CA LEU H 69 20.02 16.39 27.16
C LEU H 69 19.38 16.08 25.82
N GLN H 70 18.86 17.07 25.12
CA GLN H 70 18.39 16.83 23.77
C GLN H 70 19.33 17.37 22.72
N ASP H 71 20.49 17.88 23.11
CA ASP H 71 21.53 18.25 22.15
C ASP H 71 22.43 17.04 21.95
N ARG H 72 22.47 16.50 20.73
CA ARG H 72 23.25 15.28 20.50
C ARG H 72 24.75 15.54 20.45
N ALA H 73 25.18 16.80 20.46
CA ALA H 73 26.61 17.10 20.49
C ALA H 73 27.17 17.00 21.90
N ALA H 74 26.32 17.21 22.91
CA ALA H 74 26.70 17.18 24.31
C ALA H 74 26.43 15.82 24.93
N GLU H 75 27.24 15.45 25.90
CA GLU H 75 26.99 14.26 26.69
C GLU H 75 27.26 14.59 28.14
N ALA H 76 26.67 13.80 29.03
CA ALA H 76 26.78 14.05 30.46
C ALA H 76 27.03 12.73 31.17
N LEU H 77 28.06 12.71 32.00
CA LEU H 77 28.35 11.61 32.89
C LEU H 77 27.80 11.98 34.26
N GLY H 78 27.10 11.04 34.90
CA GLY H 78 26.46 11.30 36.19
C GLY H 78 27.08 10.47 37.29
N ALA H 79 27.04 11.00 38.51
CA ALA H 79 27.58 10.31 39.69
C ALA H 79 26.46 10.05 40.69
N ARG H 80 26.29 8.80 41.09
CA ARG H 80 25.26 8.43 42.05
C ARG H 80 25.86 7.84 43.33
N VAL H 81 25.34 8.29 44.46
CA VAL H 81 25.68 7.75 45.78
C VAL H 81 24.38 7.34 46.45
N ASP H 82 24.28 6.08 46.85
CA ASP H 82 23.05 5.52 47.41
C ASP H 82 21.87 5.77 46.47
N GLY H 83 22.12 5.64 45.17
CA GLY H 83 21.09 5.81 44.17
C GLY H 83 20.76 7.23 43.78
N ASN H 84 21.23 8.22 44.52
CA ASN H 84 20.93 9.62 44.28
C ASN H 84 22.04 10.27 43.44
N LEU H 85 21.63 11.04 42.43
CA LEU H 85 22.59 11.72 41.55
C LEU H 85 23.22 12.88 42.30
N VAL H 86 24.55 12.84 42.48
CA VAL H 86 25.26 13.80 43.31
C VAL H 86 26.40 14.50 42.57
N GLY H 87 26.61 14.21 41.28
CA GLY H 87 27.65 14.89 40.53
C GLY H 87 27.47 14.68 39.05
N PHE H 88 28.11 15.54 38.26
CA PHE H 88 28.06 15.37 36.82
C PHE H 88 29.28 16.04 36.18
N VAL H 89 29.59 15.59 34.97
CA VAL H 89 30.52 16.29 34.08
C VAL H 89 29.87 16.29 32.70
N ILE H 90 29.90 17.45 32.05
CA ILE H 90 29.35 17.63 30.70
C ILE H 90 30.52 17.67 29.73
N PHE H 91 30.44 16.89 28.66
CA PHE H 91 31.56 16.83 27.73
C PHE H 91 31.09 16.77 26.29
N TYR H 92 31.97 17.14 25.39
CA TYR H 92 31.70 17.07 23.97
C TYR H 92 32.74 16.19 23.31
N ASP H 93 32.27 15.29 22.43
CA ASP H 93 33.10 14.44 21.58
C ASP H 93 33.22 15.19 20.25
N LEU H 94 34.35 15.90 20.08
CA LEU H 94 34.51 16.84 18.97
C LEU H 94 35.54 16.34 17.97
N PRO H 95 35.41 16.73 16.70
CA PRO H 95 36.47 16.42 15.75
C PRO H 95 37.73 17.21 16.10
N GLU H 96 38.86 16.61 15.79
CA GLU H 96 40.17 17.24 15.98
C GLU H 96 40.80 17.46 14.61
N PRO H 97 40.66 18.66 14.01
CA PRO H 97 41.06 18.84 12.61
C PRO H 97 42.54 18.68 12.34
N VAL H 98 43.41 18.94 13.32
CA VAL H 98 44.83 18.87 13.05
C VAL H 98 45.26 17.42 12.81
N THR H 99 44.88 16.52 13.72
CA THR H 99 45.27 15.12 13.64
C THR H 99 44.33 14.25 12.81
N GLY H 100 43.12 14.72 12.50
CA GLY H 100 42.17 13.83 11.85
C GLY H 100 41.51 12.87 12.79
N LEU H 101 41.76 13.00 14.08
CA LEU H 101 41.16 12.19 15.12
C LEU H 101 40.03 12.98 15.79
N ARG H 102 39.62 12.55 16.96
CA ARG H 102 38.64 13.26 17.76
C ARG H 102 39.28 13.63 19.07
N ALA H 103 38.57 14.43 19.87
CA ALA H 103 39.06 14.80 21.17
C ALA H 103 37.87 15.08 22.08
N GLY H 104 38.05 14.87 23.38
CA GLY H 104 37.05 15.23 24.35
C GLY H 104 37.27 16.65 24.87
N GLN H 105 36.16 17.33 25.21
CA GLN H 105 36.25 18.67 25.78
C GLN H 105 35.28 18.79 26.94
N VAL H 106 35.81 19.15 28.11
CA VAL H 106 35.02 19.35 29.32
C VAL H 106 35.01 20.83 29.65
N ASP H 107 33.81 21.41 29.77
CA ASP H 107 33.66 22.79 30.22
C ASP H 107 32.99 22.91 31.59
N HIS H 108 32.35 21.85 32.08
CA HIS H 108 31.52 21.94 33.26
C HIS H 108 31.62 20.64 34.06
N ILE H 109 31.95 20.77 35.34
CA ILE H 109 31.98 19.66 36.27
C ILE H 109 31.39 20.16 37.57
N TYR H 110 30.65 19.30 38.27
CA TYR H 110 30.02 19.75 39.50
C TYR H 110 29.78 18.56 40.40
N VAL H 111 30.09 18.74 41.68
CA VAL H 111 29.84 17.77 42.73
C VAL H 111 28.98 18.43 43.79
N HIS H 112 27.90 17.75 44.19
CA HIS H 112 27.02 18.23 45.24
C HIS H 112 27.81 18.60 46.49
N HIS H 113 27.40 19.68 47.16
CA HIS H 113 28.18 20.20 48.28
C HIS H 113 28.18 19.25 49.49
N ASP H 114 27.20 18.36 49.60
CA ASP H 114 27.20 17.38 50.68
C ASP H 114 28.04 16.16 50.37
N HIS H 115 28.68 16.13 49.19
CA HIS H 115 29.46 14.97 48.78
C HIS H 115 30.86 15.37 48.31
N ARG H 116 31.37 16.50 48.78
CA ARG H 116 32.73 16.91 48.47
C ARG H 116 33.73 16.08 49.28
N GLY H 117 34.99 16.13 48.83
CA GLY H 117 36.04 15.44 49.56
C GLY H 117 35.99 13.94 49.50
N LYS H 118 35.26 13.37 48.54
CA LYS H 118 35.17 11.93 48.38
C LYS H 118 35.75 11.48 47.03
N GLY H 119 36.43 12.38 46.31
CA GLY H 119 37.01 12.05 45.03
C GLY H 119 36.03 11.87 43.89
N ILE H 120 34.81 12.39 44.01
CA ILE H 120 33.79 12.14 42.98
C ILE H 120 34.15 12.81 41.67
N ALA H 121 34.62 14.06 41.70
CA ALA H 121 34.97 14.76 40.45
C ALA H 121 36.09 14.04 39.70
N LYS H 122 37.14 13.62 40.42
CA LYS H 122 38.21 12.84 39.80
C LYS H 122 37.68 11.52 39.24
N ALA H 123 36.75 10.88 39.93
CA ALA H 123 36.16 9.66 39.40
C ALA H 123 35.46 9.93 38.07
N LEU H 124 34.77 11.07 37.96
CA LEU H 124 34.06 11.38 36.71
C LEU H 124 35.03 11.57 35.55
N ILE H 125 36.12 12.33 35.76
CA ILE H 125 37.11 12.57 34.72
C ILE H 125 37.85 11.29 34.37
N ASP H 126 38.13 10.44 35.37
CA ASP H 126 38.81 9.18 35.12
C ASP H 126 37.97 8.29 34.22
N VAL H 127 36.67 8.15 34.54
CA VAL H 127 35.76 7.39 33.68
C VAL H 127 35.69 8.00 32.29
N LEU H 128 35.65 9.33 32.22
CA LEU H 128 35.67 10.01 30.93
C LEU H 128 36.95 9.74 30.15
N ALA H 129 38.10 9.86 30.83
CA ALA H 129 39.38 9.62 30.17
C ALA H 129 39.51 8.19 29.67
N ASP H 130 38.87 7.24 30.33
CA ASP H 130 38.95 5.84 29.91
C ASP H 130 38.16 5.55 28.63
N LYS H 131 37.32 6.48 28.19
CA LYS H 131 36.60 6.40 26.94
C LYS H 131 37.47 6.76 25.73
N ALA H 132 38.73 7.14 25.94
CA ALA H 132 39.57 7.66 24.86
C ALA H 132 39.68 6.69 23.68
N GLU H 133 40.02 5.43 23.94
CA GLU H 133 40.20 4.47 22.85
C GLU H 133 38.88 4.21 22.13
N GLU H 134 37.79 4.10 22.89
CA GLU H 134 36.49 3.87 22.29
C GLU H 134 36.13 4.98 21.31
N ARG H 135 36.48 6.24 21.63
CA ARG H 135 36.09 7.39 20.81
C ARG H 135 37.19 7.82 19.87
N SER H 136 38.36 7.15 19.86
CA SER H 136 39.54 7.58 19.12
C SER H 136 39.94 9.01 19.48
N TRP H 137 39.95 9.29 20.78
CA TRP H 137 40.40 10.59 21.26
C TRP H 137 41.92 10.67 21.27
N SER H 138 42.46 11.74 20.68
CA SER H 138 43.88 12.02 20.90
C SER H 138 44.14 12.77 22.20
N LYS H 139 43.14 13.47 22.74
CA LYS H 139 43.34 14.24 23.97
C LYS H 139 41.98 14.50 24.61
N LEU H 140 42.04 14.92 25.87
CA LEU H 140 40.88 15.39 26.63
C LEU H 140 41.21 16.81 27.10
N VAL H 141 40.50 17.79 26.57
CA VAL H 141 40.70 19.19 26.94
C VAL H 141 39.78 19.53 28.11
N LEU H 142 40.33 20.16 29.14
CA LEU H 142 39.57 20.52 30.33
C LEU H 142 39.61 22.03 30.52
N ASN H 143 38.45 22.66 30.45
CA ASN H 143 38.31 24.10 30.60
C ASN H 143 37.65 24.36 31.95
N ALA H 144 38.34 25.14 32.80
CA ALA H 144 37.90 25.43 34.16
C ALA H 144 37.47 26.87 34.28
N PRO H 145 36.23 27.17 34.64
CA PRO H 145 35.85 28.57 34.87
C PRO H 145 36.58 29.10 36.10
N ARG H 146 36.64 30.41 36.19
CA ARG H 146 37.27 31.03 37.36
C ARG H 146 36.51 30.68 38.63
N VAL H 147 35.18 30.82 38.61
CA VAL H 147 34.34 30.43 39.72
C VAL H 147 33.23 29.55 39.14
N PRO H 148 32.83 28.45 39.81
CA PRO H 148 33.50 27.95 41.02
C PRO H 148 34.84 27.31 40.70
N GLU H 149 35.76 27.37 41.66
CA GLU H 149 37.14 26.92 41.49
C GLU H 149 37.29 25.41 41.46
N ASP H 150 36.21 24.65 41.67
CA ASP H 150 36.31 23.21 41.87
C ASP H 150 36.96 22.51 40.68
N GLY H 151 36.60 22.92 39.46
CA GLY H 151 37.22 22.35 38.28
C GLY H 151 38.72 22.58 38.23
N ARG H 152 39.14 23.83 38.40
CA ARG H 152 40.56 24.18 38.32
C ARG H 152 41.37 23.40 39.34
N LYS H 153 40.89 23.34 40.59
CA LYS H 153 41.63 22.65 41.63
C LYS H 153 41.80 21.17 41.32
N LEU H 154 40.80 20.55 40.68
CA LEU H 154 40.96 19.17 40.26
C LEU H 154 41.91 19.07 39.07
N TYR H 155 41.66 19.86 38.02
CA TYR H 155 42.35 19.68 36.75
C TYR H 155 43.85 19.89 36.88
N GLU H 156 44.28 20.90 37.66
CA GLU H 156 45.71 21.19 37.73
C GLU H 156 46.50 20.07 38.40
N GLN H 157 45.84 19.17 39.14
CA GLN H 157 46.53 18.03 39.74
C GLN H 157 46.59 16.81 38.83
N ILE H 158 45.71 16.71 37.83
CA ILE H 158 45.62 15.52 36.99
C ILE H 158 45.93 15.80 35.53
N ALA H 159 46.26 17.05 35.17
CA ALA H 159 46.44 17.38 33.76
C ALA H 159 47.54 18.41 33.58
N ALA H 160 48.02 18.51 32.33
CA ALA H 160 49.03 19.47 31.95
C ALA H 160 48.40 20.80 31.57
N ALA H 161 49.10 21.90 31.88
CA ALA H 161 48.63 23.22 31.48
C ALA H 161 48.54 23.33 29.96
N ALA H 162 47.47 23.95 29.46
CA ALA H 162 47.37 24.18 28.03
C ALA H 162 48.38 25.25 27.61
N ASP H 163 48.89 25.13 26.39
CA ASP H 163 49.84 26.11 25.89
C ASP H 163 49.26 27.05 24.84
N TRP H 164 47.98 26.97 24.53
CA TRP H 164 47.33 27.99 23.72
C TRP H 164 46.77 29.09 24.62
N SER H 165 46.33 30.19 24.00
CA SER H 165 45.75 31.30 24.73
C SER H 165 44.33 31.58 24.24
N SER H 166 43.51 32.16 25.12
CA SER H 166 42.07 32.23 24.88
C SER H 166 41.55 33.63 25.16
N TYR H 167 40.47 33.95 24.46
CA TYR H 167 39.85 35.27 24.41
C TYR H 167 38.35 35.04 24.26
N VAL H 168 37.56 36.07 24.51
CA VAL H 168 36.11 35.92 24.45
C VAL H 168 35.49 37.26 24.05
N ILE H 169 34.45 37.18 23.21
CA ILE H 169 33.60 38.30 22.87
C ILE H 169 32.23 38.02 23.47
N ARG H 170 31.73 38.92 24.29
CA ARG H 170 30.41 38.72 24.89
C ARG H 170 29.40 39.57 24.14
N PHE H 171 28.19 39.02 23.97
CA PHE H 171 27.11 39.66 23.23
C PHE H 171 25.94 39.98 24.15
N GLY H 172 25.43 41.19 24.04
CA GLY H 172 24.23 41.58 24.77
C GLY H 172 23.72 42.94 24.34
N HIS I 26 -9.28 -31.22 -44.93
CA HIS I 26 -10.24 -31.35 -46.02
C HIS I 26 -11.66 -31.58 -45.48
N ALA I 27 -11.74 -31.86 -44.17
CA ALA I 27 -13.01 -32.26 -43.56
C ALA I 27 -13.54 -31.20 -42.60
N VAL I 28 -14.14 -31.63 -41.50
CA VAL I 28 -14.86 -30.75 -40.59
C VAL I 28 -14.10 -30.63 -39.29
N ASP I 29 -13.91 -29.39 -38.83
CA ASP I 29 -13.34 -29.11 -37.52
C ASP I 29 -14.41 -28.49 -36.65
N ILE I 30 -14.64 -29.08 -35.48
CA ILE I 30 -15.68 -28.62 -34.55
C ILE I 30 -15.00 -28.17 -33.27
N ALA I 31 -15.32 -26.95 -32.84
CA ALA I 31 -14.73 -26.38 -31.66
C ALA I 31 -15.67 -25.34 -31.08
N LEU I 32 -15.58 -25.14 -29.78
CA LEU I 32 -16.39 -24.13 -29.13
C LEU I 32 -16.03 -22.74 -29.65
N LEU I 33 -17.04 -21.91 -29.89
CA LEU I 33 -16.84 -20.54 -30.30
C LEU I 33 -16.63 -19.64 -29.09
N HIS I 34 -15.84 -18.60 -29.26
CA HIS I 34 -15.64 -17.60 -28.21
C HIS I 34 -15.83 -16.20 -28.78
N LEU I 35 -15.67 -15.21 -27.90
CA LEU I 35 -15.95 -13.84 -28.31
C LEU I 35 -15.06 -13.40 -29.47
N ARG I 36 -13.84 -13.94 -29.55
CA ARG I 36 -12.96 -13.70 -30.69
C ARG I 36 -13.65 -13.97 -32.03
N ASP I 37 -14.56 -14.94 -32.08
CA ASP I 37 -15.14 -15.46 -33.31
C ASP I 37 -16.39 -14.72 -33.75
N ALA I 38 -16.78 -13.64 -33.07
CA ALA I 38 -18.06 -13.00 -33.35
C ALA I 38 -18.17 -12.52 -34.80
N HIS I 39 -17.10 -11.92 -35.33
CA HIS I 39 -17.17 -11.37 -36.67
C HIS I 39 -17.40 -12.46 -37.71
N GLU I 40 -16.71 -13.60 -37.57
CA GLU I 40 -16.95 -14.71 -38.49
C GLU I 40 -18.33 -15.32 -38.26
N PHE I 41 -18.79 -15.29 -37.02
CA PHE I 41 -20.09 -15.85 -36.68
C PHE I 41 -21.23 -14.97 -37.20
N ALA I 42 -21.02 -13.66 -37.26
CA ALA I 42 -22.10 -12.72 -37.54
C ALA I 42 -22.87 -12.98 -38.83
N PRO I 43 -22.23 -13.10 -40.02
CA PRO I 43 -23.03 -13.33 -41.23
C PRO I 43 -23.75 -14.67 -41.23
N LEU I 44 -23.16 -15.68 -40.58
CA LEU I 44 -23.80 -16.99 -40.47
C LEU I 44 -25.07 -16.90 -39.62
N LEU I 45 -24.99 -16.20 -38.49
CA LEU I 45 -26.17 -16.00 -37.66
C LEU I 45 -27.21 -15.17 -38.41
N ALA I 46 -26.76 -14.18 -39.18
CA ALA I 46 -27.67 -13.35 -39.95
C ALA I 46 -28.40 -14.18 -40.99
N SER I 47 -27.69 -15.09 -41.65
CA SER I 47 -28.32 -15.98 -42.62
C SER I 47 -29.38 -16.84 -41.95
N TYR I 48 -29.07 -17.35 -40.75
CA TYR I 48 -30.06 -18.09 -39.98
C TYR I 48 -31.25 -17.21 -39.63
N ALA I 49 -30.97 -15.96 -39.22
CA ALA I 49 -32.03 -15.04 -38.84
C ALA I 49 -32.99 -14.78 -39.98
N GLN I 50 -32.50 -14.71 -41.22
CA GLN I 50 -33.40 -14.52 -42.36
C GLN I 50 -34.22 -15.77 -42.62
N ALA I 51 -33.65 -16.96 -42.37
CA ALA I 51 -34.43 -18.19 -42.51
C ALA I 51 -35.52 -18.27 -41.44
N LEU I 52 -35.30 -17.67 -40.28
CA LEU I 52 -36.34 -17.61 -39.25
C LEU I 52 -37.41 -16.59 -39.62
N LYS I 53 -37.05 -15.31 -39.62
CA LYS I 53 -37.96 -14.23 -40.04
C LYS I 53 -37.23 -12.89 -40.10
N PRO I 57 -32.90 -5.90 -39.19
CA PRO I 57 -33.37 -4.53 -39.02
C PRO I 57 -32.71 -3.75 -37.87
N ARG I 58 -33.04 -4.11 -36.62
CA ARG I 58 -32.83 -3.19 -35.50
C ARG I 58 -31.34 -2.89 -35.25
N ARG I 59 -30.44 -3.84 -35.48
CA ARG I 59 -29.05 -3.67 -35.11
C ARG I 59 -28.14 -4.27 -36.18
N PRO I 60 -26.89 -3.81 -36.25
CA PRO I 60 -25.94 -4.40 -37.22
C PRO I 60 -25.67 -5.86 -36.89
N ASP I 61 -25.11 -6.58 -37.87
CA ASP I 61 -25.03 -8.03 -37.75
C ASP I 61 -24.04 -8.45 -36.68
N ASP I 62 -22.93 -7.71 -36.53
CA ASP I 62 -21.99 -8.00 -35.47
C ASP I 62 -22.61 -7.87 -34.09
N PHE I 63 -23.73 -7.15 -33.95
CA PHE I 63 -24.24 -6.96 -32.59
C PHE I 63 -24.90 -8.23 -32.06
N TYR I 64 -25.55 -9.01 -32.93
CA TYR I 64 -26.21 -10.21 -32.41
C TYR I 64 -25.18 -11.27 -32.03
N ALA I 65 -24.12 -11.41 -32.83
CA ALA I 65 -23.08 -12.40 -32.54
C ALA I 65 -22.32 -12.04 -31.26
N GLU I 66 -21.96 -10.76 -31.10
CA GLU I 66 -21.26 -10.35 -29.89
C GLU I 66 -22.16 -10.49 -28.65
N HIS I 67 -23.45 -10.11 -28.79
CA HIS I 67 -24.39 -10.22 -27.68
C HIS I 67 -24.55 -11.67 -27.24
N LEU I 68 -24.69 -12.58 -28.19
CA LEU I 68 -24.83 -13.98 -27.81
C LEU I 68 -23.54 -14.47 -27.16
N LEU I 69 -22.39 -14.13 -27.73
CA LEU I 69 -21.11 -14.63 -27.26
C LEU I 69 -20.65 -14.01 -25.95
N GLN I 70 -21.38 -13.01 -25.43
CA GLN I 70 -21.12 -12.45 -24.12
C GLN I 70 -22.13 -12.90 -23.08
N ASP I 71 -23.03 -13.82 -23.43
CA ASP I 71 -23.95 -14.40 -22.44
C ASP I 71 -23.35 -15.71 -21.95
N ARG I 72 -23.01 -15.78 -20.64
CA ARG I 72 -22.34 -16.98 -20.12
C ARG I 72 -23.30 -18.17 -19.96
N ALA I 73 -24.59 -17.96 -20.18
CA ALA I 73 -25.55 -19.06 -20.12
C ALA I 73 -25.57 -19.84 -21.44
N ALA I 74 -25.26 -19.16 -22.54
CA ALA I 74 -25.25 -19.70 -23.88
C ALA I 74 -23.86 -20.15 -24.28
N GLU I 75 -23.81 -21.21 -25.10
CA GLU I 75 -22.56 -21.65 -25.71
C GLU I 75 -22.85 -21.97 -27.17
N ALA I 76 -21.80 -21.94 -27.99
CA ALA I 76 -21.98 -22.21 -29.40
C ALA I 76 -20.84 -23.10 -29.86
N LEU I 77 -21.19 -24.20 -30.50
CA LEU I 77 -20.25 -25.09 -31.15
C LEU I 77 -20.24 -24.73 -32.64
N GLY I 78 -19.04 -24.61 -33.20
CA GLY I 78 -18.88 -24.19 -34.58
C GLY I 78 -18.23 -25.28 -35.43
N ALA I 79 -18.60 -25.32 -36.71
CA ALA I 79 -18.05 -26.25 -37.67
C ALA I 79 -17.27 -25.48 -38.73
N ARG I 80 -16.01 -25.87 -38.93
CA ARG I 80 -15.12 -25.24 -39.88
C ARG I 80 -14.72 -26.20 -40.98
N VAL I 81 -14.73 -25.71 -42.21
CA VAL I 81 -14.20 -26.42 -43.37
C VAL I 81 -13.24 -25.47 -44.06
N ASP I 82 -12.00 -25.90 -44.27
CA ASP I 82 -10.95 -25.07 -44.87
C ASP I 82 -10.78 -23.75 -44.11
N GLY I 83 -10.90 -23.81 -42.79
CA GLY I 83 -10.73 -22.62 -41.97
C GLY I 83 -11.92 -21.70 -41.89
N ASN I 84 -12.93 -21.87 -42.73
CA ASN I 84 -14.08 -20.98 -42.75
C ASN I 84 -15.22 -21.53 -41.91
N LEU I 85 -15.85 -20.67 -41.12
CA LEU I 85 -16.99 -21.09 -40.30
C LEU I 85 -18.21 -21.36 -41.18
N VAL I 86 -18.68 -22.61 -41.19
CA VAL I 86 -19.75 -23.02 -42.09
C VAL I 86 -20.94 -23.65 -41.38
N GLY I 87 -20.91 -23.76 -40.06
CA GLY I 87 -22.04 -24.30 -39.33
C GLY I 87 -21.89 -23.98 -37.87
N PHE I 88 -23.02 -24.01 -37.14
CA PHE I 88 -22.98 -23.76 -35.71
C PHE I 88 -24.19 -24.42 -35.05
N VAL I 89 -24.06 -24.65 -33.73
CA VAL I 89 -25.20 -25.01 -32.90
C VAL I 89 -25.10 -24.23 -31.60
N ILE I 90 -26.21 -23.65 -31.16
CA ILE I 90 -26.28 -22.92 -29.90
C ILE I 90 -26.93 -23.82 -28.87
N PHE I 91 -26.30 -23.95 -27.71
CA PHE I 91 -26.85 -24.82 -26.66
C PHE I 91 -26.69 -24.17 -25.31
N TYR I 92 -27.50 -24.65 -24.36
CA TYR I 92 -27.48 -24.20 -22.98
C TYR I 92 -27.24 -25.39 -22.08
N ASP I 93 -26.33 -25.22 -21.12
CA ASP I 93 -26.03 -26.20 -20.07
C ASP I 93 -26.86 -25.79 -18.86
N LEU I 94 -28.00 -26.48 -18.65
CA LEU I 94 -28.98 -26.00 -17.67
C LEU I 94 -29.11 -26.94 -16.49
N PRO I 95 -29.50 -26.45 -15.32
CA PRO I 95 -29.89 -27.37 -14.25
C PRO I 95 -31.16 -28.10 -14.64
N GLU I 96 -31.27 -29.33 -14.14
CA GLU I 96 -32.43 -30.19 -14.33
C GLU I 96 -33.04 -30.44 -12.95
N PRO I 97 -34.04 -29.66 -12.55
CA PRO I 97 -34.51 -29.69 -11.14
C PRO I 97 -35.10 -31.02 -10.71
N VAL I 98 -35.61 -31.84 -11.63
CA VAL I 98 -36.26 -33.08 -11.22
C VAL I 98 -35.22 -34.07 -10.68
N THR I 99 -34.17 -34.31 -11.46
CA THR I 99 -33.14 -35.29 -11.11
C THR I 99 -32.02 -34.71 -10.26
N GLY I 100 -31.88 -33.39 -10.16
CA GLY I 100 -30.74 -32.84 -9.46
C GLY I 100 -29.47 -32.83 -10.25
N LEU I 101 -29.54 -33.16 -11.52
CA LEU I 101 -28.43 -33.14 -12.44
C LEU I 101 -28.56 -31.92 -13.33
N ARG I 102 -27.88 -31.93 -14.46
CA ARG I 102 -28.01 -30.87 -15.45
C ARG I 102 -28.52 -31.47 -16.74
N ALA I 103 -28.82 -30.62 -17.71
CA ALA I 103 -29.23 -31.10 -19.01
C ALA I 103 -28.80 -30.10 -20.06
N GLY I 104 -28.55 -30.58 -21.28
CA GLY I 104 -28.28 -29.69 -22.39
C GLY I 104 -29.57 -29.36 -23.13
N GLN I 105 -29.67 -28.14 -23.66
CA GLN I 105 -30.85 -27.73 -24.42
C GLN I 105 -30.43 -26.98 -25.68
N VAL I 106 -30.86 -27.49 -26.83
CA VAL I 106 -30.55 -26.90 -28.13
C VAL I 106 -31.84 -26.33 -28.73
N ASP I 107 -31.80 -25.03 -29.08
CA ASP I 107 -32.90 -24.38 -29.80
C ASP I 107 -32.54 -23.96 -31.21
N HIS I 108 -31.25 -23.94 -31.58
CA HIS I 108 -30.81 -23.36 -32.84
C HIS I 108 -29.63 -24.15 -33.41
N ILE I 109 -29.78 -24.61 -34.65
CA ILE I 109 -28.72 -25.26 -35.41
C ILE I 109 -28.82 -24.74 -36.85
N TYR I 110 -27.67 -24.55 -37.51
CA TYR I 110 -27.68 -23.99 -38.84
C TYR I 110 -26.38 -24.37 -39.56
N VAL I 111 -26.51 -24.70 -40.85
CA VAL I 111 -25.38 -25.03 -41.72
C VAL I 111 -25.38 -24.07 -42.89
N HIS I 112 -24.21 -23.52 -43.22
CA HIS I 112 -24.04 -22.58 -44.33
C HIS I 112 -24.66 -23.11 -45.62
N HIS I 113 -25.16 -22.18 -46.43
CA HIS I 113 -25.93 -22.57 -47.61
C HIS I 113 -25.11 -23.33 -48.66
N ASP I 114 -23.79 -23.16 -48.70
CA ASP I 114 -22.96 -23.92 -49.63
C ASP I 114 -22.44 -25.25 -49.07
N HIS I 115 -22.80 -25.62 -47.84
CA HIS I 115 -22.18 -26.80 -47.23
C HIS I 115 -23.19 -27.80 -46.67
N ARG I 116 -24.42 -27.83 -47.19
CA ARG I 116 -25.36 -28.88 -46.80
C ARG I 116 -25.00 -30.21 -47.45
N GLY I 117 -25.62 -31.28 -46.95
CA GLY I 117 -25.38 -32.61 -47.49
C GLY I 117 -24.05 -33.25 -47.15
N LYS I 118 -23.38 -32.75 -46.11
CA LYS I 118 -22.11 -33.32 -45.67
C LYS I 118 -22.19 -33.88 -44.25
N GLY I 119 -23.39 -33.96 -43.67
CA GLY I 119 -23.50 -34.47 -42.31
C GLY I 119 -22.95 -33.54 -41.25
N ILE I 120 -22.77 -32.26 -41.57
CA ILE I 120 -22.17 -31.33 -40.64
C ILE I 120 -23.08 -31.12 -39.44
N ALA I 121 -24.38 -30.97 -39.67
CA ALA I 121 -25.33 -30.76 -38.58
C ALA I 121 -25.33 -31.94 -37.62
N LYS I 122 -25.39 -33.16 -38.15
CA LYS I 122 -25.33 -34.35 -37.31
C LYS I 122 -24.01 -34.42 -36.54
N ALA I 123 -22.92 -34.06 -37.20
CA ALA I 123 -21.63 -34.05 -36.51
C ALA I 123 -21.66 -33.08 -35.33
N LEU I 124 -22.35 -31.94 -35.47
CA LEU I 124 -22.40 -30.98 -34.37
C LEU I 124 -23.11 -31.56 -33.15
N ILE I 125 -24.25 -32.22 -33.35
CA ILE I 125 -24.99 -32.81 -32.24
C ILE I 125 -24.22 -33.96 -31.60
N ASP I 126 -23.52 -34.76 -32.42
CA ASP I 126 -22.72 -35.86 -31.89
C ASP I 126 -21.61 -35.36 -30.97
N VAL I 127 -20.88 -34.33 -31.41
CA VAL I 127 -19.88 -33.72 -30.54
C VAL I 127 -20.54 -33.15 -29.30
N LEU I 128 -21.69 -32.50 -29.47
CA LEU I 128 -22.42 -31.98 -28.31
C LEU I 128 -22.87 -33.10 -27.39
N ALA I 129 -23.46 -34.15 -27.95
CA ALA I 129 -23.93 -35.27 -27.14
C ALA I 129 -22.78 -35.91 -26.37
N ASP I 130 -21.61 -36.03 -27.00
CA ASP I 130 -20.46 -36.61 -26.31
C ASP I 130 -19.98 -35.79 -25.11
N LYS I 131 -20.48 -34.58 -24.91
CA LYS I 131 -20.13 -33.80 -23.73
C LYS I 131 -20.93 -34.21 -22.48
N ALA I 132 -21.88 -35.13 -22.61
CA ALA I 132 -22.81 -35.44 -21.52
C ALA I 132 -22.09 -35.79 -20.21
N GLU I 133 -21.10 -36.68 -20.26
CA GLU I 133 -20.41 -37.09 -19.04
C GLU I 133 -19.64 -35.92 -18.44
N GLU I 134 -18.98 -35.14 -19.28
CA GLU I 134 -18.24 -33.98 -18.80
C GLU I 134 -19.15 -33.02 -18.05
N ARG I 135 -20.39 -32.84 -18.51
CA ARG I 135 -21.29 -31.86 -17.91
C ARG I 135 -22.25 -32.48 -16.91
N SER I 136 -22.22 -33.80 -16.70
CA SER I 136 -23.23 -34.53 -15.93
C SER I 136 -24.63 -34.25 -16.47
N TRP I 137 -24.75 -34.30 -17.79
CA TRP I 137 -26.07 -34.19 -18.40
C TRP I 137 -26.78 -35.53 -18.30
N SER I 138 -28.02 -35.52 -17.82
CA SER I 138 -28.89 -36.68 -17.94
C SER I 138 -29.59 -36.76 -19.30
N LYS I 139 -29.70 -35.65 -20.02
CA LYS I 139 -30.38 -35.66 -21.31
C LYS I 139 -29.97 -34.44 -22.12
N LEU I 140 -30.27 -34.50 -23.42
CA LEU I 140 -30.09 -33.38 -24.35
C LEU I 140 -31.43 -33.13 -25.01
N VAL I 141 -32.04 -31.99 -24.70
CA VAL I 141 -33.33 -31.61 -25.28
C VAL I 141 -33.04 -30.84 -26.56
N LEU I 142 -33.73 -31.21 -27.64
CA LEU I 142 -33.56 -30.59 -28.95
C LEU I 142 -34.89 -29.99 -29.40
N ASN I 143 -34.92 -28.68 -29.58
CA ASN I 143 -36.12 -27.98 -29.99
C ASN I 143 -35.94 -27.50 -31.44
N ALA I 144 -36.85 -27.92 -32.31
CA ALA I 144 -36.77 -27.61 -33.73
C ALA I 144 -37.86 -26.63 -34.12
N PRO I 145 -37.51 -25.45 -34.63
CA PRO I 145 -38.55 -24.53 -35.12
C PRO I 145 -39.23 -25.12 -36.35
N ARG I 146 -40.42 -24.58 -36.64
CA ARG I 146 -41.14 -25.01 -37.82
C ARG I 146 -40.36 -24.70 -39.09
N VAL I 147 -39.81 -23.49 -39.18
CA VAL I 147 -38.96 -23.07 -40.28
C VAL I 147 -37.68 -22.49 -39.67
N PRO I 148 -36.49 -22.76 -40.21
CA PRO I 148 -36.25 -23.71 -41.31
C PRO I 148 -36.37 -25.16 -40.86
N GLU I 149 -36.75 -26.04 -41.77
CA GLU I 149 -37.02 -27.44 -41.44
C GLU I 149 -35.78 -28.26 -41.11
N ASP I 150 -34.58 -27.68 -41.25
CA ASP I 150 -33.36 -28.47 -41.19
C ASP I 150 -33.18 -29.13 -39.83
N GLY I 151 -33.49 -28.42 -38.76
CA GLY I 151 -33.37 -29.01 -37.42
C GLY I 151 -34.27 -30.22 -37.25
N ARG I 152 -35.55 -30.09 -37.61
CA ARG I 152 -36.51 -31.19 -37.48
C ARG I 152 -36.06 -32.42 -38.28
N LYS I 153 -35.62 -32.21 -39.52
CA LYS I 153 -35.22 -33.34 -40.35
C LYS I 153 -34.05 -34.10 -39.73
N LEU I 154 -33.16 -33.39 -39.03
CA LEU I 154 -32.08 -34.05 -38.31
C LEU I 154 -32.58 -34.72 -37.03
N TYR I 155 -33.28 -33.96 -36.19
CA TYR I 155 -33.58 -34.45 -34.84
C TYR I 155 -34.47 -35.70 -34.87
N GLU I 156 -35.45 -35.74 -35.79
CA GLU I 156 -36.42 -36.85 -35.78
C GLU I 156 -35.78 -38.19 -36.11
N GLN I 157 -34.58 -38.20 -36.71
CA GLN I 157 -33.85 -39.42 -37.00
C GLN I 157 -32.90 -39.86 -35.89
N ILE I 158 -32.48 -38.95 -35.00
CA ILE I 158 -31.45 -39.26 -34.02
C ILE I 158 -31.95 -39.18 -32.59
N ALA I 159 -33.22 -38.84 -32.38
CA ALA I 159 -33.68 -38.64 -31.01
C ALA I 159 -35.12 -39.09 -30.86
N ALA I 160 -35.53 -39.28 -29.61
CA ALA I 160 -36.89 -39.68 -29.31
C ALA I 160 -37.78 -38.46 -29.27
N ALA I 161 -39.02 -38.62 -29.73
CA ALA I 161 -39.98 -37.54 -29.65
C ALA I 161 -40.23 -37.17 -28.19
N ALA I 162 -40.32 -35.87 -27.92
CA ALA I 162 -40.66 -35.41 -26.57
C ALA I 162 -42.13 -35.70 -26.26
N ASP I 163 -42.41 -35.99 -24.99
CA ASP I 163 -43.80 -36.25 -24.60
C ASP I 163 -44.41 -35.15 -23.75
N TRP I 164 -43.72 -34.04 -23.52
CA TRP I 164 -44.37 -32.89 -22.91
C TRP I 164 -45.02 -32.04 -24.00
N SER I 165 -45.84 -31.06 -23.58
CA SER I 165 -46.47 -30.17 -24.54
C SER I 165 -46.08 -28.73 -24.22
N SER I 166 -46.13 -27.88 -25.24
CA SER I 166 -45.50 -26.57 -25.16
C SER I 166 -46.42 -25.50 -25.69
N TYR I 167 -46.24 -24.28 -25.16
CA TYR I 167 -47.11 -23.15 -25.47
C TYR I 167 -46.25 -21.91 -25.44
N VAL I 168 -46.77 -20.82 -25.98
CA VAL I 168 -46.00 -19.58 -26.06
C VAL I 168 -46.94 -18.39 -25.97
N ILE I 169 -46.47 -17.37 -25.26
CA ILE I 169 -47.09 -16.06 -25.22
C ILE I 169 -46.12 -15.08 -25.86
N ARG I 170 -46.57 -14.37 -26.87
CA ARG I 170 -45.75 -13.35 -27.52
C ARG I 170 -46.16 -11.98 -27.02
N PHE I 171 -45.18 -11.09 -26.90
CA PHE I 171 -45.41 -9.75 -26.36
C PHE I 171 -45.22 -8.69 -27.43
N ALA J 27 -38.38 55.86 17.03
CA ALA J 27 -37.27 54.96 16.73
C ALA J 27 -37.79 53.56 16.43
N VAL J 28 -37.19 52.55 17.07
CA VAL J 28 -37.62 51.16 16.92
C VAL J 28 -37.61 50.52 18.31
N ASP J 29 -38.71 49.88 18.68
CA ASP J 29 -38.85 49.22 19.98
C ASP J 29 -38.53 47.74 19.83
N ILE J 30 -37.55 47.27 20.60
CA ILE J 30 -37.11 45.88 20.54
C ILE J 30 -37.22 45.28 21.95
N ALA J 31 -37.89 44.14 22.03
CA ALA J 31 -38.10 43.46 23.31
C ALA J 31 -38.27 41.96 23.05
N LEU J 32 -37.95 41.16 24.06
CA LEU J 32 -38.17 39.73 23.96
C LEU J 32 -39.66 39.43 23.87
N LEU J 33 -40.01 38.52 22.97
CA LEU J 33 -41.40 38.10 22.87
C LEU J 33 -41.69 37.01 23.89
N HIS J 34 -42.91 37.01 24.41
CA HIS J 34 -43.34 36.01 25.38
C HIS J 34 -44.64 35.38 24.92
N LEU J 35 -45.14 34.45 25.73
CA LEU J 35 -46.34 33.70 25.38
C LEU J 35 -47.54 34.64 25.20
N ARG J 36 -47.58 35.72 25.96
CA ARG J 36 -48.59 36.76 25.77
C ARG J 36 -48.68 37.24 24.32
N ASP J 37 -47.55 37.23 23.61
CA ASP J 37 -47.46 37.86 22.29
C ASP J 37 -47.80 36.93 21.14
N ALA J 38 -48.25 35.71 21.43
CA ALA J 38 -48.39 34.71 20.38
C ALA J 38 -49.35 35.17 19.28
N HIS J 39 -50.50 35.75 19.65
CA HIS J 39 -51.47 36.13 18.63
C HIS J 39 -50.92 37.17 17.66
N GLU J 40 -50.22 38.18 18.16
CA GLU J 40 -49.59 39.14 17.25
C GLU J 40 -48.48 38.49 16.45
N PHE J 41 -47.78 37.53 17.05
CA PHE J 41 -46.64 36.92 16.39
C PHE J 41 -47.09 36.05 15.23
N ALA J 42 -48.24 35.38 15.37
CA ALA J 42 -48.66 34.36 14.41
C ALA J 42 -48.68 34.83 12.96
N PRO J 43 -49.34 35.94 12.59
CA PRO J 43 -49.34 36.30 11.16
C PRO J 43 -47.96 36.67 10.66
N LEU J 44 -47.11 37.27 11.49
CA LEU J 44 -45.75 37.58 11.06
C LEU J 44 -44.95 36.31 10.80
N LEU J 45 -45.06 35.33 11.70
CA LEU J 45 -44.38 34.05 11.51
C LEU J 45 -44.90 33.34 10.26
N ALA J 46 -46.20 33.43 10.01
CA ALA J 46 -46.77 32.76 8.85
C ALA J 46 -46.20 33.32 7.55
N SER J 47 -46.02 34.64 7.48
CA SER J 47 -45.44 35.25 6.29
C SER J 47 -44.02 34.75 6.06
N TYR J 48 -43.24 34.64 7.12
CA TYR J 48 -41.90 34.10 7.00
C TYR J 48 -41.92 32.64 6.56
N ALA J 49 -42.78 31.83 7.19
CA ALA J 49 -42.93 30.45 6.78
C ALA J 49 -43.50 30.31 5.37
N GLN J 50 -44.03 31.38 4.81
CA GLN J 50 -44.53 31.40 3.42
C GLN J 50 -43.52 32.01 2.47
N ASP J 62 -52.90 29.73 14.46
CA ASP J 62 -52.39 30.42 15.64
C ASP J 62 -51.52 29.50 16.51
N PHE J 63 -51.58 28.19 16.26
CA PHE J 63 -50.94 27.23 17.14
C PHE J 63 -49.42 27.16 16.94
N TYR J 64 -48.89 27.65 15.81
CA TYR J 64 -47.45 27.57 15.62
C TYR J 64 -46.72 28.57 16.52
N ALA J 65 -47.29 29.75 16.71
CA ALA J 65 -46.65 30.75 17.57
C ALA J 65 -46.66 30.31 19.03
N GLU J 66 -47.75 29.69 19.49
CA GLU J 66 -47.78 29.24 20.88
C GLU J 66 -46.77 28.12 21.13
N HIS J 67 -46.64 27.15 20.21
CA HIS J 67 -45.68 26.08 20.42
C HIS J 67 -44.26 26.65 20.52
N LEU J 68 -43.91 27.53 19.60
CA LEU J 68 -42.56 28.08 19.56
C LEU J 68 -42.27 28.91 20.79
N LEU J 69 -43.21 29.76 21.21
CA LEU J 69 -42.96 30.63 22.35
C LEU J 69 -42.98 29.90 23.69
N GLN J 70 -43.37 28.62 23.70
CA GLN J 70 -43.35 27.81 24.92
C GLN J 70 -42.21 26.81 24.95
N ASP J 71 -41.29 26.88 24.00
CA ASP J 71 -40.09 26.04 23.97
C ASP J 71 -38.99 26.65 24.83
N ARG J 72 -38.40 25.84 25.71
CA ARG J 72 -37.36 26.34 26.60
C ARG J 72 -36.03 26.55 25.90
N ALA J 73 -35.87 26.05 24.68
CA ALA J 73 -34.64 26.31 23.94
C ALA J 73 -34.72 27.53 23.03
N ALA J 74 -35.87 27.79 22.43
CA ALA J 74 -35.99 28.87 21.47
C ALA J 74 -36.41 30.16 22.17
N GLU J 75 -35.93 31.27 21.64
CA GLU J 75 -36.37 32.59 22.07
C GLU J 75 -36.53 33.47 20.84
N ALA J 76 -37.34 34.52 20.97
CA ALA J 76 -37.59 35.42 19.85
C ALA J 76 -37.55 36.87 20.31
N LEU J 77 -36.76 37.68 19.61
CA LEU J 77 -36.69 39.12 19.82
C LEU J 77 -37.62 39.82 18.83
N GLY J 78 -38.44 40.75 19.33
CA GLY J 78 -39.43 41.42 18.50
C GLY J 78 -39.15 42.90 18.32
N ALA J 79 -39.50 43.40 17.14
CA ALA J 79 -39.34 44.81 16.81
C ALA J 79 -40.71 45.44 16.60
N ARG J 80 -40.97 46.52 17.32
CA ARG J 80 -42.23 47.24 17.20
C ARG J 80 -42.01 48.61 16.59
N VAL J 81 -42.88 48.96 15.65
CA VAL J 81 -42.93 50.29 15.07
C VAL J 81 -44.36 50.79 15.26
N ASP J 82 -44.49 51.92 15.97
CA ASP J 82 -45.79 52.50 16.28
C ASP J 82 -46.72 51.48 16.92
N GLY J 83 -46.17 50.65 17.81
CA GLY J 83 -46.96 49.67 18.52
C GLY J 83 -47.24 48.38 17.78
N ASN J 84 -47.00 48.32 16.47
CA ASN J 84 -47.26 47.11 15.70
C ASN J 84 -46.00 46.27 15.58
N LEU J 85 -46.13 44.98 15.81
CA LEU J 85 -44.99 44.07 15.68
C LEU J 85 -44.67 43.86 14.21
N VAL J 86 -43.49 44.32 13.79
CA VAL J 86 -43.14 44.34 12.38
C VAL J 86 -41.87 43.56 12.08
N GLY J 87 -41.27 42.91 13.07
CA GLY J 87 -40.09 42.09 12.83
C GLY J 87 -39.81 41.17 14.00
N PHE J 88 -39.04 40.12 13.71
CA PHE J 88 -38.62 39.18 14.75
C PHE J 88 -37.31 38.52 14.33
N VAL J 89 -36.62 38.00 15.34
CA VAL J 89 -35.49 37.10 15.15
C VAL J 89 -35.59 35.98 16.19
N ILE J 90 -35.46 34.73 15.72
CA ILE J 90 -35.51 33.55 16.58
C ILE J 90 -34.09 33.09 16.85
N PHE J 91 -33.76 32.90 18.13
CA PHE J 91 -32.40 32.58 18.51
C PHE J 91 -32.39 31.54 19.62
N TYR J 92 -31.23 30.88 19.74
CA TYR J 92 -30.97 29.89 20.77
C TYR J 92 -29.76 30.31 21.57
N ASP J 93 -29.85 30.18 22.90
CA ASP J 93 -28.71 30.36 23.79
C ASP J 93 -28.21 28.95 24.10
N LEU J 94 -27.12 28.54 23.44
CA LEU J 94 -26.62 27.16 23.45
C LEU J 94 -25.28 27.03 24.17
N PRO J 95 -24.99 25.86 24.77
CA PRO J 95 -23.66 25.66 25.34
C PRO J 95 -22.58 25.60 24.27
N GLU J 96 -21.37 26.04 24.61
CA GLU J 96 -20.23 25.98 23.70
C GLU J 96 -19.16 25.05 24.26
N PRO J 97 -19.18 23.76 23.91
CA PRO J 97 -18.28 22.79 24.55
C PRO J 97 -16.81 23.01 24.26
N VAL J 98 -16.47 23.62 23.12
CA VAL J 98 -15.08 23.79 22.75
C VAL J 98 -14.36 24.71 23.74
N THR J 99 -14.94 25.88 23.98
CA THR J 99 -14.40 26.81 24.94
C THR J 99 -14.95 26.60 26.35
N GLY J 100 -16.04 25.84 26.48
CA GLY J 100 -16.68 25.69 27.76
C GLY J 100 -17.57 26.83 28.19
N LEU J 101 -17.83 27.79 27.31
CA LEU J 101 -18.74 28.90 27.57
C LEU J 101 -20.06 28.64 26.83
N ARG J 102 -20.83 29.68 26.56
CA ARG J 102 -22.06 29.52 25.78
C ARG J 102 -21.97 30.29 24.47
N ALA J 103 -22.95 30.09 23.59
CA ALA J 103 -22.98 30.79 22.32
C ALA J 103 -24.42 30.98 21.88
N GLY J 104 -24.66 32.07 21.16
CA GLY J 104 -25.96 32.33 20.57
C GLY J 104 -26.05 31.84 19.14
N GLN J 105 -27.26 31.43 18.73
CA GLN J 105 -27.47 30.92 17.38
C GLN J 105 -28.76 31.48 16.83
N VAL J 106 -28.68 32.10 15.66
CA VAL J 106 -29.82 32.67 14.94
C VAL J 106 -30.06 31.84 13.71
N ASP J 107 -31.28 31.31 13.56
CA ASP J 107 -31.68 30.64 12.33
C ASP J 107 -32.74 31.41 11.56
N HIS J 108 -33.46 32.33 12.18
CA HIS J 108 -34.59 32.95 11.50
C HIS J 108 -34.68 34.42 11.87
N ILE J 109 -34.73 35.25 10.82
CA ILE J 109 -34.94 36.68 10.95
C ILE J 109 -35.94 37.08 9.88
N TYR J 110 -36.80 38.06 10.21
CA TYR J 110 -37.82 38.49 9.28
C TYR J 110 -38.28 39.90 9.65
N VAL J 111 -38.43 40.76 8.62
CA VAL J 111 -38.95 42.12 8.75
C VAL J 111 -40.13 42.29 7.81
N HIS J 112 -41.20 42.90 8.31
CA HIS J 112 -42.38 43.17 7.48
C HIS J 112 -42.01 43.92 6.19
N HIS J 113 -42.67 43.55 5.10
CA HIS J 113 -42.33 44.09 3.79
C HIS J 113 -42.59 45.60 3.68
N ASP J 114 -43.44 46.17 4.52
CA ASP J 114 -43.68 47.61 4.48
C ASP J 114 -42.68 48.40 5.33
N HIS J 115 -41.72 47.71 5.98
CA HIS J 115 -40.80 48.38 6.89
C HIS J 115 -39.35 48.06 6.56
N ARG J 116 -39.07 47.66 5.32
CA ARG J 116 -37.71 47.38 4.89
C ARG J 116 -36.95 48.69 4.63
N GLY J 117 -35.63 48.55 4.50
CA GLY J 117 -34.77 49.67 4.18
C GLY J 117 -34.56 50.67 5.29
N LYS J 118 -34.87 50.30 6.53
CA LYS J 118 -34.71 51.17 7.69
C LYS J 118 -33.71 50.65 8.72
N GLY J 119 -33.01 49.54 8.45
CA GLY J 119 -32.09 48.99 9.44
C GLY J 119 -32.70 48.27 10.63
N ILE J 120 -33.96 47.81 10.52
CA ILE J 120 -34.60 47.10 11.64
C ILE J 120 -33.96 45.74 11.85
N ALA J 121 -33.74 45.00 10.76
CA ALA J 121 -33.12 43.69 10.90
C ALA J 121 -31.76 43.83 11.54
N LYS J 122 -31.01 44.85 11.11
CA LYS J 122 -29.72 45.14 11.72
C LYS J 122 -29.89 45.47 13.19
N ALA J 123 -30.92 46.23 13.52
CA ALA J 123 -31.18 46.59 14.91
C ALA J 123 -31.49 45.35 15.75
N LEU J 124 -32.18 44.37 15.18
CA LEU J 124 -32.49 43.14 15.92
C LEU J 124 -31.22 42.38 16.29
N ILE J 125 -30.30 42.26 15.35
CA ILE J 125 -29.04 41.57 15.62
C ILE J 125 -28.25 42.35 16.66
N ASP J 126 -28.34 43.68 16.62
CA ASP J 126 -27.59 44.55 17.53
C ASP J 126 -28.00 44.34 18.98
N VAL J 127 -29.31 44.28 19.25
CA VAL J 127 -29.76 44.00 20.60
C VAL J 127 -29.28 42.62 21.04
N LEU J 128 -29.36 41.64 20.14
CA LEU J 128 -28.89 40.29 20.44
C LEU J 128 -27.39 40.26 20.69
N ALA J 129 -26.62 40.97 19.87
CA ALA J 129 -25.18 41.04 20.07
C ALA J 129 -24.82 41.62 21.44
N ASP J 130 -25.44 42.74 21.82
CA ASP J 130 -25.13 43.35 23.10
C ASP J 130 -25.45 42.46 24.29
N LYS J 131 -26.25 41.42 24.10
CA LYS J 131 -26.53 40.49 25.19
C LYS J 131 -25.36 39.57 25.51
N ALA J 132 -24.31 39.60 24.68
CA ALA J 132 -23.22 38.62 24.77
C ALA J 132 -22.62 38.53 26.17
N GLU J 133 -22.36 39.68 26.79
CA GLU J 133 -21.78 39.66 28.14
C GLU J 133 -22.77 39.09 29.15
N GLU J 134 -24.05 39.47 29.05
CA GLU J 134 -25.06 38.99 29.99
C GLU J 134 -25.16 37.47 29.98
N ARG J 135 -25.08 36.86 28.80
CA ARG J 135 -25.25 35.41 28.68
C ARG J 135 -23.94 34.64 28.55
N SER J 136 -22.79 35.32 28.64
CA SER J 136 -21.46 34.72 28.50
C SER J 136 -21.26 34.03 27.15
N TRP J 137 -21.65 34.72 26.09
CA TRP J 137 -21.46 34.22 24.74
C TRP J 137 -20.05 34.50 24.25
N SER J 138 -19.36 33.46 23.77
CA SER J 138 -18.12 33.68 23.05
C SER J 138 -18.34 34.10 21.60
N LYS J 139 -19.52 33.83 21.04
CA LYS J 139 -19.83 34.16 19.66
C LYS J 139 -21.34 34.20 19.45
N LEU J 140 -21.74 34.79 18.32
CA LEU J 140 -23.12 34.74 17.87
C LEU J 140 -23.11 34.19 16.45
N VAL J 141 -23.64 32.98 16.29
CA VAL J 141 -23.69 32.32 14.99
C VAL J 141 -24.95 32.78 14.27
N LEU J 142 -24.81 33.11 12.98
CA LEU J 142 -25.91 33.56 12.15
C LEU J 142 -26.02 32.60 10.98
N ASN J 143 -27.16 31.93 10.87
CA ASN J 143 -27.43 30.98 9.78
C ASN J 143 -28.48 31.60 8.89
N ALA J 144 -28.16 31.79 7.62
CA ALA J 144 -29.11 32.40 6.69
C ALA J 144 -29.64 31.34 5.75
N PRO J 145 -30.93 31.05 5.78
CA PRO J 145 -31.46 30.07 4.82
C PRO J 145 -31.34 30.65 3.41
N ARG J 146 -31.46 29.78 2.42
CA ARG J 146 -31.36 30.22 1.03
C ARG J 146 -32.45 31.25 0.69
N VAL J 147 -33.68 30.98 1.10
CA VAL J 147 -34.79 31.92 0.95
C VAL J 147 -35.50 32.03 2.30
N PRO J 148 -36.02 33.20 2.69
CA PRO J 148 -35.86 34.47 1.95
C PRO J 148 -34.43 35.04 2.12
N GLU J 149 -34.01 35.83 1.12
CA GLU J 149 -32.64 36.31 1.00
C GLU J 149 -32.27 37.35 2.05
N ASP J 150 -33.24 37.79 2.86
CA ASP J 150 -33.02 38.94 3.72
C ASP J 150 -31.90 38.68 4.72
N GLY J 151 -31.86 37.50 5.31
CA GLY J 151 -30.82 37.20 6.30
C GLY J 151 -29.41 37.26 5.72
N ARG J 152 -29.19 36.57 4.60
CA ARG J 152 -27.88 36.53 3.96
C ARG J 152 -27.39 37.94 3.63
N LYS J 153 -28.23 38.75 2.99
CA LYS J 153 -27.78 40.07 2.59
C LYS J 153 -27.42 40.93 3.80
N LEU J 154 -28.10 40.74 4.94
CA LEU J 154 -27.75 41.46 6.15
C LEU J 154 -26.47 40.91 6.78
N TYR J 155 -26.42 39.57 7.02
CA TYR J 155 -25.32 39.00 7.79
C TYR J 155 -24.00 39.19 7.06
N GLU J 156 -24.01 39.09 5.73
CA GLU J 156 -22.75 39.21 5.03
C GLU J 156 -22.16 40.62 5.12
N GLN J 157 -22.97 41.65 5.45
CA GLN J 157 -22.40 42.97 5.68
C GLN J 157 -22.02 43.23 7.13
N ILE J 158 -22.61 42.53 8.09
CA ILE J 158 -22.41 42.82 9.51
C ILE J 158 -21.70 41.69 10.25
N ALA J 159 -21.31 40.61 9.58
CA ALA J 159 -20.68 39.49 10.26
C ALA J 159 -19.61 38.88 9.37
N ALA J 160 -18.75 38.07 9.99
CA ALA J 160 -17.71 37.37 9.26
C ALA J 160 -18.22 36.06 8.70
N ALA J 161 -17.77 35.72 7.50
CA ALA J 161 -18.14 34.43 6.92
C ALA J 161 -17.68 33.32 7.85
N ALA J 162 -18.54 32.30 8.01
CA ALA J 162 -18.24 31.19 8.89
C ALA J 162 -17.11 30.36 8.30
N ASP J 163 -16.35 29.70 9.17
CA ASP J 163 -15.23 28.88 8.69
C ASP J 163 -15.45 27.39 8.87
N TRP J 164 -16.60 26.97 9.41
CA TRP J 164 -17.00 25.57 9.46
C TRP J 164 -17.82 25.22 8.22
N SER J 165 -18.17 23.94 8.07
CA SER J 165 -19.02 23.54 6.95
C SER J 165 -20.21 22.74 7.47
N SER J 166 -21.26 22.68 6.66
CA SER J 166 -22.54 22.13 7.11
C SER J 166 -23.16 21.21 6.07
N TYR J 167 -24.00 20.32 6.59
CA TYR J 167 -24.57 19.22 5.82
C TYR J 167 -25.92 18.91 6.44
N VAL J 168 -26.71 18.13 5.72
CA VAL J 168 -28.04 17.81 6.21
C VAL J 168 -28.43 16.43 5.71
N ILE J 169 -29.15 15.71 6.56
CA ILE J 169 -29.85 14.49 6.17
C ILE J 169 -31.34 14.81 6.29
N ARG J 170 -32.07 14.63 5.20
CA ARG J 170 -33.51 14.93 5.18
C ARG J 170 -34.31 13.66 5.33
N PHE J 171 -35.42 13.75 6.07
CA PHE J 171 -36.22 12.57 6.34
C PHE J 171 -37.59 12.70 5.69
N HIS K 26 35.78 43.50 -7.17
CA HIS K 26 34.93 42.62 -6.38
C HIS K 26 35.63 42.25 -5.07
N ALA K 27 34.89 41.61 -4.16
CA ALA K 27 35.32 41.49 -2.79
C ALA K 27 35.67 40.04 -2.43
N VAL K 28 35.83 39.80 -1.14
CA VAL K 28 36.05 38.46 -0.60
C VAL K 28 34.69 37.88 -0.26
N ASP K 29 34.40 36.70 -0.82
CA ASP K 29 33.14 36.03 -0.54
C ASP K 29 33.34 35.08 0.63
N ILE K 30 32.57 35.29 1.69
CA ILE K 30 32.63 34.47 2.88
C ILE K 30 31.35 33.67 2.95
N ALA K 31 31.49 32.35 3.10
CA ALA K 31 30.35 31.45 3.12
C ALA K 31 30.72 30.21 3.90
N LEU K 32 29.71 29.58 4.49
CA LEU K 32 29.92 28.32 5.18
C LEU K 32 30.37 27.27 4.16
N LEU K 33 31.34 26.46 4.58
CA LEU K 33 31.83 25.37 3.75
C LEU K 33 30.95 24.15 3.92
N HIS K 34 30.76 23.40 2.83
CA HIS K 34 29.97 22.17 2.80
C HIS K 34 30.77 21.02 2.17
N LEU K 35 30.12 19.86 1.98
CA LEU K 35 30.84 18.70 1.45
C LEU K 35 31.43 18.98 0.07
N ARG K 36 30.69 19.70 -0.79
CA ARG K 36 31.19 20.08 -2.10
C ARG K 36 32.54 20.81 -2.03
N ASP K 37 32.82 21.48 -0.92
CA ASP K 37 34.04 22.26 -0.75
C ASP K 37 35.18 21.43 -0.19
N ALA K 38 34.96 20.14 0.10
CA ALA K 38 35.95 19.35 0.82
C ALA K 38 37.26 19.24 0.04
N HIS K 39 37.17 19.02 -1.27
CA HIS K 39 38.37 18.84 -2.08
C HIS K 39 39.28 20.07 -2.03
N GLU K 40 38.70 21.27 -2.13
CA GLU K 40 39.48 22.49 -2.04
C GLU K 40 39.95 22.78 -0.61
N PHE K 41 39.19 22.33 0.39
CA PHE K 41 39.50 22.66 1.78
C PHE K 41 40.72 21.89 2.27
N ALA K 42 40.87 20.65 1.82
CA ALA K 42 41.92 19.77 2.33
C ALA K 42 43.31 20.38 2.19
N PRO K 43 43.72 20.88 1.02
CA PRO K 43 45.08 21.45 0.94
C PRO K 43 45.24 22.70 1.80
N LEU K 44 44.19 23.48 1.98
CA LEU K 44 44.28 24.63 2.87
C LEU K 44 44.49 24.18 4.32
N LEU K 45 43.73 23.16 4.74
CA LEU K 45 43.92 22.58 6.07
C LEU K 45 45.30 21.96 6.23
N ALA K 46 45.82 21.33 5.17
CA ALA K 46 47.14 20.71 5.25
C ALA K 46 48.22 21.76 5.45
N SER K 47 48.10 22.89 4.76
CA SER K 47 49.04 23.97 4.98
C SER K 47 48.93 24.50 6.40
N TYR K 48 47.70 24.61 6.91
CA TYR K 48 47.53 25.07 8.29
C TYR K 48 48.21 24.12 9.26
N ALA K 49 48.03 22.82 9.04
CA ALA K 49 48.64 21.84 9.92
C ALA K 49 50.16 21.98 9.94
N GLN K 50 50.78 22.12 8.76
CA GLN K 50 52.24 22.27 8.71
C GLN K 50 52.71 23.54 9.42
N ALA K 51 51.95 24.63 9.26
CA ALA K 51 52.37 25.90 9.84
C ALA K 51 52.31 25.89 11.37
N LEU K 52 51.53 24.99 11.96
CA LEU K 52 51.48 24.90 13.42
C LEU K 52 52.86 24.60 14.02
N LYS K 53 53.79 24.06 13.21
CA LYS K 53 55.19 23.82 13.61
C LYS K 53 55.29 23.18 15.00
N ARG K 54 54.33 22.33 15.32
CA ARG K 54 54.21 21.70 16.63
C ARG K 54 54.33 20.19 16.39
N GLY K 55 55.54 19.66 16.52
CA GLY K 55 55.69 18.21 16.51
C GLY K 55 55.70 17.61 15.12
N ALA K 56 55.30 16.33 15.07
CA ALA K 56 55.21 15.60 13.82
C ALA K 56 53.73 15.42 13.52
N PRO K 57 53.16 16.19 12.60
CA PRO K 57 51.70 16.11 12.38
C PRO K 57 51.27 14.73 11.89
N ARG K 58 50.21 14.19 12.51
CA ARG K 58 49.56 13.01 11.96
C ARG K 58 48.97 13.35 10.60
N ARG K 59 49.18 12.47 9.63
CA ARG K 59 48.63 12.67 8.30
C ARG K 59 47.17 12.17 8.28
N PRO K 60 46.20 13.03 8.04
CA PRO K 60 44.81 12.55 8.00
C PRO K 60 44.52 11.79 6.73
N ASP K 61 43.49 10.93 6.81
CA ASP K 61 43.07 10.12 5.68
C ASP K 61 42.71 11.00 4.49
N ASP K 62 42.54 10.36 3.32
CA ASP K 62 42.39 11.09 2.06
C ASP K 62 41.15 11.96 2.03
N PHE K 63 40.13 11.59 2.78
CA PHE K 63 38.85 12.26 2.70
C PHE K 63 38.43 12.79 4.06
N TYR K 64 39.42 13.13 4.89
CA TYR K 64 39.12 13.54 6.25
C TYR K 64 38.32 14.85 6.28
N ALA K 65 38.55 15.75 5.32
CA ALA K 65 37.78 17.00 5.32
C ALA K 65 36.29 16.72 5.14
N GLU K 66 35.96 15.65 4.40
CA GLU K 66 34.55 15.27 4.25
C GLU K 66 33.95 14.87 5.59
N HIS K 67 34.71 14.15 6.43
CA HIS K 67 34.24 13.86 7.78
C HIS K 67 34.00 15.14 8.55
N LEU K 68 34.97 16.05 8.49
CA LEU K 68 34.94 17.27 9.27
C LEU K 68 33.78 18.17 8.86
N LEU K 69 33.55 18.32 7.56
CA LEU K 69 32.51 19.24 7.12
C LEU K 69 31.10 18.66 7.28
N GLN K 70 30.97 17.38 7.57
CA GLN K 70 29.66 16.79 7.84
C GLN K 70 29.47 16.54 9.34
N ASP K 71 30.32 17.12 10.19
CA ASP K 71 30.20 16.97 11.64
C ASP K 71 29.01 17.77 12.19
N ARG K 72 28.41 17.25 13.27
CA ARG K 72 27.22 17.86 13.84
C ARG K 72 27.50 19.04 14.74
N ALA K 73 28.74 19.21 15.22
CA ALA K 73 29.11 20.35 16.04
C ALA K 73 30.05 21.31 15.33
N ALA K 74 30.92 20.79 14.48
CA ALA K 74 31.92 21.62 13.84
C ALA K 74 31.38 22.15 12.54
N GLU K 75 31.76 23.38 12.24
CA GLU K 75 31.46 24.06 10.99
C GLU K 75 32.70 24.83 10.60
N ALA K 76 32.78 25.20 9.33
CA ALA K 76 33.91 25.93 8.80
C ALA K 76 33.37 27.04 7.91
N LEU K 77 33.90 28.25 8.10
CA LEU K 77 33.63 29.40 7.24
C LEU K 77 34.78 29.52 6.24
N GLY K 78 34.44 29.75 4.97
CA GLY K 78 35.43 29.86 3.92
C GLY K 78 35.46 31.26 3.34
N ALA K 79 36.66 31.67 2.89
CA ALA K 79 36.87 32.93 2.21
C ALA K 79 37.36 32.62 0.81
N ARG K 80 36.67 33.20 -0.18
CA ARG K 80 37.04 33.03 -1.57
C ARG K 80 37.42 34.37 -2.19
N VAL K 81 38.51 34.37 -2.95
CA VAL K 81 38.93 35.50 -3.75
C VAL K 81 39.00 35.00 -5.18
N ASP K 82 38.21 35.62 -6.06
CA ASP K 82 38.10 35.20 -7.45
C ASP K 82 37.78 33.71 -7.56
N GLY K 83 36.89 33.24 -6.68
CA GLY K 83 36.44 31.88 -6.69
C GLY K 83 37.32 30.86 -5.99
N ASN K 84 38.55 31.20 -5.64
CA ASN K 84 39.46 30.26 -5.00
C ASN K 84 39.40 30.43 -3.49
N LEU K 85 39.29 29.29 -2.78
CA LEU K 85 39.25 29.30 -1.33
C LEU K 85 40.64 29.61 -0.79
N VAL K 86 40.76 30.73 -0.07
CA VAL K 86 42.04 31.25 0.37
C VAL K 86 42.11 31.46 1.88
N GLY K 87 41.06 31.14 2.60
CA GLY K 87 41.09 31.27 4.05
C GLY K 87 39.96 30.50 4.66
N PHE K 88 40.09 30.21 5.95
CA PHE K 88 38.99 29.56 6.64
C PHE K 88 39.09 29.84 8.13
N VAL K 89 37.98 29.61 8.81
CA VAL K 89 37.93 29.55 10.27
C VAL K 89 37.06 28.35 10.63
N ILE K 90 37.54 27.52 11.55
CA ILE K 90 36.78 26.36 12.03
C ILE K 90 36.18 26.67 13.38
N PHE K 91 34.89 26.44 13.56
CA PHE K 91 34.27 26.78 14.82
C PHE K 91 33.24 25.71 15.21
N TYR K 92 32.89 25.73 16.49
CA TYR K 92 31.90 24.84 17.08
C TYR K 92 30.77 25.68 17.64
N ASP K 93 29.55 25.25 17.38
CA ASP K 93 28.35 25.86 17.93
C ASP K 93 27.90 24.97 19.08
N LEU K 94 28.21 25.39 20.31
CA LEU K 94 28.07 24.53 21.48
C LEU K 94 27.00 25.02 22.44
N PRO K 95 26.37 24.10 23.18
CA PRO K 95 25.38 24.52 24.18
C PRO K 95 26.01 25.25 25.35
N GLU K 96 25.21 26.12 25.97
CA GLU K 96 25.56 26.78 27.23
C GLU K 96 24.60 26.16 28.23
N PRO K 97 25.02 25.15 28.98
CA PRO K 97 24.03 24.41 29.78
C PRO K 97 23.36 25.27 30.84
N VAL K 98 24.05 26.28 31.36
CA VAL K 98 23.49 27.12 32.41
C VAL K 98 22.36 28.00 31.86
N THR K 99 22.62 28.71 30.75
CA THR K 99 21.67 29.67 30.20
C THR K 99 20.69 29.07 29.21
N GLY K 100 20.93 27.87 28.69
CA GLY K 100 20.02 27.39 27.66
C GLY K 100 20.24 28.01 26.30
N LEU K 101 21.31 28.76 26.12
CA LEU K 101 21.62 29.31 24.81
C LEU K 101 22.71 28.49 24.15
N ARG K 102 23.25 29.01 23.06
CA ARG K 102 24.40 28.41 22.41
C ARG K 102 25.54 29.40 22.54
N ALA K 103 26.73 28.95 22.19
CA ALA K 103 27.88 29.85 22.15
C ALA K 103 28.81 29.32 21.06
N GLY K 104 29.54 30.25 20.45
CA GLY K 104 30.51 29.89 19.44
C GLY K 104 31.88 29.65 20.04
N GLN K 105 32.66 28.76 19.41
CA GLN K 105 34.03 28.49 19.86
C GLN K 105 34.91 28.37 18.64
N VAL K 106 35.94 29.20 18.55
CA VAL K 106 36.85 29.18 17.41
C VAL K 106 38.17 28.57 17.87
N ASP K 107 38.63 27.52 17.18
CA ASP K 107 39.94 26.95 17.45
C ASP K 107 40.97 27.13 16.35
N HIS K 108 40.56 27.44 15.12
CA HIS K 108 41.51 27.47 14.00
C HIS K 108 41.10 28.49 12.96
N ILE K 109 42.05 29.34 12.59
CA ILE K 109 41.90 30.29 11.50
C ILE K 109 43.19 30.28 10.68
N TYR K 110 43.05 30.48 9.37
CA TYR K 110 44.18 30.38 8.48
C TYR K 110 43.89 31.16 7.21
N VAL K 111 44.90 31.89 6.75
CA VAL K 111 44.84 32.60 5.48
C VAL K 111 46.02 32.12 4.64
N HIS K 112 45.74 31.76 3.39
CA HIS K 112 46.76 31.34 2.44
C HIS K 112 47.91 32.35 2.42
N HIS K 113 49.14 31.86 2.27
CA HIS K 113 50.33 32.69 2.38
C HIS K 113 50.42 33.75 1.28
N ASP K 114 49.75 33.55 0.15
CA ASP K 114 49.71 34.52 -0.93
C ASP K 114 48.60 35.56 -0.78
N HIS K 115 47.83 35.53 0.30
CA HIS K 115 46.69 36.43 0.45
C HIS K 115 46.70 37.15 1.79
N ARG K 116 47.87 37.32 2.40
CA ARG K 116 47.95 38.08 3.63
C ARG K 116 47.81 39.59 3.34
N GLY K 117 47.53 40.35 4.39
CA GLY K 117 47.44 41.79 4.25
C GLY K 117 46.20 42.30 3.54
N LYS K 118 45.16 41.46 3.43
CA LYS K 118 43.91 41.80 2.77
C LYS K 118 42.72 41.80 3.72
N GLY K 119 42.97 41.69 5.02
CA GLY K 119 41.91 41.68 6.02
C GLY K 119 41.04 40.44 6.04
N ILE K 120 41.50 39.34 5.44
CA ILE K 120 40.67 38.14 5.32
C ILE K 120 40.37 37.51 6.67
N ALA K 121 41.37 37.40 7.55
CA ALA K 121 41.11 36.77 8.85
C ALA K 121 40.05 37.56 9.61
N LYS K 122 40.20 38.88 9.63
CA LYS K 122 39.20 39.73 10.27
C LYS K 122 37.84 39.62 9.59
N ALA K 123 37.83 39.52 8.26
CA ALA K 123 36.56 39.35 7.56
C ALA K 123 35.86 38.05 7.98
N LEU K 124 36.64 36.98 8.19
CA LEU K 124 36.07 35.71 8.61
C LEU K 124 35.47 35.82 10.01
N ILE K 125 36.18 36.47 10.93
CA ILE K 125 35.64 36.61 12.28
C ILE K 125 34.46 37.58 12.28
N ASP K 126 34.49 38.60 11.42
CA ASP K 126 33.38 39.55 11.35
C ASP K 126 32.08 38.85 10.97
N VAL K 127 32.12 38.02 9.94
CA VAL K 127 30.94 37.25 9.55
C VAL K 127 30.50 36.33 10.67
N LEU K 128 31.46 35.68 11.34
CA LEU K 128 31.11 34.83 12.46
C LEU K 128 30.42 35.66 13.54
N ALA K 129 30.97 36.83 13.84
CA ALA K 129 30.33 37.71 14.81
C ALA K 129 28.92 38.10 14.37
N ASP K 130 28.68 38.26 13.07
CA ASP K 130 27.32 38.56 12.64
C ASP K 130 26.40 37.36 12.80
N LYS K 131 26.92 36.15 12.56
CA LYS K 131 26.09 34.98 12.78
C LYS K 131 25.74 34.83 14.26
N ALA K 132 26.50 35.47 15.14
CA ALA K 132 26.22 35.35 16.57
C ALA K 132 24.81 35.80 16.89
N GLU K 133 24.43 36.96 16.36
CA GLU K 133 23.09 37.50 16.57
C GLU K 133 22.03 36.61 15.95
N GLU K 134 22.27 36.11 14.74
CA GLU K 134 21.33 35.20 14.09
C GLU K 134 21.05 33.98 14.96
N ARG K 135 22.06 33.47 15.67
CA ARG K 135 21.96 32.26 16.47
C ARG K 135 21.74 32.50 17.95
N SER K 136 21.61 33.77 18.38
CA SER K 136 21.51 34.12 19.80
C SER K 136 22.68 33.57 20.63
N TRP K 137 23.89 33.74 20.12
CA TRP K 137 25.04 33.34 20.91
C TRP K 137 25.21 34.30 22.08
N SER K 138 25.39 33.74 23.27
CA SER K 138 25.70 34.56 24.42
C SER K 138 27.16 35.03 24.42
N LYS K 139 28.06 34.31 23.76
CA LYS K 139 29.46 34.70 23.67
C LYS K 139 30.10 33.98 22.50
N LEU K 140 31.27 34.48 22.08
CA LEU K 140 32.09 33.82 21.09
C LEU K 140 33.49 33.63 21.67
N VAL K 141 33.87 32.37 21.90
CA VAL K 141 35.17 32.04 22.47
C VAL K 141 36.19 31.90 21.33
N LEU K 142 37.36 32.48 21.51
CA LEU K 142 38.42 32.41 20.52
C LEU K 142 39.64 31.72 21.14
N ASN K 143 40.03 30.58 20.57
CA ASN K 143 41.19 29.82 21.05
C ASN K 143 42.33 29.92 20.03
N ALA K 144 43.48 30.39 20.49
CA ALA K 144 44.64 30.68 19.62
C ALA K 144 45.85 29.80 19.90
N PRO K 145 46.38 29.08 18.93
CA PRO K 145 47.63 28.33 19.15
C PRO K 145 48.80 29.28 19.33
N ARG K 146 49.89 28.74 19.89
CA ARG K 146 51.11 29.54 20.04
C ARG K 146 51.69 29.93 18.69
N VAL K 147 51.73 28.98 17.76
CA VAL K 147 52.19 29.16 16.38
C VAL K 147 51.11 28.63 15.44
N PRO K 148 50.80 29.30 14.33
CA PRO K 148 51.27 30.66 13.97
C PRO K 148 50.52 31.75 14.75
N GLU K 149 51.16 32.90 14.94
CA GLU K 149 50.64 33.95 15.80
C GLU K 149 49.44 34.70 15.21
N ASP K 150 49.06 34.43 13.96
CA ASP K 150 48.08 35.29 13.28
C ASP K 150 46.75 35.29 14.00
N GLY K 151 46.31 34.13 14.49
CA GLY K 151 45.08 34.08 15.26
C GLY K 151 45.16 34.93 16.53
N ARG K 152 46.24 34.73 17.31
CA ARG K 152 46.41 35.48 18.55
C ARG K 152 46.46 36.99 18.28
N LYS K 153 47.23 37.39 17.26
CA LYS K 153 47.37 38.82 16.97
C LYS K 153 46.03 39.43 16.59
N LEU K 154 45.15 38.68 15.93
CA LEU K 154 43.81 39.20 15.66
C LEU K 154 42.96 39.21 16.92
N TYR K 155 42.99 38.11 17.69
CA TYR K 155 42.06 37.97 18.81
C TYR K 155 42.30 39.00 19.91
N GLU K 156 43.56 39.31 20.21
CA GLU K 156 43.84 40.22 21.33
C GLU K 156 43.36 41.65 21.07
N GLN K 157 43.15 42.04 19.81
CA GLN K 157 42.65 43.36 19.46
C GLN K 157 41.14 43.45 19.43
N ILE K 158 40.43 42.32 19.32
CA ILE K 158 38.98 42.35 19.17
C ILE K 158 38.26 41.69 20.34
N ALA K 159 38.98 41.16 21.32
CA ALA K 159 38.29 40.40 22.35
C ALA K 159 38.99 40.57 23.69
N ALA K 160 38.29 40.21 24.75
CA ALA K 160 38.87 40.26 26.08
C ALA K 160 39.67 39.00 26.36
N ALA K 161 40.77 39.16 27.09
CA ALA K 161 41.54 37.99 27.52
C ALA K 161 40.65 37.10 28.38
N ALA K 162 40.77 35.80 28.18
CA ALA K 162 39.98 34.86 28.95
C ALA K 162 40.37 34.85 30.42
N ASP K 163 39.37 34.63 31.27
CA ASP K 163 39.60 34.54 32.71
C ASP K 163 39.45 33.12 33.23
N TRP K 164 39.16 32.17 32.36
CA TRP K 164 39.19 30.76 32.74
C TRP K 164 40.59 30.19 32.44
N SER K 165 40.82 28.97 32.90
CA SER K 165 42.07 28.28 32.64
C SER K 165 41.80 26.92 32.00
N SER K 166 42.81 26.40 31.31
CA SER K 166 42.66 25.24 30.48
C SER K 166 43.81 24.28 30.70
N TYR K 167 43.49 23.00 30.51
CA TYR K 167 44.42 21.91 30.79
C TYR K 167 44.13 20.81 29.77
N VAL K 168 45.05 19.86 29.65
CA VAL K 168 44.90 18.82 28.65
C VAL K 168 45.47 17.52 29.19
N ILE K 169 44.76 16.43 28.92
CA ILE K 169 45.23 15.06 29.16
C ILE K 169 45.40 14.42 27.79
N ARG K 170 46.59 13.91 27.52
CA ARG K 170 46.91 13.32 26.24
C ARG K 170 46.78 11.80 26.27
N PHE K 171 46.35 11.25 25.15
CA PHE K 171 46.17 9.82 25.00
C PHE K 171 47.06 9.34 23.85
N GLY K 172 46.95 8.05 23.54
CA GLY K 172 47.66 7.48 22.42
C GLY K 172 48.86 6.69 22.86
N ASN K 173 49.60 6.22 21.87
CA ASN K 173 50.86 5.53 22.14
C ASN K 173 51.95 6.54 22.53
N HIS L 26 -53.14 -10.49 3.89
CA HIS L 26 -54.45 -10.40 3.26
C HIS L 26 -54.53 -11.24 1.98
N ALA L 27 -53.39 -11.64 1.44
CA ALA L 27 -53.35 -12.25 0.12
C ALA L 27 -52.09 -13.10 -0.05
N VAL L 28 -51.89 -13.60 -1.26
CA VAL L 28 -50.74 -14.41 -1.64
C VAL L 28 -49.61 -13.48 -2.04
N ASP L 29 -48.45 -13.62 -1.39
CA ASP L 29 -47.28 -12.84 -1.74
C ASP L 29 -46.42 -13.63 -2.71
N ILE L 30 -46.01 -12.99 -3.81
CA ILE L 30 -45.21 -13.60 -4.86
C ILE L 30 -43.89 -12.87 -4.95
N ALA L 31 -42.79 -13.62 -4.87
CA ALA L 31 -41.46 -13.04 -4.90
C ALA L 31 -40.46 -14.08 -5.39
N LEU L 32 -39.37 -13.60 -5.99
CA LEU L 32 -38.29 -14.45 -6.44
C LEU L 32 -37.67 -15.18 -5.25
N LEU L 33 -37.33 -16.44 -5.47
CA LEU L 33 -36.66 -17.24 -4.45
C LEU L 33 -35.16 -17.02 -4.53
N HIS L 34 -34.51 -16.99 -3.37
CA HIS L 34 -33.07 -16.82 -3.23
C HIS L 34 -32.54 -17.93 -2.34
N LEU L 35 -31.23 -17.91 -2.08
CA LEU L 35 -30.61 -18.97 -1.28
C LEU L 35 -31.25 -19.05 0.09
N ARG L 36 -31.65 -17.90 0.63
CA ARG L 36 -32.39 -17.80 1.87
C ARG L 36 -33.58 -18.76 1.90
N ASP L 37 -34.20 -19.01 0.75
CA ASP L 37 -35.41 -19.82 0.63
C ASP L 37 -35.17 -21.30 0.37
N ALA L 38 -33.92 -21.75 0.27
CA ALA L 38 -33.67 -23.14 -0.18
C ALA L 38 -34.29 -24.15 0.76
N HIS L 39 -34.19 -23.92 2.07
CA HIS L 39 -34.67 -24.89 3.05
C HIS L 39 -36.17 -25.15 2.91
N GLU L 40 -36.96 -24.09 2.78
CA GLU L 40 -38.40 -24.24 2.59
C GLU L 40 -38.74 -24.72 1.19
N PHE L 41 -37.91 -24.39 0.20
CA PHE L 41 -38.20 -24.76 -1.19
C PHE L 41 -38.01 -26.25 -1.43
N ALA L 42 -37.03 -26.87 -0.77
CA ALA L 42 -36.70 -28.27 -1.05
C ALA L 42 -37.89 -29.21 -0.86
N PRO L 43 -38.61 -29.19 0.26
CA PRO L 43 -39.73 -30.15 0.39
C PRO L 43 -40.82 -29.89 -0.61
N LEU L 44 -41.03 -28.63 -1.00
CA LEU L 44 -41.99 -28.35 -2.06
C LEU L 44 -41.52 -28.96 -3.38
N LEU L 45 -40.24 -28.81 -3.70
CA LEU L 45 -39.71 -29.42 -4.93
C LEU L 45 -39.81 -30.93 -4.90
N ALA L 46 -39.58 -31.55 -3.73
CA ALA L 46 -39.70 -33.01 -3.64
C ALA L 46 -41.13 -33.47 -3.92
N SER L 47 -42.11 -32.71 -3.42
CA SER L 47 -43.51 -33.05 -3.68
C SER L 47 -43.84 -32.96 -5.16
N TYR L 48 -43.29 -31.94 -5.84
CA TYR L 48 -43.50 -31.84 -7.28
C TYR L 48 -42.91 -33.05 -8.00
N ALA L 49 -41.68 -33.43 -7.64
CA ALA L 49 -41.04 -34.55 -8.31
C ALA L 49 -41.86 -35.83 -8.15
N GLN L 50 -42.49 -36.02 -6.99
CA GLN L 50 -43.27 -37.24 -6.77
C GLN L 50 -44.63 -37.19 -7.48
N ALA L 51 -45.22 -36.00 -7.65
CA ALA L 51 -46.47 -35.90 -8.41
C ALA L 51 -46.25 -36.09 -9.90
N LEU L 52 -45.04 -35.86 -10.40
CA LEU L 52 -44.67 -36.49 -11.65
C LEU L 52 -44.79 -37.99 -11.44
N LYS L 53 -45.62 -38.66 -12.24
CA LYS L 53 -45.75 -40.11 -12.12
C LYS L 53 -44.96 -40.81 -13.23
N ARG L 54 -43.66 -40.53 -13.24
CA ARG L 54 -42.79 -40.86 -14.36
C ARG L 54 -41.52 -41.51 -13.81
N GLY L 55 -41.52 -42.84 -13.73
CA GLY L 55 -40.31 -43.53 -13.39
C GLY L 55 -39.93 -43.50 -11.92
N ALA L 56 -38.69 -43.88 -11.66
CA ALA L 56 -38.20 -43.89 -10.29
C ALA L 56 -37.42 -42.59 -10.08
N PRO L 57 -37.95 -41.64 -9.30
CA PRO L 57 -37.32 -40.32 -9.20
C PRO L 57 -35.92 -40.39 -8.60
N ARG L 58 -34.98 -39.66 -9.19
CA ARG L 58 -33.68 -39.56 -8.57
C ARG L 58 -33.81 -38.82 -7.24
N ARG L 59 -33.09 -39.30 -6.24
CA ARG L 59 -33.00 -38.60 -4.96
C ARG L 59 -31.95 -37.51 -5.07
N PRO L 60 -32.30 -36.24 -4.82
CA PRO L 60 -31.32 -35.16 -4.93
C PRO L 60 -30.49 -35.01 -3.66
N ASP L 61 -29.29 -34.43 -3.86
CA ASP L 61 -28.37 -34.12 -2.77
C ASP L 61 -29.04 -33.27 -1.70
N ASP L 62 -28.50 -33.28 -0.48
CA ASP L 62 -29.18 -32.62 0.64
C ASP L 62 -29.36 -31.12 0.44
N PHE L 63 -28.53 -30.50 -0.40
CA PHE L 63 -28.58 -29.05 -0.57
C PHE L 63 -28.72 -28.70 -2.03
N TYR L 64 -29.38 -29.56 -2.81
CA TYR L 64 -29.46 -29.34 -4.24
C TYR L 64 -30.20 -28.05 -4.56
N ALA L 65 -31.19 -27.68 -3.76
CA ALA L 65 -31.93 -26.45 -4.02
C ALA L 65 -31.01 -25.23 -3.95
N GLU L 66 -30.00 -25.27 -3.07
CA GLU L 66 -29.03 -24.18 -3.03
C GLU L 66 -28.27 -24.08 -4.35
N HIS L 67 -27.93 -25.23 -4.96
CA HIS L 67 -27.34 -25.19 -6.29
C HIS L 67 -28.30 -24.56 -7.30
N LEU L 68 -29.57 -25.01 -7.26
CA LEU L 68 -30.54 -24.56 -8.25
C LEU L 68 -30.82 -23.06 -8.15
N LEU L 69 -30.99 -22.55 -6.93
CA LEU L 69 -31.32 -21.14 -6.74
C LEU L 69 -30.15 -20.18 -6.96
N GLN L 70 -28.91 -20.67 -7.10
CA GLN L 70 -27.78 -19.82 -7.45
C GLN L 70 -27.34 -20.03 -8.90
N ASP L 71 -28.13 -20.74 -9.70
CA ASP L 71 -27.82 -20.92 -11.10
C ASP L 71 -27.92 -19.59 -11.84
N ARG L 72 -27.04 -19.40 -12.83
CA ARG L 72 -27.02 -18.16 -13.60
C ARG L 72 -28.10 -18.06 -14.65
N ALA L 73 -28.72 -19.19 -15.06
CA ALA L 73 -29.82 -19.18 -16.01
C ALA L 73 -31.18 -19.38 -15.35
N ALA L 74 -31.24 -20.23 -14.33
CA ALA L 74 -32.50 -20.63 -13.73
C ALA L 74 -32.89 -19.68 -12.63
N GLU L 75 -34.19 -19.46 -12.50
CA GLU L 75 -34.76 -18.67 -11.42
C GLU L 75 -36.02 -19.37 -10.97
N ALA L 76 -36.50 -19.01 -9.78
CA ALA L 76 -37.73 -19.58 -9.26
C ALA L 76 -38.55 -18.46 -8.64
N LEU L 77 -39.83 -18.40 -9.01
CA LEU L 77 -40.79 -17.52 -8.37
C LEU L 77 -41.54 -18.33 -7.34
N GLY L 78 -41.69 -17.80 -6.14
CA GLY L 78 -42.35 -18.49 -5.05
C GLY L 78 -43.63 -17.76 -4.65
N ALA L 79 -44.60 -18.54 -4.16
CA ALA L 79 -45.85 -18.01 -3.65
C ALA L 79 -45.96 -18.35 -2.17
N ARG L 80 -46.20 -17.34 -1.33
CA ARG L 80 -46.37 -17.52 0.10
C ARG L 80 -47.78 -17.15 0.54
N VAL L 81 -48.34 -18.00 1.42
CA VAL L 81 -49.61 -17.75 2.08
C VAL L 81 -49.37 -17.86 3.58
N ASP L 82 -49.70 -16.81 4.32
CA ASP L 82 -49.46 -16.75 5.77
C ASP L 82 -47.98 -17.05 6.10
N GLY L 83 -47.08 -16.52 5.28
CA GLY L 83 -45.66 -16.70 5.49
C GLY L 83 -45.12 -18.03 5.01
N ASN L 84 -45.97 -18.99 4.71
CA ASN L 84 -45.52 -20.31 4.27
C ASN L 84 -45.51 -20.38 2.75
N LEU L 85 -44.42 -20.93 2.21
CA LEU L 85 -44.27 -21.14 0.77
C LEU L 85 -45.17 -22.27 0.31
N VAL L 86 -46.12 -21.98 -0.59
CA VAL L 86 -47.12 -22.95 -1.02
C VAL L 86 -47.14 -23.15 -2.52
N GLY L 87 -46.27 -22.49 -3.28
CA GLY L 87 -46.22 -22.72 -4.71
C GLY L 87 -44.94 -22.17 -5.29
N PHE L 88 -44.62 -22.63 -6.50
CA PHE L 88 -43.46 -22.10 -7.19
C PHE L 88 -43.62 -22.30 -8.69
N VAL L 89 -42.83 -21.56 -9.45
CA VAL L 89 -42.63 -21.80 -10.88
C VAL L 89 -41.14 -21.64 -11.15
N ILE L 90 -40.55 -22.59 -11.88
CA ILE L 90 -39.13 -22.56 -12.27
C ILE L 90 -39.03 -22.08 -13.72
N PHE L 91 -38.19 -21.09 -13.97
CA PHE L 91 -38.11 -20.57 -15.32
C PHE L 91 -36.67 -20.22 -15.67
N TYR L 92 -36.42 -20.11 -16.96
CA TYR L 92 -35.10 -19.72 -17.45
C TYR L 92 -35.25 -18.43 -18.22
N ASP L 93 -34.31 -17.53 -17.99
CA ASP L 93 -34.23 -16.28 -18.74
C ASP L 93 -33.11 -16.49 -19.77
N LEU L 94 -33.50 -16.78 -21.02
CA LEU L 94 -32.52 -17.24 -21.98
C LEU L 94 -32.33 -16.24 -23.11
N PRO L 95 -31.15 -16.21 -23.73
CA PRO L 95 -30.96 -15.31 -24.87
C PRO L 95 -31.80 -15.72 -26.06
N GLU L 96 -32.15 -14.72 -26.87
CA GLU L 96 -32.83 -14.94 -28.16
C GLU L 96 -31.82 -14.53 -29.22
N PRO L 97 -31.07 -15.47 -29.79
CA PRO L 97 -29.90 -15.07 -30.60
C PRO L 97 -30.24 -14.27 -31.83
N VAL L 98 -31.41 -14.49 -32.42
CA VAL L 98 -31.76 -13.80 -33.66
C VAL L 98 -32.00 -12.31 -33.39
N THR L 99 -32.82 -12.01 -32.38
CA THR L 99 -33.24 -10.65 -32.11
C THR L 99 -32.33 -9.88 -31.16
N GLY L 100 -31.46 -10.56 -30.41
CA GLY L 100 -30.71 -9.81 -29.44
C GLY L 100 -31.47 -9.46 -28.18
N LEU L 101 -32.65 -10.03 -27.99
CA LEU L 101 -33.40 -9.82 -26.77
C LEU L 101 -33.30 -11.05 -25.88
N ARG L 102 -34.11 -11.10 -24.84
CA ARG L 102 -34.20 -12.27 -23.98
C ARG L 102 -35.60 -12.85 -24.14
N ALA L 103 -35.77 -14.07 -23.63
CA ALA L 103 -37.08 -14.70 -23.66
C ALA L 103 -37.14 -15.64 -22.46
N GLY L 104 -38.35 -15.83 -21.94
CA GLY L 104 -38.55 -16.71 -20.81
C GLY L 104 -38.96 -18.12 -21.22
N GLN L 105 -38.60 -19.07 -20.37
CA GLN L 105 -38.98 -20.46 -20.58
C GLN L 105 -39.37 -21.05 -19.22
N VAL L 106 -40.59 -21.54 -19.13
CA VAL L 106 -41.12 -22.14 -17.91
C VAL L 106 -41.12 -23.64 -18.10
N ASP L 107 -40.47 -24.39 -17.20
CA ASP L 107 -40.55 -25.84 -17.28
C ASP L 107 -41.35 -26.50 -16.16
N HIS L 108 -41.53 -25.84 -15.03
CA HIS L 108 -42.13 -26.50 -13.86
C HIS L 108 -42.95 -25.50 -13.08
N ILE L 109 -44.17 -25.90 -12.74
CA ILE L 109 -45.05 -25.12 -11.89
C ILE L 109 -45.72 -26.07 -10.91
N TYR L 110 -45.97 -25.59 -9.70
CA TYR L 110 -46.50 -26.48 -8.69
C TYR L 110 -47.22 -25.67 -7.62
N VAL L 111 -48.36 -26.19 -7.19
CA VAL L 111 -49.09 -25.62 -6.06
C VAL L 111 -49.28 -26.71 -5.02
N HIS L 112 -48.94 -26.40 -3.77
CA HIS L 112 -49.12 -27.31 -2.64
C HIS L 112 -50.55 -27.86 -2.63
N HIS L 113 -50.69 -29.13 -2.26
CA HIS L 113 -52.00 -29.77 -2.38
C HIS L 113 -53.06 -29.17 -1.46
N ASP L 114 -52.66 -28.49 -0.38
CA ASP L 114 -53.59 -27.80 0.52
C ASP L 114 -53.98 -26.42 0.05
N HIS L 115 -53.50 -25.97 -1.11
CA HIS L 115 -53.77 -24.61 -1.55
C HIS L 115 -54.26 -24.56 -2.99
N ARG L 116 -54.87 -25.65 -3.47
CA ARG L 116 -55.47 -25.67 -4.79
C ARG L 116 -56.75 -24.83 -4.81
N GLY L 117 -57.20 -24.48 -6.01
CA GLY L 117 -58.43 -23.73 -6.17
C GLY L 117 -58.36 -22.29 -5.74
N LYS L 118 -57.16 -21.73 -5.63
CA LYS L 118 -56.98 -20.36 -5.19
C LYS L 118 -56.35 -19.47 -6.23
N GLY L 119 -56.20 -19.93 -7.46
CA GLY L 119 -55.57 -19.12 -8.48
C GLY L 119 -54.09 -18.90 -8.29
N ILE L 120 -53.44 -19.71 -7.46
CA ILE L 120 -52.01 -19.48 -7.18
C ILE L 120 -51.17 -19.73 -8.43
N ALA L 121 -51.44 -20.80 -9.16
CA ALA L 121 -50.62 -21.04 -10.35
C ALA L 121 -50.75 -19.87 -11.33
N LYS L 122 -51.98 -19.39 -11.53
CA LYS L 122 -52.21 -18.25 -12.39
C LYS L 122 -51.53 -17.00 -11.86
N ALA L 123 -51.57 -16.80 -10.53
CA ALA L 123 -50.89 -15.64 -9.97
C ALA L 123 -49.39 -15.71 -10.24
N LEU L 124 -48.81 -16.90 -10.19
CA LEU L 124 -47.38 -17.03 -10.46
C LEU L 124 -47.04 -16.65 -11.91
N ILE L 125 -47.81 -17.16 -12.87
CA ILE L 125 -47.55 -16.83 -14.28
C ILE L 125 -47.86 -15.36 -14.55
N ASP L 126 -48.83 -14.77 -13.84
CA ASP L 126 -49.12 -13.35 -14.03
C ASP L 126 -47.92 -12.49 -13.66
N VAL L 127 -47.31 -12.74 -12.50
CA VAL L 127 -46.13 -11.96 -12.12
C VAL L 127 -45.01 -12.16 -13.14
N LEU L 128 -44.84 -13.40 -13.61
CA LEU L 128 -43.83 -13.66 -14.63
C LEU L 128 -44.14 -12.88 -15.92
N ALA L 129 -45.41 -12.89 -16.37
CA ALA L 129 -45.76 -12.08 -17.53
C ALA L 129 -45.51 -10.60 -17.27
N ASP L 130 -45.63 -10.15 -16.00
CA ASP L 130 -45.26 -8.79 -15.68
C ASP L 130 -43.76 -8.59 -15.76
N LYS L 131 -42.97 -9.53 -15.24
CA LYS L 131 -41.52 -9.36 -15.36
C LYS L 131 -41.09 -9.36 -16.82
N ALA L 132 -41.95 -9.84 -17.73
CA ALA L 132 -41.65 -9.83 -19.16
C ALA L 132 -41.42 -8.40 -19.63
N GLU L 133 -42.30 -7.49 -19.21
CA GLU L 133 -42.13 -6.08 -19.56
C GLU L 133 -40.86 -5.50 -18.92
N GLU L 134 -40.61 -5.81 -17.65
CA GLU L 134 -39.38 -5.34 -17.01
C GLU L 134 -38.14 -5.77 -17.79
N ARG L 135 -38.15 -7.00 -18.31
CA ARG L 135 -36.97 -7.57 -18.96
C ARG L 135 -36.97 -7.49 -20.47
N SER L 136 -38.01 -6.90 -21.07
CA SER L 136 -38.11 -6.85 -22.53
C SER L 136 -38.06 -8.26 -23.14
N TRP L 137 -38.84 -9.18 -22.56
CA TRP L 137 -38.95 -10.51 -23.15
C TRP L 137 -39.76 -10.42 -24.43
N SER L 138 -39.26 -11.08 -25.48
CA SER L 138 -40.05 -11.20 -26.69
C SER L 138 -41.12 -12.27 -26.59
N LYS L 139 -40.94 -13.25 -25.71
CA LYS L 139 -41.94 -14.30 -25.56
C LYS L 139 -41.71 -15.01 -24.24
N LEU L 140 -42.73 -15.73 -23.81
CA LEU L 140 -42.63 -16.62 -22.66
C LEU L 140 -43.05 -18.00 -23.13
N VAL L 141 -42.09 -18.94 -23.15
CA VAL L 141 -42.36 -20.32 -23.54
C VAL L 141 -42.83 -21.07 -22.30
N LEU L 142 -43.87 -21.86 -22.45
CA LEU L 142 -44.46 -22.61 -21.35
C LEU L 142 -44.41 -24.08 -21.70
N ASN L 143 -43.66 -24.85 -20.90
CA ASN L 143 -43.52 -26.30 -21.08
C ASN L 143 -44.26 -27.03 -19.97
N ALA L 144 -45.17 -27.93 -20.36
CA ALA L 144 -46.05 -28.69 -19.48
C ALA L 144 -45.72 -30.17 -19.50
N PRO L 145 -45.40 -30.81 -18.38
CA PRO L 145 -45.22 -32.26 -18.39
C PRO L 145 -46.54 -32.96 -18.65
N ARG L 146 -46.47 -34.23 -19.03
CA ARG L 146 -47.70 -34.98 -19.26
C ARG L 146 -48.52 -35.07 -17.98
N VAL L 147 -47.86 -35.40 -16.87
CA VAL L 147 -48.44 -35.47 -15.54
C VAL L 147 -47.55 -34.65 -14.61
N PRO L 148 -48.11 -33.88 -13.66
CA PRO L 148 -49.55 -33.60 -13.53
C PRO L 148 -50.02 -32.63 -14.57
N GLU L 149 -51.31 -32.67 -14.89
CA GLU L 149 -51.90 -31.84 -15.94
C GLU L 149 -52.00 -30.37 -15.56
N ASP L 150 -51.64 -29.98 -14.33
CA ASP L 150 -51.94 -28.63 -13.86
C ASP L 150 -51.28 -27.57 -14.74
N GLY L 151 -50.01 -27.79 -15.10
CA GLY L 151 -49.34 -26.86 -15.99
C GLY L 151 -50.04 -26.76 -17.34
N ARG L 152 -50.33 -27.92 -17.94
CA ARG L 152 -50.97 -27.98 -19.24
C ARG L 152 -52.32 -27.28 -19.24
N LYS L 153 -53.14 -27.54 -18.22
CA LYS L 153 -54.49 -26.96 -18.17
C LYS L 153 -54.44 -25.45 -18.03
N LEU L 154 -53.47 -24.92 -17.28
CA LEU L 154 -53.34 -23.47 -17.21
C LEU L 154 -52.83 -22.93 -18.53
N TYR L 155 -51.77 -23.53 -19.07
CA TYR L 155 -51.09 -22.95 -20.23
C TYR L 155 -51.99 -22.89 -21.46
N GLU L 156 -52.80 -23.92 -21.68
CA GLU L 156 -53.64 -23.96 -22.89
C GLU L 156 -54.72 -22.90 -22.88
N GLN L 157 -55.08 -22.38 -21.71
CA GLN L 157 -56.08 -21.32 -21.59
C GLN L 157 -55.46 -19.92 -21.71
N ILE L 158 -54.16 -19.77 -21.55
CA ILE L 158 -53.52 -18.46 -21.56
C ILE L 158 -52.51 -18.29 -22.68
N ALA L 159 -52.27 -19.29 -23.51
CA ALA L 159 -51.20 -19.15 -24.49
C ALA L 159 -51.55 -19.90 -25.77
N ALA L 160 -50.83 -19.57 -26.84
CA ALA L 160 -51.01 -20.27 -28.10
C ALA L 160 -50.21 -21.56 -28.10
N ALA L 161 -50.76 -22.59 -28.73
CA ALA L 161 -50.08 -23.87 -28.86
C ALA L 161 -48.77 -23.70 -29.62
N ALA L 162 -47.75 -24.43 -29.20
CA ALA L 162 -46.45 -24.37 -29.86
C ALA L 162 -46.51 -24.95 -31.26
N ASP L 163 -45.75 -24.37 -32.17
CA ASP L 163 -45.65 -24.87 -33.54
C ASP L 163 -44.30 -25.50 -33.85
N TRP L 164 -43.38 -25.50 -32.89
CA TRP L 164 -42.13 -26.22 -33.03
C TRP L 164 -42.32 -27.64 -32.49
N SER L 165 -41.31 -28.49 -32.72
CA SER L 165 -41.34 -29.87 -32.25
C SER L 165 -40.10 -30.14 -31.38
N SER L 166 -40.20 -31.16 -30.53
CA SER L 166 -39.21 -31.36 -29.49
C SER L 166 -38.82 -32.83 -29.41
N TYR L 167 -37.58 -33.05 -28.97
CA TYR L 167 -36.94 -34.36 -28.95
C TYR L 167 -35.99 -34.43 -27.76
N VAL L 168 -35.55 -35.63 -27.46
CA VAL L 168 -34.70 -35.86 -26.30
C VAL L 168 -33.76 -37.02 -26.61
N ILE L 169 -32.49 -36.85 -26.22
CA ILE L 169 -31.50 -37.90 -26.20
C ILE L 169 -31.14 -38.14 -24.74
N ARG L 170 -31.31 -39.37 -24.28
CA ARG L 170 -31.06 -39.70 -22.88
C ARG L 170 -29.64 -40.23 -22.69
N PHE L 171 -29.04 -39.89 -21.55
CA PHE L 171 -27.70 -40.32 -21.22
C PHE L 171 -27.73 -41.13 -19.91
N GLY L 172 -26.56 -41.59 -19.50
CA GLY L 172 -26.42 -42.24 -18.22
C GLY L 172 -26.51 -43.75 -18.36
N ASN L 173 -26.47 -44.40 -17.20
CA ASN L 173 -26.53 -45.86 -17.14
C ASN L 173 -27.89 -46.37 -17.66
N HIS M 26 8.72 -19.98 -52.84
CA HIS M 26 9.16 -18.71 -53.42
C HIS M 26 10.68 -18.59 -53.42
N ALA M 27 11.20 -17.60 -52.69
CA ALA M 27 12.59 -17.21 -52.79
C ALA M 27 13.48 -18.03 -51.84
N VAL M 28 14.79 -17.94 -52.07
CA VAL M 28 15.76 -18.56 -51.19
C VAL M 28 15.75 -17.85 -49.85
N ASP M 29 15.46 -18.61 -48.80
CA ASP M 29 15.57 -18.15 -47.43
C ASP M 29 16.85 -18.73 -46.86
N ILE M 30 17.71 -17.86 -46.32
CA ILE M 30 19.04 -18.24 -45.86
C ILE M 30 19.09 -18.03 -44.35
N ALA M 31 19.52 -19.06 -43.63
CA ALA M 31 19.54 -19.03 -42.18
C ALA M 31 20.60 -19.99 -41.67
N LEU M 32 21.11 -19.69 -40.47
CA LEU M 32 22.10 -20.56 -39.82
C LEU M 32 21.50 -21.91 -39.48
N LEU M 33 22.28 -22.97 -39.71
CA LEU M 33 21.87 -24.31 -39.36
C LEU M 33 22.20 -24.59 -37.89
N HIS M 34 21.34 -25.38 -37.26
CA HIS M 34 21.49 -25.86 -35.88
C HIS M 34 21.32 -27.37 -35.86
N LEU M 35 21.43 -27.96 -34.67
CA LEU M 35 21.33 -29.41 -34.55
C LEU M 35 19.99 -29.91 -35.05
N ARG M 36 18.93 -29.11 -34.88
CA ARG M 36 17.61 -29.41 -35.40
C ARG M 36 17.63 -29.79 -36.88
N ASP M 37 18.55 -29.20 -37.65
CA ASP M 37 18.59 -29.34 -39.10
C ASP M 37 19.46 -30.51 -39.58
N ALA M 38 19.99 -31.33 -38.67
CA ALA M 38 20.97 -32.33 -39.06
C ALA M 38 20.42 -33.32 -40.08
N HIS M 39 19.19 -33.80 -39.87
CA HIS M 39 18.65 -34.82 -40.77
C HIS M 39 18.51 -34.30 -42.19
N GLU M 40 18.03 -33.05 -42.35
CA GLU M 40 17.96 -32.46 -43.69
C GLU M 40 19.35 -32.12 -44.23
N PHE M 41 20.28 -31.76 -43.33
CA PHE M 41 21.61 -31.36 -43.76
C PHE M 41 22.45 -32.54 -44.23
N ALA M 42 22.27 -33.71 -43.62
CA ALA M 42 23.13 -34.86 -43.86
C ALA M 42 23.26 -35.28 -45.32
N PRO M 43 22.18 -35.43 -46.11
CA PRO M 43 22.37 -35.85 -47.50
C PRO M 43 23.11 -34.82 -48.35
N LEU M 44 22.94 -33.52 -48.06
CA LEU M 44 23.69 -32.50 -48.78
C LEU M 44 25.18 -32.64 -48.51
N LEU M 45 25.55 -32.85 -47.25
CA LEU M 45 26.96 -33.05 -46.91
C LEU M 45 27.52 -34.32 -47.55
N ALA M 46 26.72 -35.39 -47.61
CA ALA M 46 27.19 -36.62 -48.22
C ALA M 46 27.45 -36.45 -49.71
N SER M 47 26.55 -35.75 -50.40
CA SER M 47 26.73 -35.49 -51.83
C SER M 47 27.94 -34.60 -52.08
N TYR M 48 28.13 -33.59 -51.23
CA TYR M 48 29.31 -32.73 -51.35
C TYR M 48 30.58 -33.55 -51.14
N ALA M 49 30.58 -34.42 -50.12
CA ALA M 49 31.75 -35.26 -49.85
C ALA M 49 32.04 -36.19 -51.02
N GLN M 50 31.04 -36.99 -51.42
CA GLN M 50 31.24 -38.01 -52.44
C GLN M 50 31.79 -37.45 -53.74
N ALA M 51 31.61 -36.14 -53.99
CA ALA M 51 32.19 -35.53 -55.17
C ALA M 51 33.70 -35.66 -55.20
N LEU M 52 34.35 -35.67 -54.04
CA LEU M 52 35.79 -35.84 -53.95
C LEU M 52 36.16 -37.32 -53.88
N PRO M 60 27.46 -43.37 -39.56
CA PRO M 60 26.20 -43.11 -40.26
C PRO M 60 26.17 -41.70 -40.84
N ASP M 61 25.52 -41.54 -42.00
CA ASP M 61 25.42 -40.21 -42.60
C ASP M 61 24.70 -39.24 -41.67
N ASP M 62 23.59 -39.69 -41.06
CA ASP M 62 22.87 -38.83 -40.12
C ASP M 62 23.68 -38.53 -38.87
N PHE M 63 24.68 -39.36 -38.54
CA PHE M 63 25.38 -39.15 -37.30
C PHE M 63 26.50 -38.13 -37.40
N TYR M 64 27.17 -38.01 -38.55
CA TYR M 64 28.26 -37.06 -38.62
C TYR M 64 27.77 -35.61 -38.65
N ALA M 65 26.62 -35.35 -39.28
CA ALA M 65 26.11 -33.99 -39.34
C ALA M 65 25.83 -33.46 -37.94
N GLU M 66 25.35 -34.32 -37.04
CA GLU M 66 25.12 -33.92 -35.66
C GLU M 66 26.43 -33.51 -34.99
N HIS M 67 27.52 -34.22 -35.28
CA HIS M 67 28.83 -33.80 -34.78
C HIS M 67 29.21 -32.43 -35.33
N LEU M 68 29.03 -32.23 -36.64
CA LEU M 68 29.47 -30.98 -37.26
C LEU M 68 28.66 -29.80 -36.76
N LEU M 69 27.34 -29.94 -36.64
CA LEU M 69 26.51 -28.80 -36.25
C LEU M 69 26.64 -28.41 -34.78
N GLN M 70 27.31 -29.22 -33.97
CA GLN M 70 27.55 -28.90 -32.57
C GLN M 70 28.98 -28.48 -32.28
N ASP M 71 29.76 -28.23 -33.32
CA ASP M 71 31.16 -27.85 -33.15
C ASP M 71 31.29 -26.39 -32.73
N ARG M 72 32.22 -26.13 -31.82
CA ARG M 72 32.37 -24.79 -31.26
C ARG M 72 33.08 -23.81 -32.20
N ALA M 73 33.83 -24.30 -33.17
CA ALA M 73 34.45 -23.40 -34.13
C ALA M 73 33.67 -23.27 -35.43
N ALA M 74 33.02 -24.34 -35.87
CA ALA M 74 32.37 -24.37 -37.17
C ALA M 74 30.92 -23.93 -37.09
N GLU M 75 30.47 -23.28 -38.16
CA GLU M 75 29.09 -22.92 -38.33
C GLU M 75 28.70 -23.23 -39.77
N ALA M 76 27.39 -23.35 -40.01
CA ALA M 76 26.89 -23.66 -41.34
C ALA M 76 25.68 -22.78 -41.63
N LEU M 77 25.73 -22.11 -42.78
CA LEU M 77 24.61 -21.33 -43.30
C LEU M 77 23.86 -22.20 -44.30
N GLY M 78 22.54 -22.23 -44.21
CA GLY M 78 21.71 -23.05 -45.07
C GLY M 78 20.83 -22.22 -45.98
N ALA M 79 20.57 -22.74 -47.17
CA ALA M 79 19.69 -22.11 -48.15
C ALA M 79 18.50 -23.04 -48.40
N ARG M 80 17.29 -22.51 -48.20
CA ARG M 80 16.06 -23.27 -48.39
C ARG M 80 15.25 -22.67 -49.52
N VAL M 81 14.69 -23.54 -50.37
CA VAL M 81 13.75 -23.17 -51.42
C VAL M 81 12.49 -24.00 -51.22
N ASP M 82 11.34 -23.32 -51.10
CA ASP M 82 10.06 -23.98 -50.81
C ASP M 82 10.17 -24.85 -49.56
N GLY M 83 10.90 -24.36 -48.56
CA GLY M 83 11.06 -25.08 -47.31
C GLY M 83 12.11 -26.18 -47.31
N ASN M 84 12.61 -26.60 -48.48
CA ASN M 84 13.56 -27.69 -48.56
C ASN M 84 14.98 -27.13 -48.60
N LEU M 85 15.88 -27.73 -47.82
CA LEU M 85 17.27 -27.30 -47.75
C LEU M 85 17.99 -27.68 -49.04
N VAL M 86 18.49 -26.68 -49.76
CA VAL M 86 19.06 -26.88 -51.08
C VAL M 86 20.50 -26.38 -51.18
N GLY M 87 21.07 -25.84 -50.11
CA GLY M 87 22.45 -25.39 -50.16
C GLY M 87 23.01 -25.13 -48.79
N PHE M 88 24.33 -25.08 -48.70
CA PHE M 88 24.97 -24.73 -47.45
C PHE M 88 26.36 -24.17 -47.71
N VAL M 89 26.87 -23.42 -46.73
CA VAL M 89 28.26 -23.02 -46.66
C VAL M 89 28.73 -23.21 -45.22
N ILE M 90 29.90 -23.82 -45.05
CA ILE M 90 30.50 -24.07 -43.75
C ILE M 90 31.58 -23.02 -43.52
N PHE M 91 31.50 -22.32 -42.39
CA PHE M 91 32.45 -21.24 -42.14
C PHE M 91 32.86 -21.22 -40.67
N TYR M 92 34.01 -20.61 -40.42
CA TYR M 92 34.59 -20.42 -39.09
C TYR M 92 34.75 -18.93 -38.81
N ASP M 93 34.38 -18.54 -37.60
CA ASP M 93 34.62 -17.19 -37.09
C ASP M 93 35.90 -17.30 -36.26
N LEU M 94 37.03 -16.89 -36.83
CA LEU M 94 38.28 -17.21 -36.14
C LEU M 94 38.94 -15.95 -35.59
N PRO M 95 39.68 -16.08 -34.49
CA PRO M 95 40.42 -14.92 -33.98
C PRO M 95 41.50 -14.51 -34.95
N GLU M 96 41.81 -13.22 -34.97
CA GLU M 96 42.90 -12.69 -35.77
C GLU M 96 43.95 -12.08 -34.85
N PRO M 97 44.96 -12.84 -34.44
CA PRO M 97 45.98 -12.29 -33.53
C PRO M 97 46.79 -11.15 -34.16
N VAL M 98 46.88 -11.09 -35.48
CA VAL M 98 47.66 -10.03 -36.13
C VAL M 98 46.98 -8.68 -35.91
N THR M 99 45.68 -8.59 -36.23
CA THR M 99 44.91 -7.35 -36.08
C THR M 99 44.22 -7.23 -34.72
N GLY M 100 44.11 -8.33 -33.97
CA GLY M 100 43.38 -8.38 -32.72
C GLY M 100 41.88 -8.48 -32.82
N LEU M 101 41.33 -8.58 -34.03
CA LEU M 101 39.90 -8.74 -34.27
C LEU M 101 39.61 -10.20 -34.64
N ARG M 102 38.50 -10.45 -35.30
CA ARG M 102 38.24 -11.76 -35.88
C ARG M 102 38.14 -11.67 -37.39
N ALA M 103 38.05 -12.84 -38.01
CA ALA M 103 37.90 -12.96 -39.45
C ALA M 103 37.10 -14.22 -39.74
N GLY M 104 36.35 -14.18 -40.85
CA GLY M 104 35.60 -15.34 -41.31
C GLY M 104 36.40 -16.15 -42.31
N GLN M 105 36.17 -17.45 -42.31
CA GLN M 105 36.87 -18.35 -43.22
C GLN M 105 35.91 -19.39 -43.79
N VAL M 106 35.84 -19.47 -45.11
CA VAL M 106 34.98 -20.42 -45.80
C VAL M 106 35.86 -21.49 -46.43
N ASP M 107 35.58 -22.75 -46.09
CA ASP M 107 36.26 -23.87 -46.71
C ASP M 107 35.36 -24.71 -47.62
N HIS M 108 34.04 -24.60 -47.49
CA HIS M 108 33.14 -25.49 -48.20
C HIS M 108 31.86 -24.76 -48.55
N ILE M 109 31.46 -24.85 -49.82
CA ILE M 109 30.18 -24.34 -50.29
C ILE M 109 29.60 -25.38 -51.24
N TYR M 110 28.28 -25.56 -51.20
CA TYR M 110 27.67 -26.60 -52.02
C TYR M 110 26.22 -26.25 -52.27
N VAL M 111 25.77 -26.47 -53.51
CA VAL M 111 24.39 -26.28 -53.92
C VAL M 111 23.87 -27.59 -54.46
N HIS M 112 22.67 -27.98 -54.01
CA HIS M 112 22.01 -29.20 -54.49
C HIS M 112 21.94 -29.21 -56.02
N HIS M 113 22.09 -30.41 -56.60
CA HIS M 113 22.23 -30.55 -58.04
C HIS M 113 21.00 -30.11 -58.82
N ASP M 114 19.82 -30.10 -58.21
CA ASP M 114 18.63 -29.62 -58.90
C ASP M 114 18.47 -28.11 -58.82
N HIS M 115 19.40 -27.41 -58.16
CA HIS M 115 19.25 -25.98 -57.92
C HIS M 115 20.49 -25.18 -58.33
N ARG M 116 21.30 -25.71 -59.22
CA ARG M 116 22.41 -24.93 -59.74
C ARG M 116 21.90 -23.85 -60.69
N GLY M 117 22.77 -22.89 -60.97
CA GLY M 117 22.42 -21.83 -61.91
C GLY M 117 21.40 -20.85 -61.41
N LYS M 118 21.16 -20.78 -60.10
CA LYS M 118 20.16 -19.89 -59.53
C LYS M 118 20.76 -18.83 -58.63
N GLY M 119 22.08 -18.71 -58.57
CA GLY M 119 22.68 -17.73 -57.68
C GLY M 119 22.59 -18.08 -56.23
N ILE M 120 22.33 -19.35 -55.91
CA ILE M 120 22.18 -19.76 -54.51
C ILE M 120 23.50 -19.64 -53.79
N ALA M 121 24.60 -20.07 -54.42
CA ALA M 121 25.91 -19.94 -53.81
C ALA M 121 26.25 -18.48 -53.55
N LYS M 122 26.00 -17.63 -54.54
CA LYS M 122 26.26 -16.21 -54.39
C LYS M 122 25.44 -15.60 -53.25
N ALA M 123 24.18 -16.02 -53.12
CA ALA M 123 23.34 -15.52 -52.03
C ALA M 123 23.87 -15.91 -50.67
N LEU M 124 24.44 -17.12 -50.54
CA LEU M 124 24.99 -17.54 -49.25
C LEU M 124 26.18 -16.68 -48.83
N ILE M 125 27.11 -16.41 -49.76
CA ILE M 125 28.28 -15.62 -49.40
C ILE M 125 27.88 -14.18 -49.07
N ASP M 126 26.86 -13.64 -49.76
CA ASP M 126 26.42 -12.28 -49.48
C ASP M 126 25.90 -12.14 -48.06
N VAL M 127 25.07 -13.10 -47.61
CA VAL M 127 24.60 -13.07 -46.23
C VAL M 127 25.77 -13.16 -45.27
N LEU M 128 26.74 -14.02 -45.60
CA LEU M 128 27.93 -14.15 -44.79
C LEU M 128 28.74 -12.85 -44.77
N ALA M 129 28.92 -12.23 -45.94
CA ALA M 129 29.65 -10.97 -46.00
C ALA M 129 28.96 -9.87 -45.19
N ASP M 130 27.62 -9.87 -45.16
CA ASP M 130 26.92 -8.84 -44.40
C ASP M 130 26.99 -9.06 -42.90
N LYS M 131 27.35 -10.27 -42.47
CA LYS M 131 27.61 -10.52 -41.05
C LYS M 131 28.89 -9.87 -40.56
N ALA M 132 29.68 -9.27 -41.46
CA ALA M 132 31.00 -8.75 -41.09
C ALA M 132 30.92 -7.79 -39.92
N GLU M 133 30.00 -6.82 -39.97
CA GLU M 133 29.91 -5.84 -38.90
C GLU M 133 29.47 -6.48 -37.59
N GLU M 134 28.49 -7.39 -37.65
CA GLU M 134 28.04 -8.06 -36.45
C GLU M 134 29.18 -8.83 -35.78
N ARG M 135 30.07 -9.42 -36.58
CA ARG M 135 31.15 -10.26 -36.07
C ARG M 135 32.47 -9.52 -35.94
N SER M 136 32.53 -8.23 -36.30
CA SER M 136 33.78 -7.45 -36.29
C SER M 136 34.88 -8.14 -37.11
N TRP M 137 34.52 -8.62 -38.28
CA TRP M 137 35.47 -9.22 -39.20
C TRP M 137 36.24 -8.15 -39.95
N SER M 138 37.57 -8.25 -39.96
CA SER M 138 38.37 -7.43 -40.85
C SER M 138 38.40 -7.99 -42.26
N LYS M 139 38.13 -9.29 -42.41
CA LYS M 139 38.18 -9.90 -43.73
C LYS M 139 37.36 -11.18 -43.72
N LEU M 140 37.04 -11.66 -44.92
CA LEU M 140 36.40 -12.95 -45.13
C LEU M 140 37.28 -13.74 -46.08
N VAL M 141 37.89 -14.81 -45.58
CA VAL M 141 38.76 -15.66 -46.39
C VAL M 141 37.91 -16.75 -47.04
N LEU M 142 38.12 -16.96 -48.34
CA LEU M 142 37.40 -17.97 -49.11
C LEU M 142 38.41 -18.96 -49.66
N ASN M 143 38.29 -20.21 -49.24
CA ASN M 143 39.17 -21.30 -49.68
C ASN M 143 38.36 -22.24 -50.57
N ALA M 144 38.83 -22.43 -51.81
CA ALA M 144 38.12 -23.23 -52.80
C ALA M 144 38.90 -24.49 -53.12
N PRO M 145 38.34 -25.69 -52.95
CA PRO M 145 39.06 -26.89 -53.36
C PRO M 145 39.20 -26.92 -54.88
N ARG M 146 40.14 -27.75 -55.35
CA ARG M 146 40.31 -27.92 -56.78
C ARG M 146 39.07 -28.54 -57.39
N VAL M 147 38.57 -29.60 -56.76
CA VAL M 147 37.31 -30.25 -57.14
C VAL M 147 36.47 -30.36 -55.87
N PRO M 148 35.16 -30.09 -55.93
CA PRO M 148 34.49 -29.58 -57.13
C PRO M 148 34.81 -28.12 -57.41
N GLU M 149 34.77 -27.75 -58.70
CA GLU M 149 35.15 -26.41 -59.15
C GLU M 149 34.13 -25.36 -58.74
N ASP M 150 33.01 -25.74 -58.14
CA ASP M 150 31.92 -24.81 -57.92
C ASP M 150 32.35 -23.65 -57.04
N GLY M 151 33.08 -23.94 -55.95
CA GLY M 151 33.59 -22.88 -55.10
C GLY M 151 34.53 -21.94 -55.83
N ARG M 152 35.51 -22.50 -56.53
CA ARG M 152 36.50 -21.68 -57.23
C ARG M 152 35.84 -20.74 -58.23
N LYS M 153 34.90 -21.24 -59.03
CA LYS M 153 34.29 -20.42 -60.07
C LYS M 153 33.51 -19.24 -59.50
N LEU M 154 32.91 -19.40 -58.32
CA LEU M 154 32.22 -18.27 -57.69
C LEU M 154 33.22 -17.26 -57.12
N TYR M 155 34.19 -17.73 -56.36
CA TYR M 155 35.05 -16.84 -55.57
C TYR M 155 35.85 -15.89 -56.47
N GLU M 156 36.35 -16.38 -57.60
CA GLU M 156 37.19 -15.55 -58.43
C GLU M 156 36.43 -14.38 -59.05
N GLN M 157 35.10 -14.46 -59.11
CA GLN M 157 34.29 -13.36 -59.61
C GLN M 157 33.92 -12.36 -58.52
N ILE M 158 33.99 -12.74 -57.25
CA ILE M 158 33.54 -11.87 -56.17
C ILE M 158 34.64 -11.48 -55.20
N ALA M 159 35.87 -11.98 -55.36
CA ALA M 159 36.88 -11.70 -54.35
C ALA M 159 38.27 -11.58 -54.96
N ALA M 160 39.18 -10.97 -54.21
CA ALA M 160 40.55 -10.79 -54.65
C ALA M 160 41.38 -12.04 -54.35
N ALA M 161 42.31 -12.35 -55.26
CA ALA M 161 43.20 -13.48 -55.05
C ALA M 161 44.04 -13.30 -53.80
N ALA M 162 44.18 -14.37 -53.03
CA ALA M 162 44.97 -14.33 -51.80
C ALA M 162 46.46 -14.21 -52.12
N ASP M 163 47.19 -13.51 -51.25
CA ASP M 163 48.62 -13.30 -51.44
C ASP M 163 49.49 -14.13 -50.52
N TRP M 164 48.92 -14.96 -49.67
CA TRP M 164 49.70 -15.91 -48.88
C TRP M 164 49.84 -17.22 -49.65
N SER M 165 50.65 -18.12 -49.11
CA SER M 165 50.84 -19.44 -49.70
C SER M 165 50.48 -20.52 -48.67
N SER M 166 50.11 -21.69 -49.17
CA SER M 166 49.49 -22.70 -48.32
C SER M 166 50.09 -24.07 -48.61
N TYR M 167 50.08 -24.93 -47.60
CA TYR M 167 50.72 -26.23 -47.67
C TYR M 167 49.92 -27.20 -46.81
N VAL M 168 50.21 -28.48 -46.93
CA VAL M 168 49.46 -29.48 -46.19
C VAL M 168 50.37 -30.67 -45.86
N ILE M 169 50.21 -31.19 -44.65
CA ILE M 169 50.76 -32.48 -44.27
C ILE M 169 49.58 -33.40 -44.05
N ARG M 170 49.56 -34.52 -44.77
CA ARG M 170 48.46 -35.47 -44.70
C ARG M 170 48.87 -36.63 -43.79
N PHE M 171 47.89 -37.16 -43.07
CA PHE M 171 48.16 -38.23 -42.12
C PHE M 171 47.45 -39.53 -42.49
N VAL N 28 1.69 -7.72 52.69
CA VAL N 28 1.61 -9.13 52.36
C VAL N 28 1.21 -9.33 50.90
N ASP N 29 2.14 -9.86 50.11
CA ASP N 29 1.92 -10.13 48.69
C ASP N 29 1.72 -11.62 48.50
N ILE N 30 0.59 -12.01 47.92
CA ILE N 30 0.20 -13.40 47.76
C ILE N 30 0.29 -13.76 46.29
N ALA N 31 1.03 -14.83 45.98
CA ALA N 31 1.22 -15.25 44.60
C ALA N 31 1.52 -16.75 44.56
N LEU N 32 1.16 -17.36 43.43
CA LEU N 32 1.40 -18.78 43.23
C LEU N 32 2.89 -19.08 43.24
N LEU N 33 3.26 -20.16 43.90
CA LEU N 33 4.66 -20.57 43.92
C LEU N 33 4.97 -21.41 42.69
N HIS N 34 6.18 -21.23 42.18
CA HIS N 34 6.71 -21.96 41.05
C HIS N 34 8.07 -22.54 41.42
N LEU N 35 8.69 -23.22 40.46
CA LEU N 35 9.97 -23.87 40.75
C LEU N 35 11.03 -22.86 41.13
N ARG N 36 10.95 -21.63 40.58
CA ARG N 36 11.88 -20.57 40.95
C ARG N 36 11.99 -20.41 42.46
N ASP N 37 10.91 -20.66 43.20
CA ASP N 37 10.81 -20.40 44.62
C ASP N 37 11.23 -21.57 45.50
N ALA N 38 11.72 -22.65 44.91
CA ALA N 38 11.95 -23.88 45.67
C ALA N 38 12.89 -23.66 46.85
N HIS N 39 13.97 -22.91 46.63
CA HIS N 39 14.95 -22.72 47.70
C HIS N 39 14.34 -21.96 48.87
N GLU N 40 13.57 -20.90 48.59
CA GLU N 40 12.89 -20.15 49.65
C GLU N 40 11.74 -20.95 50.27
N PHE N 41 11.08 -21.79 49.45
CA PHE N 41 9.97 -22.59 49.95
C PHE N 41 10.44 -23.70 50.87
N ALA N 42 11.62 -24.26 50.60
CA ALA N 42 12.12 -25.43 51.32
C ALA N 42 12.11 -25.27 52.84
N PRO N 43 12.64 -24.18 53.43
CA PRO N 43 12.61 -24.10 54.91
C PRO N 43 11.20 -24.01 55.48
N LEU N 44 10.28 -23.36 54.79
CA LEU N 44 8.89 -23.33 55.29
C LEU N 44 8.28 -24.73 55.28
N LEU N 45 8.52 -25.49 54.21
CA LEU N 45 8.02 -26.85 54.15
C LEU N 45 8.63 -27.70 55.25
N ALA N 46 9.91 -27.46 55.55
CA ALA N 46 10.57 -28.17 56.64
C ALA N 46 9.94 -27.84 58.00
N SER N 47 9.61 -26.56 58.23
CA SER N 47 8.97 -26.18 59.48
C SER N 47 7.58 -26.82 59.62
N TYR N 48 6.81 -26.83 58.54
CA TYR N 48 5.51 -27.50 58.57
C TYR N 48 5.68 -28.99 58.84
N ALA N 49 6.64 -29.63 58.17
CA ALA N 49 6.91 -31.04 58.38
C ALA N 49 7.37 -31.32 59.82
N GLN N 50 8.32 -30.52 60.32
CA GLN N 50 8.89 -30.72 61.64
C GLN N 50 7.89 -30.53 62.77
N ALA N 51 6.74 -29.93 62.48
CA ALA N 51 5.64 -29.87 63.43
C ALA N 51 4.81 -31.15 63.44
N LEU N 52 5.42 -32.28 63.05
CA LEU N 52 4.76 -33.58 63.05
C LEU N 52 5.79 -34.69 62.78
N ARG N 59 16.42 -36.33 53.37
CA ARG N 59 17.00 -35.67 52.20
C ARG N 59 17.04 -34.15 52.42
N PRO N 60 17.88 -33.44 51.66
CA PRO N 60 18.01 -32.00 51.88
C PRO N 60 16.71 -31.25 51.60
N ASP N 61 16.57 -30.12 52.29
CA ASP N 61 15.34 -29.33 52.20
C ASP N 61 14.99 -28.97 50.77
N ASP N 62 15.97 -28.42 50.03
CA ASP N 62 15.73 -28.00 48.66
C ASP N 62 15.11 -29.10 47.81
N PHE N 63 15.25 -30.37 48.23
CA PHE N 63 14.83 -31.47 47.37
C PHE N 63 13.33 -31.75 47.46
N TYR N 64 12.74 -31.61 48.66
CA TYR N 64 11.31 -31.90 48.80
C TYR N 64 10.47 -30.84 48.12
N ALA N 65 10.91 -29.58 48.18
CA ALA N 65 10.18 -28.48 47.55
C ALA N 65 10.22 -28.59 46.03
N GLU N 66 11.36 -28.98 45.46
CA GLU N 66 11.46 -29.09 44.00
C GLU N 66 10.55 -30.19 43.43
N HIS N 67 10.47 -31.35 44.08
CA HIS N 67 9.54 -32.36 43.58
C HIS N 67 8.11 -31.88 43.67
N LEU N 68 7.73 -31.29 44.80
CA LEU N 68 6.36 -30.87 44.97
C LEU N 68 6.00 -29.77 43.98
N LEU N 69 6.89 -28.78 43.81
CA LEU N 69 6.60 -27.64 42.95
C LEU N 69 6.68 -27.98 41.47
N GLN N 70 7.17 -29.15 41.12
CA GLN N 70 7.19 -29.60 39.73
C GLN N 70 6.12 -30.64 39.46
N ASP N 71 5.21 -30.88 40.41
CA ASP N 71 4.07 -31.74 40.18
C ASP N 71 2.96 -30.87 39.60
N ARG N 72 2.45 -31.23 38.43
CA ARG N 72 1.43 -30.40 37.80
C ARG N 72 0.05 -30.58 38.42
N ALA N 73 -0.13 -31.57 39.29
CA ALA N 73 -1.40 -31.72 39.98
C ALA N 73 -1.48 -30.91 41.26
N ALA N 74 -0.37 -30.76 41.97
CA ALA N 74 -0.33 -29.98 43.19
C ALA N 74 0.06 -28.56 42.85
N GLU N 75 -0.48 -27.60 43.60
CA GLU N 75 -0.09 -26.21 43.46
C GLU N 75 0.09 -25.59 44.83
N ALA N 76 0.81 -24.47 44.87
CA ALA N 76 1.10 -23.77 46.12
C ALA N 76 0.91 -22.28 45.94
N LEU N 77 0.15 -21.68 46.85
CA LEU N 77 0.00 -20.23 46.95
C LEU N 77 0.95 -19.72 48.02
N GLY N 78 1.70 -18.66 47.71
CA GLY N 78 2.69 -18.12 48.61
C GLY N 78 2.33 -16.73 49.07
N ALA N 79 2.70 -16.41 50.32
CA ALA N 79 2.51 -15.09 50.89
C ALA N 79 3.88 -14.52 51.22
N ARG N 80 4.16 -13.32 50.71
CA ARG N 80 5.42 -12.64 50.96
C ARG N 80 5.19 -11.35 51.74
N VAL N 81 6.04 -11.13 52.73
CA VAL N 81 6.06 -9.90 53.51
C VAL N 81 7.46 -9.33 53.44
N ASP N 82 7.57 -8.09 52.96
CA ASP N 82 8.86 -7.41 52.77
C ASP N 82 9.81 -8.25 51.94
N GLY N 83 9.27 -8.91 50.91
CA GLY N 83 10.06 -9.74 50.04
C GLY N 83 10.37 -11.13 50.56
N ASN N 84 10.12 -11.40 51.84
CA ASN N 84 10.46 -12.68 52.45
C ASN N 84 9.25 -13.61 52.42
N LEU N 85 9.48 -14.86 51.98
CA LEU N 85 8.41 -15.86 51.93
C LEU N 85 8.08 -16.35 53.33
N VAL N 86 6.85 -16.12 53.78
CA VAL N 86 6.47 -16.40 55.17
C VAL N 86 5.25 -17.29 55.31
N GLY N 87 4.65 -17.75 54.21
CA GLY N 87 3.50 -18.63 54.32
C GLY N 87 3.21 -19.34 53.03
N PHE N 88 2.43 -20.41 53.12
CA PHE N 88 1.99 -21.12 51.92
C PHE N 88 0.70 -21.87 52.20
N VAL N 89 0.02 -22.22 51.11
CA VAL N 89 -1.05 -23.21 51.14
C VAL N 89 -0.89 -24.12 49.91
N ILE N 90 -0.96 -25.44 50.12
CA ILE N 90 -0.86 -26.42 49.05
C ILE N 90 -2.25 -26.92 48.71
N PHE N 91 -2.61 -26.89 47.43
CA PHE N 91 -3.94 -27.28 46.99
C PHE N 91 -3.87 -28.01 45.66
N TYR N 92 -4.95 -28.75 45.38
CA TYR N 92 -5.13 -29.50 44.13
C TYR N 92 -6.38 -28.99 43.41
N ASP N 93 -6.27 -28.82 42.10
CA ASP N 93 -7.39 -28.48 41.23
C ASP N 93 -7.85 -29.79 40.59
N LEU N 94 -8.89 -30.38 41.15
CA LEU N 94 -9.30 -31.73 40.81
C LEU N 94 -10.63 -31.73 40.05
N PRO N 95 -10.86 -32.72 39.20
CA PRO N 95 -12.17 -32.83 38.57
C PRO N 95 -13.22 -33.20 39.60
N GLU N 96 -14.45 -32.74 39.36
CA GLU N 96 -15.60 -33.11 40.20
C GLU N 96 -16.56 -33.89 39.32
N PRO N 97 -16.44 -35.22 39.27
CA PRO N 97 -17.25 -36.01 38.32
C PRO N 97 -18.74 -35.94 38.60
N VAL N 98 -19.15 -35.62 39.82
CA VAL N 98 -20.57 -35.57 40.15
C VAL N 98 -21.26 -34.45 39.38
N THR N 99 -20.68 -33.25 39.41
CA THR N 99 -21.23 -32.12 38.70
C THR N 99 -20.71 -32.02 37.27
N GLY N 100 -19.64 -32.74 36.94
CA GLY N 100 -18.98 -32.62 35.68
C GLY N 100 -18.07 -31.40 35.58
N LEU N 101 -17.92 -30.67 36.67
CA LEU N 101 -17.06 -29.50 36.78
C LEU N 101 -15.77 -29.89 37.51
N ARG N 102 -15.08 -28.92 38.08
CA ARG N 102 -13.88 -29.17 38.85
C ARG N 102 -14.12 -28.76 40.30
N ALA N 103 -13.17 -29.11 41.17
CA ALA N 103 -13.26 -28.75 42.58
C ALA N 103 -11.87 -28.59 43.17
N GLY N 104 -11.75 -27.69 44.15
CA GLY N 104 -10.51 -27.49 44.86
C GLY N 104 -10.43 -28.31 46.13
N GLN N 105 -9.20 -28.72 46.47
CA GLN N 105 -8.95 -29.51 47.67
C GLN N 105 -7.67 -29.00 48.32
N VAL N 106 -7.76 -28.63 49.60
CA VAL N 106 -6.64 -28.14 50.39
C VAL N 106 -6.26 -29.21 51.42
N ASP N 107 -5.00 -29.63 51.41
CA ASP N 107 -4.50 -30.55 52.43
C ASP N 107 -3.48 -29.94 53.38
N HIS N 108 -2.84 -28.83 53.02
CA HIS N 108 -1.73 -28.33 53.84
C HIS N 108 -1.66 -26.81 53.81
N ILE N 109 -1.59 -26.22 55.00
CA ILE N 109 -1.38 -24.78 55.16
C ILE N 109 -0.41 -24.56 56.31
N TYR N 110 0.42 -23.53 56.17
CA TYR N 110 1.41 -23.22 57.19
C TYR N 110 1.80 -21.76 57.09
N VAL N 111 1.92 -21.11 58.25
CA VAL N 111 2.39 -19.74 58.36
C VAL N 111 3.59 -19.75 59.30
N HIS N 112 4.66 -19.06 58.90
CA HIS N 112 5.83 -18.92 59.76
C HIS N 112 5.45 -18.38 61.13
N HIS N 113 6.11 -18.88 62.17
CA HIS N 113 5.72 -18.58 63.55
C HIS N 113 5.88 -17.11 63.93
N ASP N 114 6.74 -16.36 63.23
CA ASP N 114 6.93 -14.94 63.51
C ASP N 114 5.92 -14.03 62.82
N HIS N 115 5.00 -14.60 62.04
CA HIS N 115 4.04 -13.80 61.29
C HIS N 115 2.62 -14.28 61.55
N ARG N 116 2.37 -14.95 62.67
CA ARG N 116 1.02 -15.32 63.02
C ARG N 116 0.25 -14.09 63.50
N GLY N 117 -1.07 -14.22 63.56
CA GLY N 117 -1.89 -13.10 63.99
C GLY N 117 -1.96 -11.97 62.98
N LYS N 118 -1.62 -12.23 61.72
CA LYS N 118 -1.66 -11.24 60.67
C LYS N 118 -2.68 -11.57 59.59
N GLY N 119 -3.52 -12.58 59.82
CA GLY N 119 -4.52 -12.95 58.85
C GLY N 119 -3.96 -13.59 57.60
N ILE N 120 -2.72 -14.04 57.64
CA ILE N 120 -2.10 -14.57 56.42
C ILE N 120 -2.78 -15.86 55.98
N ALA N 121 -3.10 -16.75 56.92
CA ALA N 121 -3.77 -17.99 56.56
C ALA N 121 -5.13 -17.71 55.92
N LYS N 122 -5.91 -16.82 56.53
CA LYS N 122 -7.20 -16.46 55.95
C LYS N 122 -7.03 -15.79 54.59
N ALA N 123 -6.05 -14.90 54.47
CA ALA N 123 -5.82 -14.22 53.19
C ALA N 123 -5.45 -15.21 52.09
N LEU N 124 -4.67 -16.24 52.43
CA LEU N 124 -4.33 -17.26 51.43
C LEU N 124 -5.57 -18.02 51.00
N ILE N 125 -6.41 -18.42 51.96
CA ILE N 125 -7.63 -19.12 51.62
C ILE N 125 -8.58 -18.18 50.88
N ASP N 126 -8.61 -16.91 51.28
CA ASP N 126 -9.47 -15.93 50.61
C ASP N 126 -9.07 -15.76 49.15
N VAL N 127 -7.78 -15.61 48.90
CA VAL N 127 -7.29 -15.51 47.53
C VAL N 127 -7.65 -16.77 46.76
N LEU N 128 -7.52 -17.93 47.41
CA LEU N 128 -7.90 -19.19 46.80
C LEU N 128 -9.40 -19.22 46.47
N ALA N 129 -10.23 -18.74 47.39
CA ALA N 129 -11.67 -18.67 47.14
C ALA N 129 -11.98 -17.80 45.94
N ASP N 130 -11.20 -16.74 45.72
CA ASP N 130 -11.43 -15.87 44.57
C ASP N 130 -11.15 -16.60 43.25
N LYS N 131 -10.16 -17.49 43.24
CA LYS N 131 -9.87 -18.25 42.02
C LYS N 131 -11.01 -19.20 41.64
N ALA N 132 -12.02 -19.36 42.50
CA ALA N 132 -13.09 -20.33 42.25
C ALA N 132 -13.75 -20.09 40.90
N GLU N 133 -14.09 -18.84 40.61
CA GLU N 133 -14.73 -18.54 39.33
C GLU N 133 -13.79 -18.85 38.17
N GLU N 134 -12.51 -18.48 38.30
CA GLU N 134 -11.55 -18.72 37.24
C GLU N 134 -11.44 -20.21 36.93
N ARG N 135 -11.52 -21.05 37.95
CA ARG N 135 -11.30 -22.48 37.80
C ARG N 135 -12.59 -23.28 37.67
N SER N 136 -13.75 -22.61 37.73
CA SER N 136 -15.07 -23.26 37.71
C SER N 136 -15.21 -24.31 38.81
N TRP N 137 -14.82 -23.95 40.03
CA TRP N 137 -14.95 -24.84 41.17
C TRP N 137 -16.37 -24.83 41.70
N SER N 138 -16.96 -26.02 41.85
CA SER N 138 -18.24 -26.14 42.52
C SER N 138 -18.10 -26.07 44.03
N LYS N 139 -16.91 -26.38 44.54
CA LYS N 139 -16.66 -26.36 45.97
C LYS N 139 -15.17 -26.27 46.20
N LEU N 140 -14.81 -25.91 47.43
CA LEU N 140 -13.43 -25.94 47.89
C LEU N 140 -13.43 -26.79 49.14
N VAL N 141 -12.82 -27.96 49.06
CA VAL N 141 -12.78 -28.90 50.18
C VAL N 141 -11.57 -28.58 51.04
N LEU N 142 -11.77 -28.57 52.35
CA LEU N 142 -10.72 -28.24 53.30
C LEU N 142 -10.47 -29.45 54.20
N ASN N 143 -9.27 -30.01 54.14
CA ASN N 143 -8.86 -31.13 54.96
C ASN N 143 -7.81 -30.64 55.97
N ALA N 144 -8.10 -30.83 57.25
CA ALA N 144 -7.20 -30.36 58.30
C ALA N 144 -6.60 -31.53 59.04
N PRO N 145 -5.28 -31.67 59.05
CA PRO N 145 -4.65 -32.75 59.83
C PRO N 145 -4.84 -32.55 61.33
N ARG N 146 -4.60 -33.63 62.07
CA ARG N 146 -4.73 -33.55 63.53
C ARG N 146 -3.72 -32.58 64.11
N VAL N 147 -2.46 -32.72 63.73
CA VAL N 147 -1.42 -31.78 64.15
C VAL N 147 -0.66 -31.31 62.91
N PRO N 148 -0.29 -30.03 62.81
CA PRO N 148 -0.63 -28.97 63.78
C PRO N 148 -2.09 -28.55 63.70
N GLU N 149 -2.60 -28.03 64.81
CA GLU N 149 -4.01 -27.68 64.96
C GLU N 149 -4.39 -26.46 64.12
N ASP N 150 -3.43 -25.83 63.45
CA ASP N 150 -3.69 -24.56 62.77
C ASP N 150 -4.76 -24.70 61.70
N GLY N 151 -4.74 -25.80 60.94
CA GLY N 151 -5.74 -25.99 59.91
C GLY N 151 -7.16 -26.03 60.45
N ARG N 152 -7.39 -26.86 61.46
CA ARG N 152 -8.73 -27.00 62.02
C ARG N 152 -9.26 -25.66 62.53
N LYS N 153 -8.44 -24.92 63.27
CA LYS N 153 -8.91 -23.68 63.90
C LYS N 153 -9.33 -22.65 62.85
N LEU N 154 -8.62 -22.60 61.72
CA LEU N 154 -9.04 -21.69 60.66
C LEU N 154 -10.28 -22.22 59.94
N TYR N 155 -10.23 -23.48 59.52
CA TYR N 155 -11.28 -24.01 58.66
C TYR N 155 -12.62 -24.07 59.39
N GLU N 156 -12.60 -24.45 60.68
CA GLU N 156 -13.85 -24.60 61.42
C GLU N 156 -14.58 -23.28 61.63
N GLN N 157 -13.87 -22.15 61.55
CA GLN N 157 -14.47 -20.84 61.69
C GLN N 157 -14.92 -20.24 60.36
N ILE N 158 -14.39 -20.71 59.24
CA ILE N 158 -14.65 -20.08 57.95
C ILE N 158 -15.39 -20.99 56.98
N ALA N 159 -15.71 -22.23 57.37
CA ALA N 159 -16.30 -23.15 56.42
C ALA N 159 -17.30 -24.07 57.10
N ALA N 160 -18.14 -24.71 56.28
CA ALA N 160 -19.15 -25.64 56.75
C ALA N 160 -18.57 -27.03 56.99
N ALA N 161 -19.10 -27.69 58.01
CA ALA N 161 -18.69 -29.07 58.31
C ALA N 161 -19.02 -30.03 57.16
N ALA N 162 -18.09 -30.94 56.89
CA ALA N 162 -18.28 -31.96 55.87
C ALA N 162 -19.32 -33.00 56.29
N ASP N 163 -20.03 -33.54 55.30
CA ASP N 163 -21.03 -34.57 55.56
C ASP N 163 -20.64 -35.95 55.04
N TRP N 164 -19.46 -36.08 54.41
CA TRP N 164 -18.96 -37.39 54.05
C TRP N 164 -18.07 -37.95 55.16
N SER N 165 -17.68 -39.21 55.00
CA SER N 165 -16.79 -39.88 55.94
C SER N 165 -15.55 -40.35 55.21
N SER N 166 -14.46 -40.51 55.97
CA SER N 166 -13.15 -40.73 55.38
C SER N 166 -12.42 -41.84 56.11
N TYR N 167 -11.54 -42.52 55.38
CA TYR N 167 -10.86 -43.70 55.88
C TYR N 167 -9.46 -43.73 55.26
N VAL N 168 -8.62 -44.59 55.80
CA VAL N 168 -7.25 -44.69 55.30
C VAL N 168 -6.78 -46.13 55.44
N ILE N 169 -6.06 -46.58 54.42
CA ILE N 169 -5.29 -47.83 54.46
C ILE N 169 -3.83 -47.41 54.37
N ARG N 170 -3.04 -47.83 55.35
CA ARG N 170 -1.63 -47.47 55.41
C ARG N 170 -0.78 -48.62 54.88
N PHE N 171 0.31 -48.27 54.23
CA PHE N 171 1.20 -49.23 53.61
C PHE N 171 2.57 -49.21 54.29
N GLY N 172 3.46 -50.06 53.81
CA GLY N 172 4.80 -50.14 54.35
C GLY N 172 4.95 -51.27 55.34
N ASN N 173 6.17 -51.41 55.84
CA ASN N 173 6.51 -52.47 56.77
C ASN N 173 5.69 -52.30 58.03
N VAL O 28 -13.52 -62.98 36.70
CA VAL O 28 -13.63 -61.54 36.85
C VAL O 28 -12.30 -60.85 36.53
N ASP O 29 -12.37 -59.80 35.71
CA ASP O 29 -11.19 -59.13 35.19
C ASP O 29 -11.22 -57.66 35.58
N ILE O 30 -10.09 -57.18 36.13
CA ILE O 30 -9.93 -55.79 36.54
C ILE O 30 -8.70 -55.21 35.86
N ALA O 31 -8.87 -54.06 35.22
CA ALA O 31 -7.80 -53.39 34.49
C ALA O 31 -8.09 -51.89 34.45
N LEU O 32 -7.03 -51.10 34.37
CA LEU O 32 -7.18 -49.65 34.28
C LEU O 32 -7.90 -49.25 33.00
N LEU O 33 -8.79 -48.28 33.13
CA LEU O 33 -9.50 -47.75 31.97
C LEU O 33 -8.68 -46.66 31.29
N HIS O 34 -8.77 -46.61 29.97
CA HIS O 34 -8.10 -45.61 29.16
C HIS O 34 -9.14 -44.94 28.26
N LEU O 35 -8.69 -43.99 27.45
CA LEU O 35 -9.61 -43.24 26.62
C LEU O 35 -10.36 -44.15 25.66
N ARG O 36 -9.71 -45.24 25.20
CA ARG O 36 -10.36 -46.24 24.37
C ARG O 36 -11.68 -46.72 24.98
N ASP O 37 -11.77 -46.76 26.30
CA ASP O 37 -12.89 -47.35 27.03
C ASP O 37 -14.02 -46.37 27.33
N ALA O 38 -13.97 -45.15 26.79
CA ALA O 38 -14.91 -44.12 27.19
C ALA O 38 -16.35 -44.54 26.95
N HIS O 39 -16.63 -45.15 25.79
CA HIS O 39 -18.00 -45.51 25.45
C HIS O 39 -18.56 -46.55 26.42
N GLU O 40 -17.77 -47.57 26.76
CA GLU O 40 -18.26 -48.58 27.70
C GLU O 40 -18.41 -48.00 29.10
N PHE O 41 -17.55 -47.06 29.47
CA PHE O 41 -17.58 -46.47 30.81
C PHE O 41 -18.77 -45.53 30.98
N ALA O 42 -19.19 -44.86 29.91
CA ALA O 42 -20.21 -43.82 29.99
C ALA O 42 -21.50 -44.24 30.69
N PRO O 43 -22.12 -45.37 30.35
CA PRO O 43 -23.38 -45.72 31.05
C PRO O 43 -23.17 -46.01 32.52
N LEU O 44 -22.02 -46.56 32.91
CA LEU O 44 -21.75 -46.82 34.32
C LEU O 44 -21.59 -45.52 35.10
N LEU O 45 -20.82 -44.56 34.56
CA LEU O 45 -20.63 -43.30 35.26
C LEU O 45 -21.95 -42.55 35.42
N ALA O 46 -22.79 -42.59 34.39
CA ALA O 46 -24.10 -41.94 34.47
C ALA O 46 -24.98 -42.59 35.54
N SER O 47 -24.89 -43.92 35.67
CA SER O 47 -25.71 -44.63 36.64
C SER O 47 -25.40 -44.18 38.07
N TYR O 48 -24.12 -44.00 38.40
CA TYR O 48 -23.76 -43.51 39.73
C TYR O 48 -24.30 -42.11 39.96
N ALA O 49 -24.14 -41.22 38.97
CA ALA O 49 -24.65 -39.85 39.05
C ALA O 49 -26.18 -39.85 39.15
N PRO O 60 -24.95 -35.27 27.60
CA PRO O 60 -25.02 -36.59 26.96
C PRO O 60 -24.07 -37.57 27.63
N ASP O 61 -24.43 -38.86 27.61
CA ASP O 61 -23.70 -39.85 28.39
C ASP O 61 -22.22 -39.92 28.02
N ASP O 62 -21.86 -39.56 26.78
CA ASP O 62 -20.50 -39.80 26.30
C ASP O 62 -19.51 -38.70 26.66
N PHE O 63 -19.98 -37.47 26.96
CA PHE O 63 -19.02 -36.39 27.14
C PHE O 63 -18.39 -36.37 28.53
N TYR O 64 -19.05 -36.96 29.53
CA TYR O 64 -18.50 -36.96 30.87
C TYR O 64 -17.31 -37.90 31.00
N ALA O 65 -17.37 -39.06 30.35
CA ALA O 65 -16.29 -40.04 30.44
C ALA O 65 -15.00 -39.56 29.77
N GLU O 66 -15.12 -38.89 28.61
CA GLU O 66 -13.93 -38.42 27.91
C GLU O 66 -13.17 -37.37 28.70
N HIS O 67 -13.90 -36.47 29.38
CA HIS O 67 -13.24 -35.51 30.23
C HIS O 67 -12.46 -36.19 31.34
N LEU O 68 -13.08 -37.16 32.01
CA LEU O 68 -12.45 -37.84 33.13
C LEU O 68 -11.25 -38.68 32.69
N LEU O 69 -11.40 -39.43 31.61
CA LEU O 69 -10.31 -40.30 31.15
C LEU O 69 -9.19 -39.53 30.46
N GLN O 70 -9.39 -38.25 30.15
CA GLN O 70 -8.31 -37.45 29.59
C GLN O 70 -7.69 -36.53 30.63
N ASP O 71 -8.13 -36.61 31.88
CA ASP O 71 -7.47 -35.93 32.98
C ASP O 71 -6.41 -36.89 33.49
N ARG O 72 -5.14 -36.51 33.43
CA ARG O 72 -4.13 -37.48 33.85
C ARG O 72 -3.93 -37.47 35.36
N ALA O 73 -4.51 -36.50 36.08
CA ALA O 73 -4.45 -36.56 37.54
C ALA O 73 -5.41 -37.60 38.07
N ALA O 74 -6.52 -37.81 37.38
CA ALA O 74 -7.49 -38.82 37.76
C ALA O 74 -7.19 -40.09 37.01
N GLU O 75 -7.45 -41.22 37.66
CA GLU O 75 -7.35 -42.51 36.98
C GLU O 75 -8.57 -43.33 37.36
N ALA O 76 -8.86 -44.35 36.55
CA ALA O 76 -10.03 -45.18 36.77
C ALA O 76 -9.68 -46.65 36.56
N LEU O 77 -10.04 -47.47 37.54
CA LEU O 77 -9.92 -48.91 37.45
C LEU O 77 -11.28 -49.48 37.04
N GLY O 78 -11.29 -50.40 36.08
CA GLY O 78 -12.52 -51.01 35.59
C GLY O 78 -12.57 -52.48 35.91
N ALA O 79 -13.78 -52.98 36.17
CA ALA O 79 -14.02 -54.40 36.41
C ALA O 79 -14.95 -54.92 35.33
N ARG O 80 -14.53 -55.97 34.63
CA ARG O 80 -15.30 -56.55 33.56
C ARG O 80 -15.70 -57.97 33.92
N VAL O 81 -16.95 -58.32 33.63
CA VAL O 81 -17.47 -59.67 33.83
C VAL O 81 -18.01 -60.16 32.50
N ASP O 82 -17.49 -61.29 32.02
CA ASP O 82 -17.88 -61.86 30.74
C ASP O 82 -17.72 -60.83 29.61
N GLY O 83 -16.64 -60.07 29.67
CA GLY O 83 -16.36 -59.07 28.66
C GLY O 83 -17.08 -57.75 28.85
N ASN O 84 -18.10 -57.70 29.70
CA ASN O 84 -18.85 -56.47 29.93
C ASN O 84 -18.30 -55.77 31.16
N LEU O 85 -18.07 -54.47 31.03
CA LEU O 85 -17.58 -53.65 32.12
C LEU O 85 -18.72 -53.43 33.12
N VAL O 86 -18.53 -53.88 34.36
CA VAL O 86 -19.59 -53.90 35.35
C VAL O 86 -19.23 -53.15 36.62
N GLY O 87 -18.06 -52.53 36.70
CA GLY O 87 -17.72 -51.75 37.88
C GLY O 87 -16.54 -50.85 37.62
N PHE O 88 -16.40 -49.83 38.47
CA PHE O 88 -15.26 -48.92 38.36
C PHE O 88 -14.97 -48.28 39.70
N VAL O 89 -13.73 -47.79 39.84
CA VAL O 89 -13.33 -46.92 40.93
C VAL O 89 -12.44 -45.81 40.35
N ILE O 90 -12.70 -44.56 40.75
CA ILE O 90 -11.90 -43.41 40.31
C ILE O 90 -10.98 -42.99 41.46
N PHE O 91 -9.68 -42.85 41.17
CA PHE O 91 -8.71 -42.54 42.20
C PHE O 91 -7.68 -41.54 41.67
N TYR O 92 -6.97 -40.91 42.60
CA TYR O 92 -5.91 -39.97 42.32
C TYR O 92 -4.59 -40.44 42.92
N ASP O 93 -3.51 -40.30 42.15
CA ASP O 93 -2.15 -40.56 42.62
C ASP O 93 -1.54 -39.22 42.98
N LEU O 94 -1.52 -38.90 44.27
CA LEU O 94 -1.18 -37.55 44.68
C LEU O 94 0.14 -37.50 45.43
N PRO O 95 0.86 -36.37 45.40
CA PRO O 95 2.06 -36.25 46.23
C PRO O 95 1.68 -36.24 47.70
N GLU O 96 2.57 -36.77 48.54
CA GLU O 96 2.39 -36.74 49.98
C GLU O 96 3.48 -35.87 50.59
N PRO O 97 3.22 -34.57 50.81
CA PRO O 97 4.29 -33.67 51.26
C PRO O 97 4.82 -33.99 52.65
N VAL O 98 4.04 -34.63 53.53
CA VAL O 98 4.50 -34.87 54.90
C VAL O 98 5.65 -35.87 54.90
N THR O 99 5.45 -37.03 54.28
CA THR O 99 6.49 -38.07 54.24
C THR O 99 7.44 -37.92 53.05
N GLY O 100 7.09 -37.08 52.07
CA GLY O 100 7.86 -36.96 50.85
C GLY O 100 7.62 -38.04 49.84
N LEU O 101 6.66 -38.91 50.08
CA LEU O 101 6.26 -39.97 49.18
C LEU O 101 4.99 -39.54 48.43
N ARG O 102 4.25 -40.51 47.88
CA ARG O 102 2.97 -40.24 47.24
C ARG O 102 1.87 -40.97 48.00
N ALA O 103 0.62 -40.69 47.63
CA ALA O 103 -0.51 -41.34 48.28
C ALA O 103 -1.67 -41.47 47.30
N GLY O 104 -2.48 -42.50 47.50
CA GLY O 104 -3.69 -42.67 46.72
C GLY O 104 -4.91 -42.08 47.43
N GLN O 105 -5.86 -41.60 46.64
CA GLN O 105 -7.09 -41.03 47.18
C GLN O 105 -8.27 -41.47 46.32
N VAL O 106 -9.23 -42.13 46.93
CA VAL O 106 -10.42 -42.62 46.24
C VAL O 106 -11.61 -41.80 46.73
N ASP O 107 -12.34 -41.19 45.79
CA ASP O 107 -13.55 -40.46 46.12
C ASP O 107 -14.83 -41.12 45.60
N HIS O 108 -14.73 -42.04 44.64
CA HIS O 108 -15.90 -42.55 43.95
C HIS O 108 -15.73 -44.02 43.59
N ILE O 109 -16.72 -44.82 43.94
CA ILE O 109 -16.78 -46.23 43.56
C ILE O 109 -18.22 -46.55 43.18
N TYR O 110 -18.40 -47.44 42.20
CA TYR O 110 -19.75 -47.79 41.75
C TYR O 110 -19.75 -49.15 41.08
N VAL O 111 -20.76 -49.95 41.40
CA VAL O 111 -20.98 -51.26 40.80
C VAL O 111 -22.38 -51.31 40.22
N HIS O 112 -22.50 -51.85 38.99
CA HIS O 112 -23.77 -52.01 38.32
C HIS O 112 -24.80 -52.71 39.21
N HIS O 113 -26.07 -52.30 39.07
CA HIS O 113 -27.11 -52.74 39.99
C HIS O 113 -27.38 -54.23 39.90
N ASP O 114 -27.06 -54.87 38.76
CA ASP O 114 -27.25 -56.31 38.64
C ASP O 114 -26.05 -57.12 39.13
N HIS O 115 -24.99 -56.48 39.63
CA HIS O 115 -23.79 -57.21 40.01
C HIS O 115 -23.32 -56.89 41.42
N ARG O 116 -24.22 -56.41 42.28
CA ARG O 116 -23.89 -56.17 43.67
C ARG O 116 -23.80 -57.50 44.42
N GLY O 117 -23.21 -57.45 45.62
CA GLY O 117 -23.11 -58.64 46.43
C GLY O 117 -22.15 -59.67 45.90
N LYS O 118 -21.23 -59.27 45.02
CA LYS O 118 -20.26 -60.18 44.43
C LYS O 118 -18.84 -59.83 44.82
N GLY O 119 -18.65 -58.91 45.77
CA GLY O 119 -17.33 -58.52 46.18
C GLY O 119 -16.55 -57.72 45.16
N ILE O 120 -17.24 -57.16 44.17
CA ILE O 120 -16.54 -56.42 43.12
C ILE O 120 -15.94 -55.16 43.68
N ALA O 121 -16.67 -54.46 44.56
CA ALA O 121 -16.14 -53.25 45.17
C ALA O 121 -14.88 -53.56 45.98
N LYS O 122 -14.92 -54.62 46.79
CA LYS O 122 -13.73 -55.03 47.54
C LYS O 122 -12.59 -55.42 46.62
N ALA O 123 -12.91 -56.13 45.52
CA ALA O 123 -11.87 -56.51 44.56
C ALA O 123 -11.23 -55.28 43.92
N LEU O 124 -12.02 -54.24 43.65
CA LEU O 124 -11.47 -53.03 43.04
C LEU O 124 -10.49 -52.32 43.97
N ILE O 125 -10.87 -52.15 45.24
CA ILE O 125 -9.97 -51.51 46.19
C ILE O 125 -8.75 -52.40 46.46
N ASP O 126 -8.96 -53.73 46.49
CA ASP O 126 -7.84 -54.64 46.71
C ASP O 126 -6.81 -54.51 45.60
N VAL O 127 -7.27 -54.50 44.35
CA VAL O 127 -6.37 -54.30 43.21
C VAL O 127 -5.68 -52.95 43.29
N LEU O 128 -6.42 -51.91 43.68
CA LEU O 128 -5.82 -50.59 43.86
C LEU O 128 -4.76 -50.59 44.94
N ALA O 129 -5.04 -51.24 46.07
CA ALA O 129 -4.09 -51.34 47.17
C ALA O 129 -2.81 -52.05 46.76
N ASP O 130 -2.90 -53.03 45.86
CA ASP O 130 -1.73 -53.77 45.43
C ASP O 130 -0.77 -52.91 44.62
N LYS O 131 -1.25 -51.78 44.08
CA LYS O 131 -0.41 -50.82 43.36
C LYS O 131 0.46 -49.99 44.29
N ALA O 132 0.29 -50.12 45.61
CA ALA O 132 1.00 -49.27 46.57
C ALA O 132 2.51 -49.33 46.37
N GLU O 133 3.06 -50.55 46.26
CA GLU O 133 4.50 -50.67 46.10
C GLU O 133 4.96 -50.06 44.77
N GLU O 134 4.22 -50.33 43.69
CA GLU O 134 4.59 -49.77 42.38
C GLU O 134 4.59 -48.24 42.39
N ARG O 135 3.65 -47.63 43.11
CA ARG O 135 3.49 -46.18 43.10
C ARG O 135 4.20 -45.49 44.25
N SER O 136 4.83 -46.25 45.15
CA SER O 136 5.44 -45.71 46.38
C SER O 136 4.44 -44.92 47.20
N TRP O 137 3.25 -45.47 47.38
CA TRP O 137 2.23 -44.86 48.21
C TRP O 137 2.48 -45.13 49.69
N SER O 138 2.42 -44.08 50.50
CA SER O 138 2.43 -44.25 51.95
C SER O 138 1.06 -44.59 52.51
N LYS O 139 -0.01 -44.26 51.78
CA LYS O 139 -1.37 -44.49 52.27
C LYS O 139 -2.32 -44.51 51.08
N LEU O 140 -3.51 -45.03 51.32
CA LEU O 140 -4.63 -44.97 50.38
C LEU O 140 -5.79 -44.37 51.14
N VAL O 141 -6.20 -43.16 50.76
CA VAL O 141 -7.30 -42.46 51.41
C VAL O 141 -8.61 -42.81 50.70
N LEU O 142 -9.64 -43.16 51.48
CA LEU O 142 -10.95 -43.51 50.95
C LEU O 142 -12.00 -42.54 51.49
N ASN O 143 -12.63 -41.79 50.58
CA ASN O 143 -13.70 -40.85 50.91
C ASN O 143 -15.02 -41.38 50.37
N ALA O 144 -16.00 -41.56 51.26
CA ALA O 144 -17.29 -42.13 50.92
C ALA O 144 -18.38 -41.08 51.06
N PRO O 145 -19.13 -40.79 49.99
CA PRO O 145 -20.25 -39.86 50.11
C PRO O 145 -21.35 -40.42 50.99
N ARG O 146 -22.24 -39.51 51.44
CA ARG O 146 -23.39 -39.94 52.24
C ARG O 146 -24.30 -40.87 51.46
N VAL O 147 -24.61 -40.50 50.21
CA VAL O 147 -25.35 -41.35 49.30
C VAL O 147 -24.60 -41.41 47.98
N PRO O 148 -24.52 -42.57 47.31
CA PRO O 148 -25.03 -43.85 47.79
C PRO O 148 -24.15 -44.43 48.88
N GLU O 149 -24.76 -45.22 49.77
CA GLU O 149 -24.08 -45.74 50.95
C GLU O 149 -23.05 -46.81 50.61
N ASP O 150 -22.93 -47.21 49.34
CA ASP O 150 -22.12 -48.37 48.99
C ASP O 150 -20.66 -48.18 49.40
N GLY O 151 -20.11 -46.98 49.21
CA GLY O 151 -18.75 -46.73 49.64
C GLY O 151 -18.55 -46.92 51.14
N ARG O 152 -19.44 -46.31 51.93
CA ARG O 152 -19.32 -46.39 53.39
C ARG O 152 -19.34 -47.84 53.87
N LYS O 153 -20.27 -48.65 53.36
CA LYS O 153 -20.39 -50.02 53.84
C LYS O 153 -19.16 -50.86 53.54
N LEU O 154 -18.50 -50.59 52.40
CA LEU O 154 -17.27 -51.32 52.08
C LEU O 154 -16.10 -50.85 52.93
N TYR O 155 -15.88 -49.53 52.99
CA TYR O 155 -14.66 -49.01 53.60
C TYR O 155 -14.58 -49.33 55.10
N GLU O 156 -15.72 -49.26 55.79
CA GLU O 156 -15.71 -49.44 57.24
C GLU O 156 -15.33 -50.85 57.66
N GLN O 157 -15.50 -51.84 56.78
CA GLN O 157 -15.09 -53.20 57.10
C GLN O 157 -13.64 -53.50 56.70
N ILE O 158 -13.08 -52.72 55.79
CA ILE O 158 -11.74 -53.01 55.24
C ILE O 158 -10.74 -51.90 55.53
N ALA O 159 -11.13 -50.80 56.18
CA ALA O 159 -10.19 -49.71 56.37
C ALA O 159 -10.44 -49.01 57.70
N ALA O 160 -9.42 -48.27 58.15
CA ALA O 160 -9.47 -47.52 59.39
C ALA O 160 -10.07 -46.14 59.19
N ALA O 161 -10.83 -45.68 60.18
CA ALA O 161 -11.40 -44.34 60.16
C ALA O 161 -10.30 -43.27 60.14
N ALA O 162 -10.56 -42.21 59.37
CA ALA O 162 -9.62 -41.10 59.27
C ALA O 162 -9.52 -40.34 60.59
N ASP O 163 -8.33 -39.77 60.85
CA ASP O 163 -8.12 -38.96 62.05
C ASP O 163 -8.01 -37.47 61.73
N TRP O 164 -8.11 -37.09 60.47
CA TRP O 164 -8.21 -35.68 60.11
C TRP O 164 -9.66 -35.25 60.08
N SER O 165 -9.88 -33.94 59.92
CA SER O 165 -11.22 -33.38 59.84
C SER O 165 -11.35 -32.61 58.53
N SER O 166 -12.59 -32.48 58.06
CA SER O 166 -12.83 -32.00 56.71
C SER O 166 -13.96 -30.99 56.68
N TYR O 167 -13.90 -30.09 55.70
CA TYR O 167 -14.83 -28.97 55.58
C TYR O 167 -15.00 -28.66 54.10
N VAL O 168 -16.01 -27.85 53.79
CA VAL O 168 -16.32 -27.52 52.40
C VAL O 168 -16.87 -26.10 52.32
N ILE O 169 -16.45 -25.36 51.30
CA ILE O 169 -17.04 -24.09 50.91
C ILE O 169 -17.69 -24.26 49.54
N ARG O 170 -18.98 -23.97 49.44
CA ARG O 170 -19.71 -24.14 48.19
C ARG O 170 -19.86 -22.79 47.48
N PHE O 171 -19.81 -22.84 46.16
CA PHE O 171 -19.87 -21.62 45.37
C PHE O 171 -21.10 -21.55 44.47
N VAL P 28 65.31 -28.34 -25.78
CA VAL P 28 64.23 -27.40 -26.07
C VAL P 28 62.88 -28.01 -25.74
N ASP P 29 62.26 -27.53 -24.67
CA ASP P 29 60.99 -28.05 -24.22
C ASP P 29 59.85 -27.39 -25.01
N ILE P 30 58.92 -28.21 -25.49
CA ILE P 30 57.74 -27.74 -26.20
C ILE P 30 56.51 -28.16 -25.42
N ALA P 31 55.62 -27.22 -25.15
CA ALA P 31 54.42 -27.50 -24.37
C ALA P 31 53.32 -26.53 -24.73
N LEU P 32 52.07 -26.99 -24.56
CA LEU P 32 50.91 -26.15 -24.84
C LEU P 32 50.88 -24.96 -23.90
N LEU P 33 50.53 -23.80 -24.44
CA LEU P 33 50.34 -22.61 -23.62
C LEU P 33 48.92 -22.54 -23.08
N HIS P 34 48.79 -22.02 -21.86
CA HIS P 34 47.49 -21.83 -21.22
C HIS P 34 47.41 -20.38 -20.76
N LEU P 35 46.28 -20.00 -20.15
CA LEU P 35 46.08 -18.60 -19.79
C LEU P 35 47.12 -18.13 -18.78
N ARG P 36 47.58 -19.00 -17.89
CA ARG P 36 48.66 -18.67 -16.97
C ARG P 36 49.84 -18.02 -17.70
N ASP P 37 50.09 -18.42 -18.94
CA ASP P 37 51.29 -18.04 -19.69
C ASP P 37 51.14 -16.76 -20.46
N ALA P 38 50.03 -16.03 -20.29
CA ALA P 38 49.75 -14.91 -21.16
C ALA P 38 50.87 -13.86 -21.09
N HIS P 39 51.32 -13.53 -19.88
CA HIS P 39 52.32 -12.48 -19.76
C HIS P 39 53.64 -12.89 -20.43
N GLU P 40 54.06 -14.14 -20.26
CA GLU P 40 55.25 -14.59 -20.97
C GLU P 40 55.01 -14.65 -22.48
N PHE P 41 53.77 -14.95 -22.89
CA PHE P 41 53.47 -15.05 -24.32
C PHE P 41 53.42 -13.68 -24.99
N ALA P 42 52.95 -12.66 -24.29
CA ALA P 42 52.67 -11.34 -24.89
C ALA P 42 53.83 -10.75 -25.67
N PRO P 43 55.06 -10.66 -25.16
CA PRO P 43 56.12 -10.01 -25.95
C PRO P 43 56.46 -10.75 -27.23
N LEU P 44 56.34 -12.08 -27.25
CA LEU P 44 56.54 -12.83 -28.49
C LEU P 44 55.48 -12.49 -29.53
N LEU P 45 54.22 -12.42 -29.11
CA LEU P 45 53.14 -12.06 -30.02
C LEU P 45 53.33 -10.65 -30.55
N ALA P 46 53.85 -9.75 -29.70
CA ALA P 46 54.10 -8.39 -30.14
C ALA P 46 55.19 -8.33 -31.21
N SER P 47 56.26 -9.13 -31.04
CA SER P 47 57.33 -9.14 -32.03
C SER P 47 56.82 -9.67 -33.38
N TYR P 48 56.02 -10.73 -33.35
CA TYR P 48 55.44 -11.28 -34.57
C TYR P 48 54.54 -10.24 -35.23
N ALA P 49 53.71 -9.55 -34.43
CA ALA P 49 52.80 -8.54 -34.96
C ALA P 49 53.55 -7.38 -35.60
N GLN P 50 54.68 -6.98 -35.02
CA GLN P 50 55.48 -5.91 -35.60
C GLN P 50 55.96 -6.24 -37.02
N ALA P 51 56.04 -7.53 -37.36
CA ALA P 51 56.39 -7.95 -38.70
C ALA P 51 55.14 -8.39 -39.46
N ARG P 58 49.29 -1.10 -30.79
CA ARG P 58 48.39 -0.05 -30.32
C ARG P 58 47.96 -0.26 -28.87
N ARG P 59 47.42 -1.44 -28.60
CA ARG P 59 46.97 -1.81 -27.26
C ARG P 59 48.15 -2.36 -26.45
N PRO P 60 48.01 -2.46 -25.13
CA PRO P 60 49.08 -3.06 -24.34
C PRO P 60 49.30 -4.51 -24.73
N ASP P 61 50.56 -4.94 -24.69
CA ASP P 61 50.93 -6.25 -25.23
C ASP P 61 50.19 -7.39 -24.53
N ASP P 62 49.85 -7.21 -23.26
CA ASP P 62 49.21 -8.29 -22.52
C ASP P 62 47.78 -8.56 -22.98
N PHE P 63 47.11 -7.61 -23.65
CA PHE P 63 45.72 -7.87 -23.93
C PHE P 63 45.55 -8.81 -25.11
N TYR P 64 46.49 -8.81 -26.06
CA TYR P 64 46.34 -9.71 -27.21
C TYR P 64 46.57 -11.15 -26.81
N ALA P 65 47.56 -11.40 -25.94
CA ALA P 65 47.81 -12.77 -25.50
C ALA P 65 46.66 -13.32 -24.65
N GLU P 66 46.16 -12.50 -23.73
CA GLU P 66 45.04 -12.94 -22.89
C GLU P 66 43.80 -13.19 -23.73
N HIS P 67 43.54 -12.32 -24.71
CA HIS P 67 42.38 -12.51 -25.58
C HIS P 67 42.49 -13.83 -26.32
N LEU P 68 43.64 -14.07 -26.94
CA LEU P 68 43.83 -15.28 -27.74
C LEU P 68 43.79 -16.53 -26.86
N LEU P 69 44.42 -16.48 -25.69
CA LEU P 69 44.46 -17.64 -24.80
C LEU P 69 43.11 -17.93 -24.15
N GLN P 70 42.14 -17.04 -24.30
CA GLN P 70 40.80 -17.30 -23.82
C GLN P 70 39.85 -17.67 -24.96
N ASP P 71 40.38 -17.80 -26.17
CA ASP P 71 39.60 -18.32 -27.29
C ASP P 71 39.87 -19.83 -27.32
N ARG P 72 38.90 -20.62 -26.90
CA ARG P 72 39.15 -22.05 -26.79
C ARG P 72 39.13 -22.77 -28.13
N ALA P 73 38.96 -22.03 -29.22
CA ALA P 73 39.11 -22.58 -30.57
C ALA P 73 40.57 -22.53 -31.01
N ALA P 74 41.32 -21.55 -30.50
CA ALA P 74 42.73 -21.43 -30.80
C ALA P 74 43.54 -22.14 -29.73
N GLU P 75 44.68 -22.69 -30.14
CA GLU P 75 45.63 -23.25 -29.21
C GLU P 75 47.02 -22.81 -29.62
N ALA P 76 47.94 -22.80 -28.67
CA ALA P 76 49.29 -22.33 -28.90
C ALA P 76 50.28 -23.32 -28.31
N LEU P 77 51.23 -23.73 -29.13
CA LEU P 77 52.35 -24.55 -28.71
C LEU P 77 53.53 -23.62 -28.46
N GLY P 78 54.21 -23.79 -27.33
CA GLY P 78 55.33 -22.93 -26.96
C GLY P 78 56.64 -23.71 -26.92
N ALA P 79 57.72 -23.03 -27.27
CA ALA P 79 59.06 -23.61 -27.21
C ALA P 79 59.87 -22.82 -26.22
N ARG P 80 60.44 -23.50 -25.23
CA ARG P 80 61.27 -22.87 -24.21
C ARG P 80 62.69 -23.37 -24.33
N VAL P 81 63.64 -22.45 -24.23
CA VAL P 81 65.07 -22.77 -24.18
C VAL P 81 65.61 -22.14 -22.91
N ASP P 82 66.19 -22.96 -22.05
CA ASP P 82 66.70 -22.52 -20.76
C ASP P 82 65.62 -21.78 -19.98
N GLY P 83 64.39 -22.29 -20.05
CA GLY P 83 63.27 -21.74 -19.32
C GLY P 83 62.59 -20.53 -19.93
N ASN P 84 63.19 -19.90 -20.93
CA ASN P 84 62.64 -18.69 -21.52
C ASN P 84 61.78 -19.04 -22.73
N LEU P 85 60.60 -18.42 -22.82
CA LEU P 85 59.73 -18.65 -23.95
C LEU P 85 60.31 -17.96 -25.17
N VAL P 86 60.71 -18.75 -26.18
CA VAL P 86 61.43 -18.24 -27.32
C VAL P 86 60.78 -18.60 -28.65
N GLY P 87 59.65 -19.30 -28.65
CA GLY P 87 58.96 -19.59 -29.88
C GLY P 87 57.54 -20.05 -29.63
N PHE P 88 56.70 -19.91 -30.67
CA PHE P 88 55.32 -20.36 -30.56
C PHE P 88 54.77 -20.67 -31.95
N VAL P 89 53.71 -21.48 -31.95
CA VAL P 89 52.87 -21.69 -33.13
C VAL P 89 51.42 -21.69 -32.67
N ILE P 90 50.55 -20.95 -33.38
CA ILE P 90 49.12 -20.89 -33.11
C ILE P 90 48.40 -21.78 -34.11
N PHE P 91 47.53 -22.66 -33.63
CA PHE P 91 46.85 -23.60 -34.51
C PHE P 91 45.40 -23.77 -34.06
N TYR P 92 44.57 -24.24 -35.00
CA TYR P 92 43.16 -24.53 -34.75
C TYR P 92 42.90 -26.00 -35.00
N ASP P 93 42.15 -26.63 -34.10
CA ASP P 93 41.67 -28.00 -34.27
C ASP P 93 40.23 -27.90 -34.77
N LEU P 94 40.07 -28.09 -36.06
CA LEU P 94 38.84 -27.84 -36.80
C LEU P 94 38.22 -29.15 -37.27
N PRO P 95 36.90 -29.18 -37.44
CA PRO P 95 36.29 -30.35 -38.07
C PRO P 95 36.71 -30.45 -39.53
N GLU P 96 36.79 -31.70 -40.02
CA GLU P 96 37.10 -31.98 -41.42
C GLU P 96 35.88 -32.68 -42.04
N PRO P 97 34.98 -31.91 -42.68
CA PRO P 97 33.73 -32.50 -43.16
C PRO P 97 33.90 -33.51 -44.29
N VAL P 98 34.98 -33.43 -45.07
CA VAL P 98 35.12 -34.33 -46.22
C VAL P 98 35.29 -35.77 -45.75
N THR P 99 36.23 -36.00 -44.82
CA THR P 99 36.50 -37.34 -44.31
C THR P 99 35.67 -37.68 -43.07
N GLY P 100 35.06 -36.69 -42.43
CA GLY P 100 34.38 -36.90 -41.18
C GLY P 100 35.28 -36.97 -39.96
N LEU P 101 36.56 -36.68 -40.13
CA LEU P 101 37.53 -36.66 -39.04
C LEU P 101 37.77 -35.20 -38.65
N ARG P 102 38.91 -34.92 -38.02
CA ARG P 102 39.27 -33.55 -37.69
C ARG P 102 40.55 -33.17 -38.41
N ALA P 103 40.91 -31.88 -38.29
CA ALA P 103 42.14 -31.41 -38.91
C ALA P 103 42.70 -30.21 -38.13
N GLY P 104 44.02 -30.10 -38.17
CA GLY P 104 44.70 -28.95 -37.62
C GLY P 104 44.98 -27.90 -38.69
N GLN P 105 45.00 -26.64 -38.28
CA GLN P 105 45.28 -25.53 -39.19
C GLN P 105 46.19 -24.55 -38.49
N VAL P 106 47.33 -24.25 -39.11
CA VAL P 106 48.32 -23.31 -38.61
C VAL P 106 48.30 -22.08 -39.49
N ASP P 107 48.09 -20.91 -38.88
CA ASP P 107 48.18 -19.64 -39.57
C ASP P 107 49.36 -18.78 -39.13
N HIS P 108 49.98 -19.08 -37.99
CA HIS P 108 50.98 -18.20 -37.41
C HIS P 108 52.05 -19.04 -36.71
N ILE P 109 53.31 -18.82 -37.08
CA ILE P 109 54.44 -19.41 -36.39
C ILE P 109 55.52 -18.36 -36.28
N TYR P 110 56.24 -18.34 -35.16
CA TYR P 110 57.25 -17.31 -34.94
C TYR P 110 58.28 -17.82 -33.95
N VAL P 111 59.55 -17.53 -34.25
CA VAL P 111 60.67 -17.86 -33.38
C VAL P 111 61.44 -16.58 -33.07
N HIS P 112 61.78 -16.40 -31.79
CA HIS P 112 62.55 -15.24 -31.34
C HIS P 112 63.82 -15.06 -32.17
N HIS P 113 64.16 -13.79 -32.41
CA HIS P 113 65.26 -13.44 -33.31
C HIS P 113 66.62 -13.89 -32.80
N ASP P 114 66.80 -14.06 -31.50
CA ASP P 114 68.07 -14.52 -30.94
C ASP P 114 68.20 -16.04 -30.93
N HIS P 115 67.18 -16.77 -31.39
CA HIS P 115 67.16 -18.23 -31.33
C HIS P 115 66.84 -18.85 -32.68
N ARG P 116 67.08 -18.13 -33.77
CA ARG P 116 66.90 -18.67 -35.11
C ARG P 116 68.05 -19.61 -35.47
N GLY P 117 67.85 -20.36 -36.54
CA GLY P 117 68.87 -21.27 -37.04
C GLY P 117 69.10 -22.49 -36.19
N LYS P 118 68.17 -22.82 -35.30
CA LYS P 118 68.29 -23.99 -34.43
C LYS P 118 67.18 -25.01 -34.66
N GLY P 119 66.36 -24.83 -35.70
CA GLY P 119 65.29 -25.77 -35.94
C GLY P 119 64.14 -25.69 -34.96
N ILE P 120 64.02 -24.57 -34.23
CA ILE P 120 62.98 -24.48 -33.21
C ILE P 120 61.60 -24.49 -33.86
N ALA P 121 61.43 -23.74 -34.94
CA ALA P 121 60.15 -23.74 -35.65
C ALA P 121 59.82 -25.11 -36.20
N LYS P 122 60.81 -25.79 -36.78
CA LYS P 122 60.59 -27.14 -37.30
C LYS P 122 60.17 -28.09 -36.19
N ALA P 123 60.80 -27.98 -35.02
CA ALA P 123 60.40 -28.82 -33.89
C ALA P 123 58.96 -28.55 -33.48
N LEU P 124 58.53 -27.28 -33.55
CA LEU P 124 57.15 -26.96 -33.18
C LEU P 124 56.14 -27.66 -34.08
N ILE P 125 56.39 -27.64 -35.40
CA ILE P 125 55.48 -28.31 -36.30
C ILE P 125 55.54 -29.83 -36.09
N ASP P 126 56.73 -30.35 -35.76
CA ASP P 126 56.88 -31.79 -35.50
C ASP P 126 55.99 -32.23 -34.34
N VAL P 127 56.03 -31.49 -33.23
CA VAL P 127 55.18 -31.84 -32.10
C VAL P 127 53.71 -31.79 -32.50
N LEU P 128 53.34 -30.76 -33.28
CA LEU P 128 51.95 -30.63 -33.74
C LEU P 128 51.54 -31.81 -34.62
N ALA P 129 52.40 -32.19 -35.56
CA ALA P 129 52.09 -33.33 -36.43
C ALA P 129 51.90 -34.61 -35.61
N ASP P 130 52.62 -34.73 -34.50
CA ASP P 130 52.49 -35.91 -33.66
C ASP P 130 51.18 -35.93 -32.88
N LYS P 131 50.53 -34.78 -32.73
CA LYS P 131 49.21 -34.76 -32.10
C LYS P 131 48.12 -35.30 -33.00
N ALA P 132 48.42 -35.57 -34.27
CA ALA P 132 47.40 -36.00 -35.21
C ALA P 132 46.66 -37.25 -34.70
N GLU P 133 47.40 -38.24 -34.23
CA GLU P 133 46.75 -39.47 -33.76
C GLU P 133 45.90 -39.20 -32.52
N GLU P 134 46.41 -38.41 -31.58
CA GLU P 134 45.62 -38.06 -30.41
C GLU P 134 44.34 -37.32 -30.80
N ARG P 135 44.43 -36.44 -31.81
CA ARG P 135 43.31 -35.59 -32.18
C ARG P 135 42.51 -36.15 -33.35
N SER P 136 42.91 -37.30 -33.88
CA SER P 136 42.30 -37.91 -35.07
C SER P 136 42.30 -36.94 -36.25
N TRP P 137 43.45 -36.32 -36.49
CA TRP P 137 43.60 -35.41 -37.63
C TRP P 137 43.85 -36.17 -38.92
N SER P 138 43.08 -35.84 -39.96
CA SER P 138 43.39 -36.37 -41.29
C SER P 138 44.47 -35.56 -41.99
N LYS P 139 44.70 -34.31 -41.59
CA LYS P 139 45.70 -33.48 -42.25
C LYS P 139 46.04 -32.33 -41.32
N LEU P 140 47.16 -31.67 -41.62
CA LEU P 140 47.60 -30.44 -40.96
C LEU P 140 47.83 -29.40 -42.05
N VAL P 141 47.01 -28.37 -42.06
CA VAL P 141 47.14 -27.28 -43.01
C VAL P 141 48.09 -26.24 -42.43
N LEU P 142 49.02 -25.76 -43.25
CA LEU P 142 49.98 -24.75 -42.84
C LEU P 142 49.83 -23.54 -43.77
N ASN P 143 49.45 -22.40 -43.19
CA ASN P 143 49.25 -21.16 -43.95
C ASN P 143 50.39 -20.19 -43.65
N ALA P 144 51.07 -19.74 -44.70
CA ALA P 144 52.22 -18.85 -44.56
C ALA P 144 51.86 -17.49 -45.14
N PRO P 145 51.89 -16.42 -44.35
CA PRO P 145 51.64 -15.08 -44.90
C PRO P 145 52.75 -14.67 -45.85
N ARG P 146 52.45 -13.63 -46.64
CA ARG P 146 53.45 -13.11 -47.56
C ARG P 146 54.66 -12.56 -46.80
N VAL P 147 54.42 -11.73 -45.79
CA VAL P 147 55.48 -11.23 -44.93
C VAL P 147 55.08 -11.46 -43.48
N PRO P 148 56.01 -11.86 -42.61
CA PRO P 148 57.38 -12.25 -42.93
C PRO P 148 57.48 -13.60 -43.62
N GLU P 149 58.54 -13.80 -44.42
CA GLU P 149 58.70 -14.98 -45.27
C GLU P 149 59.04 -16.25 -44.50
N ASP P 150 59.23 -16.16 -43.19
CA ASP P 150 59.79 -17.29 -42.42
C ASP P 150 58.91 -18.53 -42.50
N GLY P 151 57.58 -18.36 -42.41
CA GLY P 151 56.68 -19.49 -42.48
C GLY P 151 56.81 -20.26 -43.80
N ARG P 152 56.81 -19.53 -44.92
CA ARG P 152 56.89 -20.15 -46.24
C ARG P 152 58.13 -21.03 -46.39
N LYS P 153 59.29 -20.52 -45.97
CA LYS P 153 60.53 -21.25 -46.18
C LYS P 153 60.55 -22.58 -45.43
N LEU P 154 59.93 -22.64 -44.25
CA LEU P 154 59.88 -23.89 -43.51
C LEU P 154 58.90 -24.87 -44.13
N TYR P 155 57.67 -24.43 -44.39
CA TYR P 155 56.62 -25.34 -44.82
C TYR P 155 56.96 -26.00 -46.16
N GLU P 156 57.58 -25.25 -47.07
CA GLU P 156 57.85 -25.78 -48.40
C GLU P 156 58.85 -26.94 -48.39
N GLN P 157 59.68 -27.06 -47.36
CA GLN P 157 60.63 -28.17 -47.26
C GLN P 157 60.08 -29.36 -46.49
N ILE P 158 59.09 -29.15 -45.63
CA ILE P 158 58.59 -30.19 -44.73
C ILE P 158 57.14 -30.56 -45.01
N ALA P 159 56.50 -29.94 -45.99
CA ALA P 159 55.09 -30.20 -46.27
C ALA P 159 54.85 -30.13 -47.77
N ALA P 160 53.74 -30.72 -48.19
CA ALA P 160 53.36 -30.69 -49.60
C ALA P 160 52.64 -29.39 -49.92
N ALA P 161 52.89 -28.86 -51.11
CA ALA P 161 52.20 -27.66 -51.56
C ALA P 161 50.70 -27.92 -51.67
N ALA P 162 49.90 -26.96 -51.23
CA ALA P 162 48.44 -27.08 -51.33
C ALA P 162 48.00 -26.95 -52.78
N ASP P 163 46.93 -27.68 -53.12
CA ASP P 163 46.36 -27.63 -54.46
C ASP P 163 45.03 -26.90 -54.53
N TRP P 164 44.53 -26.37 -53.41
CA TRP P 164 43.37 -25.50 -53.46
C TRP P 164 43.82 -24.05 -53.66
N SER P 165 42.84 -23.18 -53.92
CA SER P 165 43.12 -21.77 -54.13
C SER P 165 42.29 -20.94 -53.16
N SER P 166 42.76 -19.73 -52.89
CA SER P 166 42.21 -18.91 -51.83
C SER P 166 41.97 -17.50 -52.33
N TYR P 167 41.01 -16.84 -51.69
CA TYR P 167 40.55 -15.53 -52.10
C TYR P 167 40.19 -14.79 -50.83
N VAL P 168 40.03 -13.47 -50.94
CA VAL P 168 39.80 -12.68 -49.73
C VAL P 168 38.89 -11.51 -50.08
N ILE P 169 37.95 -11.23 -49.19
CA ILE P 169 37.15 -10.03 -49.23
C ILE P 169 37.50 -9.21 -48.01
N ARG P 170 37.93 -7.97 -48.23
CA ARG P 170 38.31 -7.10 -47.13
C ARG P 170 37.18 -6.11 -46.84
N PHE P 171 37.03 -5.77 -45.58
CA PHE P 171 35.95 -4.89 -45.15
C PHE P 171 36.50 -3.57 -44.63
#